data_7BM5
#
_entry.id   7BM5
#
_cell.length_a   92.014
_cell.length_b   130.144
_cell.length_c   138.921
_cell.angle_alpha   90.000
_cell.angle_beta   106.060
_cell.angle_gamma   90.000
#
_symmetry.space_group_name_H-M   'P 1 21 1'
#
loop_
_entity.id
_entity.type
_entity.pdbx_description
1 polymer 'Fab1 light chain'
2 polymer 'Fab1 heavy chain'
#
loop_
_entity_poly.entity_id
_entity_poly.type
_entity_poly.pdbx_seq_one_letter_code
_entity_poly.pdbx_strand_id
1 'polypeptide(L)'
;DIQMTQSPASLSASLGETVTIECRASEDIHSRLAWYQQKPGKSPQLLIYNANSLHTGVPSRFSGSGSGTQFSLKINSLQS
EDVASYFCLQYYNYPPYTFGAGAKLELRRTVAAPSVFIFPPSDEQLKSGTASVVCLLNNFYPREAKVQWKVDNALQSGNS
QESVTEQDSKDSTYSLSSTLTLSKADYEKHKVYACEVTHQGLSSPVTKSFNRGEC
;
L,A,C,E,J,G
2 'polypeptide(L)'
;EVQLVESGGGLVQPGRSLKLSCVASRFTFSNYGMNWIRQTPGKGLEWVAYIGSTSSHIYYAETVKGRFTISRDNAKNTLY
LQMTGLRSEDTALYYCVGHVRKLGAFFDYWGQGAMVTVSSASTKGPSVFPLAPSSKSTSGGTAALGCLVKDYFPEPVTVS
WNSGALTSGVHTFPAVLQSSGLYSLSSVVTVPSSSLGTQTYICNVNHKPSNTKVDKKVEPKSCDKTHT
;
H,B,D,F,K,I
#
# COMPACT_ATOMS: atom_id res chain seq x y z
N ASP A 1 1.69 25.53 71.08
CA ASP A 1 2.35 25.35 69.79
C ASP A 1 2.09 26.57 68.91
N ILE A 2 3.17 27.20 68.46
CA ILE A 2 3.10 28.47 67.72
C ILE A 2 3.04 28.29 66.20
N GLN A 3 2.24 29.14 65.53
CA GLN A 3 2.00 29.04 64.09
C GLN A 3 2.53 30.22 63.27
N MET A 4 3.53 29.93 62.43
CA MET A 4 4.17 30.91 61.55
C MET A 4 3.54 31.04 60.15
N THR A 5 2.54 31.90 60.00
CA THR A 5 1.88 32.04 58.70
C THR A 5 2.53 33.12 57.80
N GLN A 6 2.80 32.74 56.55
CA GLN A 6 3.46 33.63 55.56
C GLN A 6 2.66 33.67 54.25
N SER A 7 2.29 34.88 53.81
CA SER A 7 1.54 35.12 52.55
C SER A 7 2.17 36.32 51.83
N PRO A 8 1.99 36.53 50.50
CA PRO A 8 1.55 35.49 49.57
C PRO A 8 2.66 34.47 49.30
N ALA A 9 2.27 33.27 48.86
CA ALA A 9 3.24 32.18 48.59
C ALA A 9 4.20 32.57 47.46
N SER A 10 3.71 33.20 46.39
CA SER A 10 4.60 33.55 45.25
C SER A 10 4.58 35.04 44.96
N LEU A 11 5.76 35.65 44.78
CA LEU A 11 5.88 37.07 44.45
C LEU A 11 6.76 37.31 43.22
N SER A 12 6.61 38.49 42.62
CA SER A 12 7.41 38.86 41.44
C SER A 12 7.63 40.36 41.36
N ALA A 13 8.80 40.76 40.86
CA ALA A 13 9.12 42.18 40.70
C ALA A 13 10.22 42.38 39.66
N SER A 14 10.31 43.61 39.15
CA SER A 14 11.33 43.96 38.16
C SER A 14 12.68 44.13 38.82
N LEU A 15 13.72 44.33 38.02
CA LEU A 15 15.06 44.51 38.54
C LEU A 15 15.27 45.97 38.92
N GLY A 16 15.67 46.20 40.18
CA GLY A 16 15.90 47.54 40.68
C GLY A 16 14.81 48.04 41.61
N GLU A 17 13.65 47.40 41.59
CA GLU A 17 12.55 47.78 42.47
C GLU A 17 12.59 47.00 43.78
N THR A 18 11.87 47.50 44.77
CA THR A 18 11.89 46.91 46.11
C THR A 18 10.77 45.89 46.34
N VAL A 19 11.01 44.96 47.27
CA VAL A 19 10.02 43.93 47.61
C VAL A 19 9.81 43.83 49.13
N THR A 20 8.56 43.67 49.55
CA THR A 20 8.24 43.49 50.96
C THR A 20 7.56 42.14 51.25
N ILE A 21 8.27 41.26 51.95
CA ILE A 21 7.75 39.94 52.32
C ILE A 21 7.16 39.95 53.73
N GLU A 22 5.86 39.68 53.84
CA GLU A 22 5.16 39.72 55.12
C GLU A 22 5.21 38.38 55.87
N CYS A 23 5.37 38.45 57.19
CA CYS A 23 5.38 37.27 58.05
C CYS A 23 4.54 37.50 59.30
N ARG A 24 3.55 36.65 59.55
CA ARG A 24 2.66 36.86 60.70
C ARG A 24 2.80 35.76 61.77
N ALA A 25 2.91 36.17 63.02
CA ALA A 25 3.07 35.23 64.13
C ALA A 25 1.82 35.09 64.99
N SER A 26 1.46 33.84 65.28
CA SER A 26 0.27 33.50 66.06
C SER A 26 0.26 33.99 67.51
N GLU A 27 1.42 33.96 68.17
CA GLU A 27 1.50 34.31 69.62
C GLU A 27 2.07 35.72 69.88
N ASP A 28 2.03 36.62 68.90
CA ASP A 28 2.52 38.01 69.12
C ASP A 28 3.95 37.99 69.68
N ILE A 29 4.84 37.23 69.04
CA ILE A 29 6.26 37.10 69.46
C ILE A 29 6.87 38.48 69.75
N HIS A 30 7.55 38.62 70.89
CA HIS A 30 8.18 39.86 71.30
C HIS A 30 9.50 40.14 70.56
N SER A 31 9.38 40.44 69.28
CA SER A 31 10.51 40.75 68.42
C SER A 31 11.59 39.68 68.46
N ARG A 32 11.18 38.44 68.30
CA ARG A 32 12.10 37.30 68.31
C ARG A 32 11.92 36.51 67.01
N LEU A 33 12.39 37.11 65.91
CA LEU A 33 12.25 36.52 64.58
C LEU A 33 13.53 36.51 63.76
N ALA A 34 13.64 35.54 62.87
CA ALA A 34 14.77 35.43 61.96
C ALA A 34 14.29 35.22 60.52
N TRP A 35 14.95 35.87 59.58
CA TRP A 35 14.63 35.73 58.16
C TRP A 35 15.72 34.94 57.44
N TYR A 36 15.31 33.92 56.69
CA TYR A 36 16.24 33.04 55.97
C TYR A 36 15.97 33.03 54.46
N GLN A 37 17.06 33.12 53.68
CA GLN A 37 16.96 33.08 52.23
C GLN A 37 17.51 31.79 51.65
N GLN A 38 16.71 31.12 50.83
CA GLN A 38 17.15 29.90 50.15
C GLN A 38 17.28 30.11 48.65
N LYS A 39 18.53 30.07 48.18
CA LYS A 39 18.82 30.18 46.76
C LYS A 39 18.48 28.88 46.06
N PRO A 40 18.24 28.93 44.74
CA PRO A 40 17.88 27.72 44.00
C PRO A 40 18.96 26.65 44.03
N GLY A 41 18.59 25.44 44.45
CA GLY A 41 19.52 24.34 44.50
C GLY A 41 20.55 24.50 45.61
N LYS A 42 20.25 25.34 46.59
CA LYS A 42 21.17 25.61 47.68
C LYS A 42 20.46 25.60 49.03
N SER A 43 21.23 25.40 50.10
CA SER A 43 20.67 25.40 51.46
C SER A 43 20.31 26.81 51.90
N PRO A 44 19.22 26.95 52.67
CA PRO A 44 18.85 28.27 53.15
C PRO A 44 19.89 28.85 54.10
N GLN A 45 20.09 30.16 54.04
CA GLN A 45 21.05 30.84 54.91
C GLN A 45 20.36 31.98 55.67
N LEU A 46 20.96 32.41 56.78
CA LEU A 46 20.38 33.46 57.60
C LEU A 46 20.55 34.83 56.96
N LEU A 47 19.45 35.59 56.93
CA LEU A 47 19.46 36.94 56.40
C LEU A 47 19.37 37.93 57.54
N ILE A 48 18.32 37.82 58.35
CA ILE A 48 18.12 38.80 59.40
C ILE A 48 17.85 38.20 60.78
N TYR A 49 18.60 38.61 61.78
CA TYR A 49 18.32 38.13 63.12
C TYR A 49 17.66 39.24 63.93
N ASN A 50 17.01 38.85 65.03
CA ASN A 50 16.31 39.78 65.98
C ASN A 50 15.17 40.51 65.26
N ALA A 51 14.97 40.21 63.97
CA ALA A 51 13.90 40.71 63.07
C ALA A 51 14.10 42.17 62.65
N ASN A 52 15.27 42.74 62.95
CA ASN A 52 15.57 44.15 62.59
C ASN A 52 17.08 44.34 62.43
N SER A 53 17.89 43.30 62.68
CA SER A 53 19.37 43.44 62.57
C SER A 53 19.92 42.57 61.43
N LEU A 54 20.75 43.18 60.59
CA LEU A 54 21.35 42.49 59.41
C LEU A 54 22.50 41.57 59.87
N HIS A 55 22.70 40.46 59.15
CA HIS A 55 23.77 39.49 59.36
C HIS A 55 25.09 40.07 58.87
N THR A 56 26.21 39.51 59.33
CA THR A 56 27.53 40.07 59.04
C THR A 56 27.89 40.20 57.56
N GLY A 57 27.63 39.16 56.77
CA GLY A 57 28.04 39.17 55.36
C GLY A 57 27.00 39.61 54.35
N VAL A 58 25.74 39.65 54.75
CA VAL A 58 24.66 40.03 53.85
C VAL A 58 24.66 41.54 53.56
N PRO A 59 24.33 41.94 52.31
CA PRO A 59 24.25 43.33 51.83
C PRO A 59 23.15 44.17 52.47
N SER A 60 23.43 45.46 52.60
CA SER A 60 22.54 46.42 53.26
C SER A 60 21.15 46.51 52.63
N ARG A 61 21.01 46.06 51.39
CA ARG A 61 19.73 46.11 50.68
C ARG A 61 18.63 45.42 51.50
N PHE A 62 18.94 44.23 52.01
CA PHE A 62 17.99 43.51 52.84
C PHE A 62 17.79 44.28 54.14
N SER A 63 16.52 44.44 54.55
CA SER A 63 16.18 45.19 55.73
C SER A 63 15.10 44.48 56.54
N GLY A 64 15.13 44.66 57.85
CA GLY A 64 14.15 44.04 58.71
C GLY A 64 13.22 45.09 59.32
N SER A 65 11.92 44.84 59.19
CA SER A 65 10.92 45.78 59.71
C SER A 65 9.82 45.02 60.43
N GLY A 66 9.06 45.72 61.25
CA GLY A 66 7.94 45.10 61.94
C GLY A 66 8.28 44.52 63.29
N SER A 67 7.25 44.25 64.08
CA SER A 67 7.41 43.69 65.42
C SER A 67 6.11 42.99 65.89
N GLY A 68 6.19 42.32 67.04
CA GLY A 68 5.04 41.69 67.62
C GLY A 68 4.46 40.61 66.71
N THR A 69 3.17 40.74 66.41
CA THR A 69 2.50 39.80 65.52
C THR A 69 3.04 39.87 64.10
N GLN A 70 3.35 41.08 63.63
CA GLN A 70 3.63 41.23 62.20
C GLN A 70 5.04 41.69 61.89
N PHE A 71 5.67 41.03 60.92
CA PHE A 71 7.02 41.35 60.50
C PHE A 71 7.10 41.50 58.99
N SER A 72 8.12 42.19 58.51
CA SER A 72 8.32 42.37 57.08
C SER A 72 9.80 42.37 56.72
N LEU A 73 10.11 41.85 55.53
CA LEU A 73 11.46 41.83 54.99
C LEU A 73 11.51 42.73 53.77
N LYS A 74 12.46 43.66 53.71
CA LYS A 74 12.52 44.57 52.58
C LYS A 74 13.78 44.35 51.73
N ILE A 75 13.60 44.13 50.43
CA ILE A 75 14.74 43.99 49.54
C ILE A 75 14.79 45.22 48.66
N ASN A 76 15.95 45.89 48.64
CA ASN A 76 16.11 47.15 47.87
C ASN A 76 16.98 46.94 46.62
N SER A 77 16.44 47.32 45.44
CA SER A 77 17.21 47.24 44.17
C SER A 77 17.81 45.84 44.01
N LEU A 78 16.98 44.80 44.15
CA LEU A 78 17.46 43.39 44.07
C LEU A 78 18.10 43.10 42.72
N GLN A 79 19.23 42.38 42.75
CA GLN A 79 20.00 42.00 41.54
C GLN A 79 19.61 40.58 41.11
N SER A 80 20.04 40.14 39.93
CA SER A 80 19.70 38.84 39.37
C SER A 80 19.93 37.70 40.36
N GLU A 81 20.90 37.87 41.25
CA GLU A 81 21.25 36.81 42.21
C GLU A 81 20.30 36.73 43.40
N ASP A 82 19.36 37.66 43.47
CA ASP A 82 18.43 37.71 44.60
C ASP A 82 17.25 36.73 44.48
N VAL A 83 17.16 36.03 43.35
CA VAL A 83 16.09 35.04 43.15
C VAL A 83 16.17 33.95 44.20
N ALA A 84 15.13 33.84 45.04
CA ALA A 84 15.17 32.90 46.14
C ALA A 84 13.82 32.69 46.82
N SER A 85 13.80 31.78 47.79
CA SER A 85 12.64 31.50 48.61
C SER A 85 12.89 31.90 50.05
N TYR A 86 12.02 32.72 50.63
CA TYR A 86 12.28 33.26 51.96
C TYR A 86 11.37 32.69 53.04
N PHE A 87 11.98 32.34 54.18
CA PHE A 87 11.25 31.74 55.31
C PHE A 87 11.47 32.51 56.60
N CYS A 88 10.53 32.37 57.53
CA CYS A 88 10.62 32.98 58.86
C CYS A 88 11.03 31.96 59.90
N LEU A 89 11.42 32.45 61.08
CA LEU A 89 11.81 31.56 62.16
C LEU A 89 11.55 32.17 63.52
N GLN A 90 10.88 31.42 64.38
CA GLN A 90 10.62 31.87 65.75
C GLN A 90 11.50 31.13 66.74
N TYR A 91 11.96 31.86 67.74
CA TYR A 91 12.69 31.27 68.84
C TYR A 91 12.05 31.62 70.18
N TYR A 92 10.88 32.25 70.13
CA TYR A 92 10.16 32.57 71.36
C TYR A 92 9.73 31.28 72.07
N ASN A 93 9.28 30.30 71.29
CA ASN A 93 8.88 28.98 71.84
C ASN A 93 10.03 28.01 71.57
N TYR A 94 10.88 27.82 72.59
CA TYR A 94 12.11 26.96 72.51
C TYR A 94 11.79 25.50 72.20
N PRO A 95 10.78 24.85 72.83
CA PRO A 95 10.54 23.43 72.59
C PRO A 95 10.20 23.09 71.13
N PRO A 96 9.30 23.82 70.44
CA PRO A 96 9.01 23.57 69.04
C PRO A 96 9.44 24.75 68.15
N TYR A 97 10.39 24.50 67.24
CA TYR A 97 10.86 25.57 66.31
C TYR A 97 10.01 25.51 65.05
N THR A 98 9.39 26.63 64.66
CA THR A 98 8.54 26.58 63.47
C THR A 98 8.96 27.60 62.42
N PHE A 99 8.83 27.21 61.16
CA PHE A 99 9.17 28.08 60.05
C PHE A 99 7.90 28.61 59.37
N GLY A 100 8.10 29.55 58.44
CA GLY A 100 7.00 30.06 57.64
C GLY A 100 6.73 29.19 56.44
N ALA A 101 5.66 29.50 55.72
CA ALA A 101 5.29 28.74 54.53
C ALA A 101 6.29 28.94 53.39
N GLY A 102 6.86 30.15 53.31
CA GLY A 102 7.85 30.44 52.28
C GLY A 102 7.34 31.30 51.14
N ALA A 103 8.05 32.38 50.85
CA ALA A 103 7.71 33.27 49.73
C ALA A 103 8.65 33.04 48.55
N LYS A 104 8.08 32.69 47.40
CA LYS A 104 8.87 32.43 46.19
C LYS A 104 9.04 33.71 45.38
N LEU A 105 10.23 34.30 45.46
CA LEU A 105 10.47 35.55 44.75
C LEU A 105 11.04 35.30 43.36
N GLU A 106 10.28 35.67 42.34
CA GLU A 106 10.77 35.61 40.97
C GLU A 106 11.05 37.02 40.49
N LEU A 107 11.78 37.15 39.39
CA LEU A 107 12.13 38.47 38.89
C LEU A 107 11.66 38.69 37.45
N ARG A 108 11.60 39.96 37.05
CA ARG A 108 11.24 40.31 35.69
C ARG A 108 12.39 41.02 34.98
N ARG A 109 12.95 40.37 33.97
CA ARG A 109 14.04 40.91 33.19
C ARG A 109 13.57 41.20 31.77
N THR A 110 14.41 41.87 30.99
CA THR A 110 14.10 42.12 29.58
C THR A 110 14.06 40.82 28.79
N VAL A 111 13.55 40.89 27.57
CA VAL A 111 13.41 39.73 26.69
C VAL A 111 14.75 39.14 26.29
N ALA A 112 14.84 37.81 26.31
CA ALA A 112 16.04 37.12 25.87
C ALA A 112 15.69 35.98 24.91
N ALA A 113 16.31 36.01 23.73
CA ALA A 113 16.10 34.97 22.73
C ALA A 113 16.94 33.74 23.04
N PRO A 114 16.31 32.55 23.02
CA PRO A 114 17.00 31.29 23.32
C PRO A 114 17.94 30.85 22.21
N SER A 115 19.05 30.23 22.57
CA SER A 115 19.96 29.63 21.60
C SER A 115 19.63 28.15 21.44
N VAL A 116 19.17 27.78 20.25
CA VAL A 116 18.69 26.42 20.01
C VAL A 116 19.81 25.48 19.60
N PHE A 117 19.83 24.29 20.21
CA PHE A 117 20.79 23.25 19.87
C PHE A 117 20.09 21.91 19.71
N ILE A 118 20.63 21.04 18.86
CA ILE A 118 20.02 19.73 18.66
C ILE A 118 21.05 18.60 18.84
N PHE A 119 20.64 17.57 19.58
CA PHE A 119 21.54 16.47 19.95
C PHE A 119 20.99 15.12 19.54
N PRO A 120 21.70 14.43 18.63
CA PRO A 120 21.33 13.08 18.21
C PRO A 120 21.68 12.04 19.28
N PRO A 121 20.95 10.91 19.29
CA PRO A 121 21.21 9.83 20.26
C PRO A 121 22.55 9.17 20.01
N SER A 122 23.26 8.80 21.08
CA SER A 122 24.57 8.20 20.95
C SER A 122 24.49 6.78 20.40
N ASP A 123 25.59 6.33 19.80
CA ASP A 123 25.62 5.01 19.16
C ASP A 123 25.77 3.91 20.19
N GLU A 124 25.87 4.28 21.45
CA GLU A 124 25.94 3.31 22.54
C GLU A 124 24.53 3.11 23.09
N GLN A 125 23.67 4.08 22.82
CA GLN A 125 22.27 4.01 23.24
C GLN A 125 21.46 3.26 22.20
N LEU A 126 22.06 3.00 21.04
CA LEU A 126 21.43 2.22 19.99
C LEU A 126 21.58 0.74 20.29
N LYS A 127 22.47 0.41 21.23
CA LYS A 127 22.62 -0.97 21.65
C LYS A 127 21.64 -1.25 22.79
N SER A 128 20.96 -0.20 23.24
CA SER A 128 19.97 -0.32 24.30
C SER A 128 18.59 -0.62 23.74
N GLY A 129 18.34 -0.21 22.50
CA GLY A 129 17.05 -0.42 21.86
C GLY A 129 16.16 0.81 21.90
N THR A 130 16.65 1.87 22.53
CA THR A 130 15.91 3.13 22.64
C THR A 130 16.77 4.33 22.24
N ALA A 131 16.16 5.30 21.56
CA ALA A 131 16.88 6.48 21.10
C ALA A 131 16.33 7.76 21.73
N SER A 132 17.24 8.63 22.18
CA SER A 132 16.84 9.90 22.78
C SER A 132 17.45 11.10 22.06
N VAL A 133 16.59 11.89 21.42
CA VAL A 133 17.06 13.10 20.74
C VAL A 133 16.72 14.33 21.58
N VAL A 134 17.71 15.16 21.86
CA VAL A 134 17.53 16.24 22.82
C VAL A 134 17.59 17.62 22.18
N CYS A 135 16.60 18.46 22.48
CA CYS A 135 16.58 19.84 22.02
C CYS A 135 16.93 20.76 23.18
N LEU A 136 17.73 21.80 22.90
CA LEU A 136 18.21 22.66 23.97
C LEU A 136 17.96 24.15 23.73
N LEU A 137 17.31 24.77 24.69
CA LEU A 137 17.16 26.21 24.79
C LEU A 137 17.97 26.61 26.01
N ASN A 138 18.93 27.52 25.82
CA ASN A 138 19.94 27.79 26.85
C ASN A 138 19.67 28.98 27.77
N ASN A 139 19.53 30.17 27.20
CA ASN A 139 19.31 31.37 28.00
C ASN A 139 18.24 32.30 27.43
N PHE A 140 17.00 32.09 27.86
CA PHE A 140 15.88 32.89 27.38
C PHE A 140 14.96 33.41 28.48
N TYR A 141 14.19 34.44 28.15
CA TYR A 141 13.16 35.00 29.00
C TYR A 141 12.07 35.59 28.11
N PRO A 142 10.80 35.39 28.46
CA PRO A 142 10.28 34.67 29.63
C PRO A 142 10.22 33.16 29.44
N ARG A 143 9.68 32.48 30.46
CA ARG A 143 9.62 31.03 30.50
C ARG A 143 8.77 30.48 29.35
N GLU A 144 7.79 31.26 28.92
CA GLU A 144 6.87 30.86 27.86
C GLU A 144 7.60 30.59 26.55
N ALA A 145 7.60 29.33 26.13
CA ALA A 145 8.28 28.94 24.90
C ALA A 145 7.65 27.70 24.26
N LYS A 146 7.56 27.71 22.95
CA LYS A 146 6.97 26.59 22.20
C LYS A 146 8.03 25.73 21.53
N VAL A 147 8.16 24.48 21.95
CA VAL A 147 9.11 23.58 21.32
C VAL A 147 8.39 22.42 20.68
N GLN A 148 8.49 22.30 19.36
CA GLN A 148 7.84 21.21 18.66
C GLN A 148 8.83 20.39 17.84
N TRP A 149 8.63 19.08 17.83
CA TRP A 149 9.50 18.18 17.07
C TRP A 149 8.95 17.93 15.67
N LYS A 150 9.85 17.87 14.69
CA LYS A 150 9.49 17.67 13.30
C LYS A 150 10.28 16.55 12.67
N VAL A 151 9.61 15.49 12.27
CA VAL A 151 10.28 14.39 11.58
C VAL A 151 9.61 14.13 10.23
N ASP A 152 10.30 14.45 9.14
CA ASP A 152 9.74 14.29 7.79
C ASP A 152 8.43 15.06 7.66
N ASN A 153 8.36 16.19 8.35
CA ASN A 153 7.16 17.01 8.53
C ASN A 153 6.05 16.20 9.21
N ALA A 154 6.32 15.85 10.46
CA ALA A 154 5.36 15.17 11.33
C ALA A 154 5.44 15.74 12.74
N LEU A 155 4.31 16.19 13.27
CA LEU A 155 4.27 16.83 14.58
C LEU A 155 4.13 15.78 15.68
N GLN A 156 5.27 15.46 16.31
CA GLN A 156 5.36 14.45 17.36
C GLN A 156 4.70 14.90 18.67
N SER A 157 3.91 14.00 19.26
CA SER A 157 3.22 14.32 20.49
C SER A 157 3.12 13.05 21.34
N GLY A 158 2.95 13.25 22.64
CA GLY A 158 2.89 12.16 23.61
C GLY A 158 4.17 11.36 23.85
N ASN A 159 5.21 11.60 23.07
CA ASN A 159 6.50 10.96 23.31
C ASN A 159 7.61 11.87 23.90
N SER A 160 7.41 13.19 23.83
CA SER A 160 8.39 14.18 24.26
C SER A 160 8.11 14.76 25.65
N GLN A 161 9.17 15.04 26.41
CA GLN A 161 9.05 15.65 27.74
C GLN A 161 9.96 16.86 27.89
N GLU A 162 9.42 17.96 28.42
CA GLU A 162 10.20 19.18 28.57
C GLU A 162 10.66 19.36 30.01
N SER A 163 11.74 20.11 30.19
CA SER A 163 12.24 20.40 31.53
C SER A 163 12.81 21.81 31.61
N VAL A 164 12.30 22.60 32.55
CA VAL A 164 12.75 23.97 32.69
C VAL A 164 13.55 24.11 33.98
N THR A 165 14.75 24.68 33.84
CA THR A 165 15.62 24.90 34.97
C THR A 165 15.09 26.04 35.82
N GLU A 166 15.62 26.19 37.01
CA GLU A 166 15.25 27.32 37.86
C GLU A 166 15.99 28.56 37.38
N GLN A 167 15.44 29.72 37.71
CA GLN A 167 15.96 30.99 37.24
C GLN A 167 17.41 31.15 37.67
N ASP A 168 18.26 31.45 36.69
CA ASP A 168 19.68 31.59 36.93
C ASP A 168 19.98 32.71 37.93
N SER A 169 21.07 32.55 38.66
CA SER A 169 21.44 33.50 39.71
C SER A 169 22.40 34.56 39.18
N LYS A 170 22.59 34.61 37.87
CA LYS A 170 23.52 35.56 37.28
C LYS A 170 22.84 36.51 36.30
N ASP A 171 22.08 35.95 35.37
CA ASP A 171 21.38 36.74 34.37
C ASP A 171 19.86 36.62 34.49
N SER A 172 19.41 35.81 35.46
CA SER A 172 17.99 35.57 35.70
C SER A 172 17.25 35.08 34.46
N THR A 173 17.88 34.19 33.71
CA THR A 173 17.26 33.63 32.52
C THR A 173 16.90 32.17 32.73
N TYR A 174 16.02 31.66 31.87
CA TYR A 174 15.55 30.27 31.96
C TYR A 174 16.23 29.39 30.93
N SER A 175 16.21 28.09 31.20
CA SER A 175 16.80 27.07 30.30
C SER A 175 15.81 25.91 30.13
N LEU A 176 15.51 25.53 28.90
CA LEU A 176 14.55 24.46 28.66
C LEU A 176 15.19 23.33 27.85
N SER A 177 14.87 22.09 28.21
CA SER A 177 15.35 20.93 27.47
C SER A 177 14.18 20.07 27.02
N SER A 178 14.05 19.86 25.72
CA SER A 178 12.97 19.04 25.19
C SER A 178 13.51 17.67 24.76
N THR A 179 13.22 16.65 25.56
CA THR A 179 13.71 15.31 25.29
C THR A 179 12.70 14.48 24.52
N LEU A 180 13.11 13.98 23.37
CA LEU A 180 12.28 13.12 22.54
C LEU A 180 12.74 11.67 22.65
N THR A 181 11.87 10.81 23.15
CA THR A 181 12.21 9.41 23.37
C THR A 181 11.48 8.50 22.38
N LEU A 182 12.25 7.79 21.57
CA LEU A 182 11.69 6.86 20.59
C LEU A 182 12.35 5.49 20.72
N SER A 183 11.90 4.55 19.91
CA SER A 183 12.52 3.24 19.86
C SER A 183 13.62 3.25 18.79
N LYS A 184 14.55 2.30 18.89
CA LYS A 184 15.64 2.22 17.91
C LYS A 184 15.11 2.02 16.51
N ALA A 185 14.07 1.19 16.42
CA ALA A 185 13.44 0.88 15.14
C ALA A 185 12.93 2.13 14.46
N ASP A 186 12.06 2.87 15.15
CA ASP A 186 11.47 4.06 14.57
C ASP A 186 12.50 5.16 14.44
N TYR A 187 13.56 5.10 15.24
CA TYR A 187 14.62 6.07 15.11
C TYR A 187 15.25 5.90 13.73
N GLU A 188 15.45 4.65 13.31
CA GLU A 188 16.02 4.41 11.99
C GLU A 188 14.98 4.35 10.85
N LYS A 189 13.69 4.39 11.18
CA LYS A 189 12.65 4.43 10.14
C LYS A 189 12.65 5.77 9.38
N HIS A 190 13.09 6.84 10.03
CA HIS A 190 13.03 8.17 9.41
C HIS A 190 14.39 8.85 9.17
N LYS A 191 14.43 9.78 8.22
CA LYS A 191 15.68 10.41 7.79
C LYS A 191 16.07 11.70 8.51
N VAL A 192 15.20 12.70 8.49
CA VAL A 192 15.54 14.01 9.05
C VAL A 192 14.86 14.29 10.39
N TYR A 193 15.63 14.78 11.35
CA TYR A 193 15.09 15.14 12.66
C TYR A 193 15.27 16.64 12.92
N ALA A 194 14.17 17.32 13.23
CA ALA A 194 14.14 18.77 13.35
C ALA A 194 13.48 19.26 14.64
N CYS A 195 13.96 20.38 15.16
CA CYS A 195 13.38 21.01 16.34
C CYS A 195 13.01 22.47 16.08
N GLU A 196 11.73 22.79 16.20
CA GLU A 196 11.27 24.16 15.99
C GLU A 196 10.93 24.87 17.30
N VAL A 197 11.51 26.06 17.46
CA VAL A 197 11.31 26.84 18.67
C VAL A 197 10.65 28.17 18.37
N THR A 198 9.52 28.43 19.02
CA THR A 198 8.82 29.71 18.89
C THR A 198 8.87 30.42 20.23
N HIS A 199 9.47 31.60 20.25
CA HIS A 199 9.64 32.33 21.50
C HIS A 199 9.45 33.83 21.29
N GLN A 200 9.19 34.55 22.38
CA GLN A 200 8.97 35.99 22.32
C GLN A 200 10.21 36.72 21.83
N GLY A 201 11.39 36.20 22.17
CA GLY A 201 12.64 36.82 21.78
C GLY A 201 12.95 36.64 20.30
N LEU A 202 12.28 35.69 19.66
CA LEU A 202 12.50 35.43 18.24
C LEU A 202 11.46 36.14 17.38
N SER A 203 11.90 36.69 16.25
CA SER A 203 11.01 37.34 15.30
C SER A 203 10.21 36.30 14.52
N SER A 204 10.79 35.11 14.40
CA SER A 204 10.17 34.01 13.68
C SER A 204 10.75 32.69 14.18
N PRO A 205 9.90 31.65 14.27
CA PRO A 205 10.26 30.31 14.77
C PRO A 205 11.57 29.77 14.21
N VAL A 206 12.55 29.55 15.09
CA VAL A 206 13.85 29.05 14.67
C VAL A 206 13.91 27.52 14.72
N THR A 207 14.14 26.91 13.57
CA THR A 207 14.23 25.46 13.46
C THR A 207 15.68 25.00 13.26
N LYS A 208 16.10 23.97 14.00
CA LYS A 208 17.41 23.37 13.78
C LYS A 208 17.32 21.86 13.70
N SER A 209 18.01 21.29 12.71
CA SER A 209 17.84 19.89 12.37
C SER A 209 19.14 19.17 12.04
N PHE A 210 19.04 17.84 11.92
CA PHE A 210 20.14 17.01 11.44
C PHE A 210 19.57 15.84 10.65
N ASN A 211 20.37 15.28 9.75
CA ASN A 211 19.92 14.19 8.90
C ASN A 211 20.52 12.83 9.25
N ARG A 212 21.38 12.81 10.27
CA ARG A 212 22.03 11.58 10.72
C ARG A 212 22.80 10.89 9.60
N VAL B 2 32.83 21.45 52.11
CA VAL B 2 31.99 22.40 52.82
C VAL B 2 32.48 22.43 54.27
N GLN B 3 31.68 22.99 55.16
CA GLN B 3 32.00 23.06 56.57
C GLN B 3 31.21 21.93 57.21
N LEU B 4 29.91 21.89 56.92
CA LEU B 4 29.10 20.76 57.38
C LEU B 4 28.78 19.83 56.21
N VAL B 5 29.46 18.69 56.19
CA VAL B 5 29.24 17.65 55.19
C VAL B 5 28.38 16.55 55.79
N GLU B 6 27.35 16.14 55.06
CA GLU B 6 26.37 15.22 55.63
C GLU B 6 26.33 13.89 54.89
N SER B 7 27.08 12.92 55.41
CA SER B 7 27.10 11.58 54.84
C SER B 7 26.05 10.71 55.50
N GLY B 8 25.12 10.19 54.70
CA GLY B 8 24.04 9.36 55.22
C GLY B 8 23.44 8.47 54.16
N GLY B 9 22.42 7.71 54.54
CA GLY B 9 21.77 6.77 53.64
C GLY B 9 20.97 7.44 52.55
N GLY B 10 20.90 6.79 51.39
CA GLY B 10 20.14 7.29 50.26
C GLY B 10 18.75 6.69 50.15
N LEU B 11 18.65 5.37 50.32
CA LEU B 11 17.37 4.68 50.22
C LEU B 11 17.22 3.64 51.33
N VAL B 12 16.01 3.51 51.83
CA VAL B 12 15.68 2.56 52.88
C VAL B 12 14.24 2.06 52.73
N GLN B 13 13.89 1.04 53.51
CA GLN B 13 12.55 0.47 53.49
C GLN B 13 11.73 0.99 54.67
N PRO B 14 10.44 1.29 54.45
CA PRO B 14 9.58 1.75 55.55
C PRO B 14 9.54 0.74 56.69
N GLY B 15 9.76 1.21 57.91
CA GLY B 15 9.78 0.32 59.07
C GLY B 15 11.20 -0.01 59.50
N ARG B 16 12.16 0.31 58.64
CA ARG B 16 13.57 0.05 58.91
C ARG B 16 14.22 1.27 59.56
N SER B 17 15.49 1.14 59.92
CA SER B 17 16.23 2.22 60.57
C SER B 17 17.30 2.83 59.68
N LEU B 18 17.82 3.99 60.07
CA LEU B 18 18.90 4.64 59.31
C LEU B 18 19.63 5.72 60.12
N LYS B 19 20.96 5.67 60.11
CA LYS B 19 21.75 6.63 60.88
C LYS B 19 22.47 7.66 60.01
N LEU B 20 22.08 8.92 60.16
CA LEU B 20 22.66 10.04 59.43
C LEU B 20 23.81 10.67 60.21
N SER B 21 24.86 11.04 59.49
CA SER B 21 26.03 11.69 60.10
C SER B 21 26.32 13.04 59.45
N CYS B 22 26.85 13.96 60.25
CA CYS B 22 27.20 15.29 59.75
C CYS B 22 28.53 15.75 60.36
N VAL B 23 29.50 16.10 59.53
CA VAL B 23 30.82 16.45 60.05
C VAL B 23 31.13 17.93 59.86
N ALA B 24 31.77 18.52 60.87
CA ALA B 24 32.16 19.93 60.83
C ALA B 24 33.65 20.03 60.57
N SER B 25 34.05 20.96 59.70
CA SER B 25 35.45 21.03 59.30
C SER B 25 36.20 22.29 59.71
N ARG B 26 35.73 23.47 59.32
CA ARG B 26 36.57 24.64 59.57
C ARG B 26 36.32 25.40 60.88
N PHE B 27 35.24 25.08 61.59
CA PHE B 27 34.99 25.68 62.89
C PHE B 27 35.08 24.67 64.04
N THR B 28 35.23 25.18 65.26
CA THR B 28 35.41 24.36 66.48
C THR B 28 34.33 23.30 66.69
N PHE B 29 33.08 23.68 66.48
CA PHE B 29 31.93 22.76 66.57
C PHE B 29 31.62 22.26 67.98
N SER B 30 32.32 22.76 68.99
CA SER B 30 32.07 22.25 70.34
C SER B 30 31.30 23.23 71.20
N ASN B 31 31.16 24.47 70.73
CA ASN B 31 30.43 25.47 71.50
C ASN B 31 29.14 25.85 70.79
N TYR B 32 28.95 25.27 69.61
CA TYR B 32 27.76 25.51 68.81
C TYR B 32 26.67 24.47 69.04
N GLY B 33 25.45 24.92 69.33
CA GLY B 33 24.31 24.01 69.42
C GLY B 33 24.01 23.47 68.03
N MET B 34 23.78 22.17 67.90
CA MET B 34 23.58 21.60 66.57
C MET B 34 22.18 21.01 66.40
N ASN B 35 21.57 21.19 65.23
CA ASN B 35 20.19 20.64 65.08
C ASN B 35 19.99 20.04 63.68
N TRP B 36 18.96 19.19 63.56
CA TRP B 36 18.59 18.53 62.32
C TRP B 36 17.25 19.08 61.82
N ILE B 37 17.27 19.65 60.62
CA ILE B 37 16.07 20.23 60.02
C ILE B 37 15.80 19.69 58.62
N ARG B 38 14.61 19.14 58.38
CA ARG B 38 14.32 18.54 57.09
C ARG B 38 13.33 19.35 56.24
N GLN B 39 13.58 19.38 54.94
CA GLN B 39 12.71 20.03 53.97
C GLN B 39 12.33 19.05 52.87
N THR B 40 11.03 18.85 52.71
CA THR B 40 10.48 18.03 51.65
C THR B 40 10.40 18.87 50.37
N PRO B 41 10.69 18.27 49.20
CA PRO B 41 10.65 19.10 47.98
C PRO B 41 9.28 19.73 47.79
N GLY B 42 9.27 21.00 47.43
CA GLY B 42 8.02 21.74 47.29
C GLY B 42 8.12 22.95 48.20
N LYS B 43 9.28 23.06 48.85
CA LYS B 43 9.63 24.20 49.69
C LYS B 43 8.82 24.29 50.96
N GLY B 44 8.81 23.18 51.68
CA GLY B 44 8.19 23.09 52.98
C GLY B 44 9.29 22.77 53.96
N LEU B 45 9.50 23.66 54.92
CA LEU B 45 10.61 23.49 55.86
C LEU B 45 10.11 23.06 57.24
N GLU B 46 10.68 21.98 57.75
CA GLU B 46 10.29 21.43 59.06
C GLU B 46 11.49 21.14 59.96
N TRP B 47 11.46 21.66 61.18
CA TRP B 47 12.52 21.40 62.16
C TRP B 47 12.21 20.15 62.96
N VAL B 48 13.09 19.15 62.92
CA VAL B 48 12.82 17.91 63.64
C VAL B 48 13.59 17.73 64.96
N ALA B 49 14.82 18.24 65.06
CA ALA B 49 15.58 18.01 66.29
C ALA B 49 16.63 19.08 66.58
N TYR B 50 16.99 19.23 67.86
CA TYR B 50 18.04 20.16 68.31
C TYR B 50 18.80 19.55 69.49
N ILE B 51 20.12 19.70 69.52
CA ILE B 51 20.94 19.20 70.62
C ILE B 51 21.95 20.26 71.09
N GLY B 52 22.16 20.31 72.41
CA GLY B 52 23.08 21.25 73.04
C GLY B 52 24.55 20.90 72.93
N SER B 53 25.39 21.83 73.37
CA SER B 53 26.85 21.68 73.30
C SER B 53 27.40 20.44 74.00
N THR B 54 26.86 20.11 75.16
CA THR B 54 27.27 18.90 75.86
C THR B 54 26.14 17.89 75.93
N SER B 55 25.28 17.93 74.90
CA SER B 55 24.12 17.04 74.79
C SER B 55 23.29 17.00 76.07
N SER B 56 23.17 18.13 76.76
CA SER B 56 22.43 18.15 78.01
C SER B 56 20.98 18.40 77.68
N HIS B 57 20.74 19.29 76.73
CA HIS B 57 19.39 19.58 76.26
C HIS B 57 19.13 19.06 74.85
N ILE B 58 18.21 18.12 74.75
CA ILE B 58 17.83 17.53 73.47
C ILE B 58 16.34 17.75 73.26
N TYR B 59 15.99 18.30 72.10
CA TYR B 59 14.61 18.63 71.79
C TYR B 59 14.23 17.92 70.49
N TYR B 60 13.04 17.34 70.48
CA TYR B 60 12.55 16.63 69.31
C TYR B 60 11.20 17.20 68.89
N ALA B 61 10.81 17.00 67.63
CA ALA B 61 9.51 17.45 67.17
C ALA B 61 8.40 16.48 67.61
N GLU B 62 7.17 17.00 67.69
CA GLU B 62 6.00 16.18 68.05
C GLU B 62 5.62 15.18 66.99
N THR B 63 6.02 15.42 65.74
CA THR B 63 5.70 14.43 64.71
C THR B 63 6.59 13.22 64.98
N VAL B 64 7.84 13.47 65.37
CA VAL B 64 8.78 12.40 65.63
C VAL B 64 8.42 11.63 66.93
N LYS B 65 8.01 12.34 67.98
CA LYS B 65 7.63 11.72 69.27
C LYS B 65 8.64 10.78 69.92
N GLY B 66 9.93 11.05 69.73
CA GLY B 66 10.92 10.18 70.36
C GLY B 66 11.52 9.11 69.47
N ARG B 67 10.95 8.94 68.27
CA ARG B 67 11.38 7.90 67.34
C ARG B 67 12.81 8.09 66.84
N PHE B 68 13.28 9.33 66.84
CA PHE B 68 14.64 9.61 66.38
C PHE B 68 15.51 9.82 67.61
N THR B 69 16.79 9.49 67.50
CA THR B 69 17.73 9.72 68.59
C THR B 69 18.90 10.52 68.08
N ILE B 70 19.17 11.65 68.71
CA ILE B 70 20.25 12.53 68.27
C ILE B 70 21.37 12.58 69.30
N SER B 71 22.59 12.36 68.85
CA SER B 71 23.75 12.39 69.73
C SER B 71 24.88 13.10 69.00
N ARG B 72 25.91 13.53 69.69
CA ARG B 72 27.01 14.18 69.00
C ARG B 72 28.35 13.86 69.65
N ASP B 73 29.41 13.83 68.83
CA ASP B 73 30.75 13.60 69.35
C ASP B 73 31.66 14.77 69.00
N ASN B 74 32.12 15.45 70.04
CA ASN B 74 33.02 16.59 69.93
C ASN B 74 34.42 16.24 69.44
N ALA B 75 34.92 15.09 69.87
CA ALA B 75 36.25 14.63 69.47
C ALA B 75 36.32 14.32 67.99
N LYS B 76 35.25 13.78 67.44
CA LYS B 76 35.22 13.40 66.03
C LYS B 76 34.47 14.43 65.20
N ASN B 77 33.99 15.50 65.85
CA ASN B 77 33.23 16.56 65.21
C ASN B 77 32.09 16.02 64.37
N THR B 78 31.32 15.09 64.93
CA THR B 78 30.24 14.49 64.16
C THR B 78 28.89 14.54 64.88
N LEU B 79 27.85 14.94 64.15
CA LEU B 79 26.49 14.98 64.65
C LEU B 79 25.74 13.77 64.09
N TYR B 80 25.07 13.03 64.98
CA TYR B 80 24.40 11.80 64.58
C TYR B 80 22.90 11.89 64.81
N LEU B 81 22.14 11.56 63.78
CA LEU B 81 20.68 11.44 63.90
C LEU B 81 20.25 10.05 63.45
N GLN B 82 19.76 9.24 64.38
CA GLN B 82 19.39 7.88 64.03
C GLN B 82 17.88 7.73 64.07
N MET B 83 17.31 7.28 62.95
CA MET B 83 15.88 7.15 62.79
C MET B 83 15.44 5.69 62.89
N THR B 84 14.70 5.38 63.96
CA THR B 84 14.24 4.03 64.23
C THR B 84 13.08 3.60 63.31
N GLY B 85 12.05 4.43 63.23
CA GLY B 85 10.88 4.11 62.43
C GLY B 85 10.73 5.07 61.26
N LEU B 86 10.61 4.53 60.05
CA LEU B 86 10.53 5.38 58.87
C LEU B 86 9.22 5.18 58.11
N ARG B 87 8.63 6.30 57.69
CA ARG B 87 7.38 6.29 56.94
C ARG B 87 7.55 7.00 55.60
N SER B 88 6.57 6.84 54.71
CA SER B 88 6.63 7.42 53.38
C SER B 88 6.70 8.95 53.43
N GLU B 89 6.03 9.56 54.41
CA GLU B 89 6.06 11.01 54.56
C GLU B 89 7.43 11.52 55.00
N ASP B 90 8.19 10.67 55.67
CA ASP B 90 9.51 11.06 56.19
C ASP B 90 10.55 11.33 55.11
N THR B 91 10.31 10.84 53.89
CA THR B 91 11.25 11.05 52.79
C THR B 91 11.47 12.53 52.58
N ALA B 92 12.70 12.99 52.77
CA ALA B 92 12.98 14.41 52.68
C ALA B 92 14.46 14.73 52.65
N LEU B 93 14.75 16.00 52.42
CA LEU B 93 16.11 16.52 52.48
C LEU B 93 16.50 16.91 53.91
N TYR B 94 17.52 16.26 54.46
CA TYR B 94 17.89 16.56 55.84
C TYR B 94 19.07 17.52 55.88
N TYR B 95 18.89 18.62 56.61
CA TYR B 95 19.91 19.67 56.74
C TYR B 95 20.54 19.61 58.12
N CYS B 96 21.86 19.62 58.13
CA CYS B 96 22.63 19.77 59.35
C CYS B 96 22.76 21.27 59.65
N VAL B 97 22.20 21.70 60.78
CA VAL B 97 22.07 23.13 61.07
C VAL B 97 22.85 23.55 62.33
N GLY B 98 23.41 24.76 62.31
CA GLY B 98 24.13 25.28 63.47
C GLY B 98 23.39 26.40 64.18
N HIS B 99 23.87 26.76 65.37
CA HIS B 99 23.32 27.90 66.12
C HIS B 99 24.30 29.05 66.25
N VAL B 100 23.83 30.12 66.91
CA VAL B 100 24.59 31.34 67.09
C VAL B 100 25.12 31.58 68.51
N ARG B 101 26.44 31.75 68.58
CA ARG B 101 27.15 32.03 69.81
C ARG B 101 26.71 33.27 70.56
N LYS B 102 26.11 33.03 71.72
CA LYS B 102 25.64 34.06 72.64
C LYS B 102 25.00 35.28 71.97
N LEU B 103 24.04 35.03 71.09
CA LEU B 103 23.34 36.10 70.41
C LEU B 103 21.84 35.84 70.38
N GLY B 104 21.50 34.62 70.00
CA GLY B 104 20.12 34.17 69.92
C GLY B 104 20.07 32.67 69.88
N ALA B 105 18.87 32.12 69.84
CA ALA B 105 18.73 30.69 69.63
C ALA B 105 18.27 30.44 68.19
N PHE B 106 18.52 31.42 67.33
CA PHE B 106 18.21 31.33 65.90
C PHE B 106 19.38 30.70 65.15
N PHE B 107 19.10 30.04 64.04
CA PHE B 107 20.13 29.33 63.26
C PHE B 107 20.94 30.28 62.39
N ASP B 108 22.15 29.87 62.01
CA ASP B 108 23.00 30.69 61.15
C ASP B 108 23.55 29.98 59.92
N TYR B 109 23.95 28.73 60.08
CA TYR B 109 24.64 28.01 59.01
C TYR B 109 23.99 26.66 58.75
N TRP B 110 23.95 26.27 57.47
CA TRP B 110 23.34 25.02 57.05
C TRP B 110 24.27 24.24 56.12
N GLY B 111 24.25 22.91 56.24
CA GLY B 111 25.06 22.04 55.40
C GLY B 111 24.48 21.88 54.01
N GLN B 112 25.13 21.10 53.15
CA GLN B 112 24.61 20.86 51.81
C GLN B 112 23.24 20.19 51.84
N GLY B 113 23.10 19.25 52.76
CA GLY B 113 21.86 18.51 52.92
C GLY B 113 21.97 17.12 52.32
N ALA B 114 21.53 16.12 53.08
CA ALA B 114 21.51 14.74 52.61
C ALA B 114 20.06 14.23 52.60
N MET B 115 19.57 13.87 51.42
CA MET B 115 18.18 13.47 51.27
C MET B 115 18.00 11.97 51.48
N VAL B 116 17.06 11.59 52.34
CA VAL B 116 16.69 10.19 52.50
C VAL B 116 15.34 9.91 51.85
N THR B 117 15.29 8.81 51.11
CA THR B 117 14.08 8.39 50.41
C THR B 117 13.68 6.97 50.78
N VAL B 118 12.56 6.81 51.47
CA VAL B 118 12.08 5.49 51.85
C VAL B 118 11.08 5.00 50.81
N SER B 119 11.26 3.77 50.37
CA SER B 119 10.39 3.19 49.34
C SER B 119 10.56 1.67 49.28
N SER B 120 9.47 0.97 49.01
CA SER B 120 9.48 -0.47 48.90
C SER B 120 10.22 -0.90 47.64
N ALA B 121 10.28 0.00 46.66
CA ALA B 121 10.95 -0.25 45.39
C ALA B 121 12.46 -0.42 45.59
N SER B 122 13.11 -1.09 44.65
CA SER B 122 14.54 -1.33 44.73
C SER B 122 15.32 -0.25 44.00
N THR B 123 16.58 -0.10 44.36
CA THR B 123 17.45 0.91 43.76
C THR B 123 17.80 0.55 42.32
N LYS B 124 17.97 1.56 41.48
CA LYS B 124 18.34 1.34 40.09
C LYS B 124 19.42 2.32 39.63
N GLY B 125 20.46 1.79 39.01
CA GLY B 125 21.58 2.60 38.55
C GLY B 125 21.27 3.38 37.28
N PRO B 126 21.89 4.57 37.15
CA PRO B 126 21.70 5.44 35.99
C PRO B 126 22.53 5.04 34.78
N SER B 127 22.02 5.33 33.58
CA SER B 127 22.75 5.11 32.35
C SER B 127 23.10 6.46 31.72
N VAL B 128 24.38 6.65 31.42
CA VAL B 128 24.87 7.90 30.89
C VAL B 128 25.18 7.81 29.40
N PHE B 129 24.64 8.76 28.62
CA PHE B 129 24.88 8.79 27.19
C PHE B 129 25.31 10.20 26.76
N PRO B 130 26.40 10.28 25.98
CA PRO B 130 27.01 11.56 25.61
C PRO B 130 26.15 12.42 24.69
N LEU B 131 26.12 13.72 24.98
CA LEU B 131 25.45 14.69 24.12
C LEU B 131 26.50 15.47 23.33
N ALA B 132 26.87 14.94 22.18
CA ALA B 132 27.96 15.51 21.38
C ALA B 132 27.53 16.78 20.67
N PRO B 133 28.45 17.76 20.58
CA PRO B 133 28.11 19.02 19.90
C PRO B 133 28.27 19.00 18.39
N SER B 134 27.17 19.28 17.69
CA SER B 134 27.15 19.46 16.24
C SER B 134 28.22 20.44 15.77
N SER B 135 28.73 20.22 14.55
CA SER B 135 29.71 21.14 13.98
C SER B 135 29.02 22.35 13.34
N LYS B 136 29.18 23.53 13.95
CA LYS B 136 28.49 24.73 13.49
C LYS B 136 29.08 25.99 14.11
N SER B 137 28.49 27.14 13.76
CA SER B 137 28.81 28.44 14.35
C SER B 137 30.22 28.94 14.01
N THR B 138 30.80 28.38 12.94
CA THR B 138 32.16 28.71 12.52
C THR B 138 33.16 28.65 13.68
N SER B 139 33.81 29.78 13.95
CA SER B 139 34.79 29.81 15.04
C SER B 139 34.46 30.88 16.09
N GLY B 140 33.68 31.88 15.69
CA GLY B 140 33.32 32.97 16.58
C GLY B 140 32.11 32.66 17.41
N GLY B 141 31.32 31.67 16.97
CA GLY B 141 30.15 31.25 17.70
C GLY B 141 30.49 30.38 18.90
N THR B 142 29.46 30.02 19.66
CA THR B 142 29.63 29.17 20.84
C THR B 142 28.77 27.91 20.71
N ALA B 143 29.36 26.76 21.02
CA ALA B 143 28.65 25.50 20.90
C ALA B 143 28.33 24.94 22.29
N ALA B 144 27.56 23.85 22.33
CA ALA B 144 27.20 23.25 23.61
C ALA B 144 27.27 21.73 23.58
N LEU B 145 27.68 21.15 24.70
CA LEU B 145 27.80 19.70 24.80
C LEU B 145 27.27 19.26 26.16
N GLY B 146 26.95 17.97 26.30
CA GLY B 146 26.36 17.52 27.55
C GLY B 146 26.39 16.03 27.84
N CYS B 147 25.60 15.65 28.83
CA CYS B 147 25.46 14.25 29.25
C CYS B 147 24.01 13.96 29.59
N LEU B 148 23.56 12.76 29.25
CA LEU B 148 22.19 12.35 29.50
C LEU B 148 22.15 11.22 30.53
N VAL B 149 21.45 11.48 31.63
CA VAL B 149 21.25 10.50 32.69
C VAL B 149 19.86 9.89 32.61
N LYS B 150 19.77 8.57 32.51
CA LYS B 150 18.48 7.92 32.31
C LYS B 150 18.26 6.72 33.23
N ASP B 151 17.00 6.45 33.57
CA ASP B 151 16.62 5.26 34.32
C ASP B 151 17.28 5.10 35.67
N TYR B 152 17.15 6.10 36.54
CA TYR B 152 17.70 6.02 37.88
C TYR B 152 16.64 6.27 38.95
N PHE B 153 16.68 5.47 40.02
CA PHE B 153 15.78 5.65 41.15
C PHE B 153 16.50 5.22 42.42
N PRO B 154 16.31 5.98 43.52
CA PRO B 154 15.60 7.25 43.62
C PRO B 154 16.51 8.45 43.45
N GLU B 155 15.97 9.65 43.66
CA GLU B 155 16.76 10.87 43.65
C GLU B 155 17.62 10.94 44.91
N PRO B 156 18.73 11.70 44.87
CA PRO B 156 19.22 12.53 43.76
C PRO B 156 20.49 12.02 43.08
N VAL B 157 20.84 12.64 41.96
CA VAL B 157 22.09 12.38 41.25
C VAL B 157 22.95 13.62 41.18
N THR B 158 24.24 13.47 41.46
CA THR B 158 25.16 14.60 41.40
C THR B 158 25.91 14.61 40.08
N VAL B 159 25.76 15.69 39.31
CA VAL B 159 26.44 15.81 38.03
C VAL B 159 27.33 17.05 38.00
N SER B 160 28.61 16.86 37.73
CA SER B 160 29.52 18.03 37.64
C SER B 160 30.42 17.87 36.41
N TRP B 161 31.16 18.93 36.06
CA TRP B 161 32.01 18.91 34.87
C TRP B 161 33.48 19.14 35.20
N ASN B 162 34.34 18.27 34.67
CA ASN B 162 35.78 18.32 34.88
C ASN B 162 36.16 18.32 36.36
N SER B 163 35.44 17.52 37.15
CA SER B 163 35.67 17.39 38.58
C SER B 163 35.58 18.73 39.29
N GLY B 164 34.69 19.60 38.80
CA GLY B 164 34.46 20.89 39.41
C GLY B 164 35.27 22.02 38.81
N ALA B 165 36.11 21.70 37.82
CA ALA B 165 36.92 22.71 37.15
C ALA B 165 36.03 23.60 36.30
N LEU B 166 34.98 23.01 35.72
CA LEU B 166 34.03 23.74 34.90
C LEU B 166 32.73 23.97 35.67
N THR B 167 32.47 25.21 36.03
CA THR B 167 31.28 25.56 36.81
C THR B 167 30.45 26.65 36.15
N SER B 168 30.97 27.25 35.09
CA SER B 168 30.31 28.37 34.44
C SER B 168 29.62 28.00 33.13
N GLY B 169 28.38 28.43 32.98
CA GLY B 169 27.62 28.15 31.78
C GLY B 169 26.98 26.77 31.82
N VAL B 170 27.06 26.14 32.99
CA VAL B 170 26.55 24.78 33.17
C VAL B 170 25.10 24.79 33.63
N HIS B 171 24.26 24.04 32.93
CA HIS B 171 22.86 23.89 33.29
C HIS B 171 22.52 22.43 33.52
N THR B 172 22.19 22.09 34.75
CA THR B 172 21.74 20.75 35.08
C THR B 172 20.22 20.80 35.23
N PHE B 173 19.52 20.29 34.23
CA PHE B 173 18.06 20.37 34.21
C PHE B 173 17.43 19.51 35.31
N PRO B 174 16.31 19.99 35.86
CA PRO B 174 15.59 19.23 36.90
C PRO B 174 15.14 17.89 36.37
N ALA B 175 15.23 16.85 37.19
CA ALA B 175 14.85 15.52 36.77
C ALA B 175 13.37 15.45 36.43
N VAL B 176 13.05 14.84 35.29
CA VAL B 176 11.66 14.66 34.92
C VAL B 176 11.34 13.17 35.08
N LEU B 177 10.13 12.87 35.49
CA LEU B 177 9.74 11.48 35.76
C LEU B 177 9.05 10.89 34.53
N GLN B 178 9.63 9.84 33.96
CA GLN B 178 9.07 9.20 32.77
C GLN B 178 8.03 8.15 33.14
N SER B 179 7.33 7.62 32.13
CA SER B 179 6.26 6.67 32.36
C SER B 179 6.73 5.35 32.99
N SER B 180 7.99 4.99 32.79
CA SER B 180 8.51 3.75 33.34
C SER B 180 8.65 3.83 34.87
N GLY B 181 8.54 5.04 35.42
CA GLY B 181 8.64 5.25 36.84
C GLY B 181 10.03 5.63 37.31
N LEU B 182 10.96 5.66 36.36
CA LEU B 182 12.35 5.99 36.64
C LEU B 182 12.66 7.43 36.27
N TYR B 183 13.63 8.03 36.94
CA TYR B 183 14.01 9.41 36.66
C TYR B 183 14.93 9.53 35.45
N SER B 184 14.91 10.72 34.83
CA SER B 184 15.78 11.02 33.70
C SER B 184 16.02 12.53 33.58
N LEU B 185 17.29 12.93 33.43
CA LEU B 185 17.63 14.34 33.28
C LEU B 185 18.80 14.56 32.31
N SER B 186 18.93 15.79 31.83
CA SER B 186 20.04 16.15 30.93
C SER B 186 20.87 17.29 31.51
N SER B 187 22.19 17.15 31.45
CA SER B 187 23.09 18.22 31.90
C SER B 187 23.92 18.76 30.74
N VAL B 188 23.79 20.06 30.48
CA VAL B 188 24.47 20.67 29.34
C VAL B 188 25.41 21.80 29.77
N VAL B 189 26.34 22.14 28.88
CA VAL B 189 27.26 23.25 29.11
C VAL B 189 27.65 23.89 27.78
N THR B 190 27.79 25.23 27.79
CA THR B 190 28.16 25.98 26.61
C THR B 190 29.63 26.40 26.65
N VAL B 191 30.37 26.07 25.60
CA VAL B 191 31.79 26.38 25.50
C VAL B 191 32.11 26.96 24.12
N PRO B 192 33.20 27.74 24.02
CA PRO B 192 33.60 28.28 22.71
C PRO B 192 34.00 27.19 21.72
N SER B 193 33.76 27.43 20.44
CA SER B 193 34.05 26.45 19.40
C SER B 193 35.54 26.12 19.27
N SER B 194 36.39 27.10 19.55
CA SER B 194 37.83 26.88 19.46
C SER B 194 38.30 25.86 20.49
N SER B 195 37.62 25.81 21.62
CA SER B 195 37.96 24.88 22.69
C SER B 195 37.79 23.42 22.29
N LEU B 196 36.84 23.17 21.38
CA LEU B 196 36.54 21.81 20.94
C LEU B 196 37.73 21.19 20.20
N GLY B 197 38.09 19.98 20.60
CA GLY B 197 39.20 19.26 19.98
C GLY B 197 40.53 19.61 20.62
N THR B 198 40.51 20.66 21.44
CA THR B 198 41.69 21.14 22.13
C THR B 198 41.52 20.91 23.64
N GLN B 199 40.29 21.07 24.10
CA GLN B 199 39.97 20.92 25.53
C GLN B 199 39.12 19.69 25.79
N THR B 200 39.47 18.93 26.81
CA THR B 200 38.71 17.74 27.19
C THR B 200 37.59 18.06 28.18
N TYR B 201 36.38 17.63 27.85
CA TYR B 201 35.24 17.85 28.72
C TYR B 201 34.71 16.53 29.27
N ILE B 202 34.89 16.31 30.57
CA ILE B 202 34.40 15.10 31.20
C ILE B 202 33.38 15.44 32.29
N CYS B 203 32.20 14.84 32.19
CA CYS B 203 31.15 15.00 33.18
C CYS B 203 31.16 13.82 34.14
N ASN B 204 31.15 14.11 35.44
CA ASN B 204 31.16 13.07 36.48
C ASN B 204 29.77 12.98 37.12
N VAL B 205 29.12 11.81 37.00
CA VAL B 205 27.80 11.56 37.57
C VAL B 205 27.91 10.56 38.71
N ASN B 206 27.26 10.87 39.83
CA ASN B 206 27.28 10.01 40.99
C ASN B 206 25.89 9.78 41.59
N HIS B 207 25.55 8.52 41.78
CA HIS B 207 24.29 8.13 42.39
C HIS B 207 24.59 7.32 43.65
N LYS B 208 24.45 7.97 44.79
CA LYS B 208 24.83 7.40 46.08
C LYS B 208 24.02 6.15 46.50
N PRO B 209 22.68 6.16 46.33
CA PRO B 209 21.94 4.97 46.73
C PRO B 209 22.26 3.72 45.91
N SER B 210 22.64 3.90 44.65
CA SER B 210 22.97 2.78 43.78
C SER B 210 24.46 2.52 43.71
N ASN B 211 25.22 3.37 44.40
CA ASN B 211 26.67 3.31 44.40
C ASN B 211 27.20 3.31 42.97
N THR B 212 26.85 4.36 42.22
CA THR B 212 27.27 4.46 40.82
C THR B 212 28.11 5.70 40.61
N LYS B 213 29.40 5.49 40.33
CA LYS B 213 30.31 6.61 40.12
C LYS B 213 30.90 6.53 38.72
N VAL B 214 30.43 7.40 37.84
CA VAL B 214 30.84 7.39 36.44
C VAL B 214 31.55 8.68 36.01
N ASP B 215 32.75 8.53 35.48
CA ASP B 215 33.46 9.67 34.89
C ASP B 215 33.40 9.48 33.38
N LYS B 216 32.55 10.27 32.72
CA LYS B 216 32.26 10.08 31.31
C LYS B 216 32.78 11.23 30.46
N LYS B 217 33.47 10.91 29.38
CA LYS B 217 34.08 11.96 28.57
C LYS B 217 33.28 12.23 27.29
N VAL B 218 33.09 13.51 26.96
CA VAL B 218 32.34 13.84 25.75
C VAL B 218 33.20 14.55 24.71
N GLU B 219 33.35 13.89 23.56
CA GLU B 219 34.08 14.43 22.42
C GLU B 219 33.14 14.58 21.23
N PRO B 220 33.42 15.52 20.31
CA PRO B 220 32.55 15.67 19.14
C PRO B 220 32.53 14.41 18.26
N LYS B 221 31.35 14.10 17.73
CA LYS B 221 31.13 12.91 16.90
C LYS B 221 31.75 12.99 15.51
N SER B 222 32.38 11.90 15.10
CA SER B 222 32.95 11.79 13.76
C SER B 222 31.98 11.09 12.81
N ASP C 1 -24.24 18.78 10.29
CA ASP C 1 -23.85 17.91 11.39
C ASP C 1 -22.38 18.08 11.74
N ILE C 2 -22.11 18.64 12.91
CA ILE C 2 -20.75 18.95 13.33
C ILE C 2 -20.07 17.84 14.13
N GLN C 3 -18.81 17.57 13.80
CA GLN C 3 -18.00 16.57 14.50
C GLN C 3 -16.72 17.20 15.06
N MET C 4 -16.53 17.11 16.37
CA MET C 4 -15.35 17.70 16.99
C MET C 4 -14.16 16.74 17.09
N THR C 5 -12.97 17.25 16.77
CA THR C 5 -11.74 16.44 16.79
C THR C 5 -10.91 16.51 18.08
N GLN C 6 -10.51 15.36 18.60
CA GLN C 6 -9.59 15.33 19.75
C GLN C 6 -8.41 14.41 19.50
N SER C 7 -7.24 15.00 19.30
CA SER C 7 -5.98 14.26 19.15
C SER C 7 -4.95 14.75 20.17
N PRO C 8 -4.07 13.85 20.64
CA PRO C 8 -4.15 12.39 20.48
C PRO C 8 -5.17 11.76 21.42
N ALA C 9 -5.14 10.44 21.49
CA ALA C 9 -6.03 9.68 22.37
C ALA C 9 -5.59 9.78 23.82
N SER C 10 -4.47 9.14 24.14
CA SER C 10 -3.99 9.05 25.51
C SER C 10 -2.78 9.94 25.77
N LEU C 11 -2.87 10.72 26.85
CA LEU C 11 -1.77 11.59 27.28
C LEU C 11 -1.29 11.17 28.66
N SER C 12 -0.08 11.58 29.01
CA SER C 12 0.50 11.23 30.30
C SER C 12 1.45 12.29 30.81
N ALA C 13 1.48 12.46 32.13
CA ALA C 13 2.36 13.44 32.76
C ALA C 13 2.62 13.06 34.21
N SER C 14 3.65 13.65 34.80
CA SER C 14 4.01 13.36 36.18
C SER C 14 3.04 14.01 37.15
N LEU C 15 3.19 13.70 38.43
CA LEU C 15 2.32 14.25 39.46
C LEU C 15 2.81 15.62 39.93
N GLY C 16 1.93 16.61 39.86
CA GLY C 16 2.24 17.95 40.28
C GLY C 16 2.48 18.90 39.12
N GLU C 17 2.73 18.35 37.94
CA GLU C 17 2.96 19.17 36.75
C GLU C 17 1.64 19.39 36.01
N THR C 18 1.63 20.36 35.11
CA THR C 18 0.42 20.77 34.42
C THR C 18 0.18 20.04 33.08
N VAL C 19 -1.08 19.94 32.69
CA VAL C 19 -1.44 19.31 31.41
C VAL C 19 -2.42 20.17 30.60
N THR C 20 -2.20 20.26 29.29
CA THR C 20 -3.12 20.99 28.42
C THR C 20 -3.73 20.09 27.34
N ILE C 21 -5.02 19.81 27.45
CA ILE C 21 -5.72 18.99 26.46
C ILE C 21 -6.45 19.84 25.41
N GLU C 22 -6.00 19.73 24.16
CA GLU C 22 -6.60 20.50 23.06
C GLU C 22 -7.79 19.78 22.40
N CYS C 23 -8.80 20.56 22.04
CA CYS C 23 -9.96 20.04 21.33
C CYS C 23 -10.25 21.00 20.19
N ARG C 24 -10.28 20.48 18.96
CA ARG C 24 -10.46 21.32 17.79
C ARG C 24 -11.79 21.03 17.08
N ALA C 25 -12.52 22.06 16.71
CA ALA C 25 -13.79 21.88 16.03
C ALA C 25 -13.68 22.27 14.56
N SER C 26 -14.22 21.42 13.69
CA SER C 26 -14.21 21.67 12.24
C SER C 26 -14.99 22.95 11.93
N GLU C 27 -16.11 23.14 12.64
CA GLU C 27 -16.99 24.32 12.45
C GLU C 27 -16.64 25.34 13.54
N ASP C 28 -16.29 26.57 13.15
CA ASP C 28 -15.93 27.57 14.18
C ASP C 28 -17.17 27.82 15.05
N ILE C 29 -16.98 27.73 16.37
CA ILE C 29 -18.09 27.97 17.35
C ILE C 29 -17.76 29.25 18.09
N HIS C 30 -18.75 30.10 18.32
CA HIS C 30 -18.49 31.39 18.98
C HIS C 30 -18.38 31.19 20.50
N SER C 31 -17.27 30.59 20.94
CA SER C 31 -17.03 30.29 22.36
C SER C 31 -18.16 29.46 22.96
N ARG C 32 -18.48 28.36 22.29
CA ARG C 32 -19.55 27.50 22.77
C ARG C 32 -19.02 26.09 22.97
N LEU C 33 -18.17 25.92 23.98
CA LEU C 33 -17.59 24.60 24.18
C LEU C 33 -17.69 24.25 25.66
N ALA C 34 -17.81 22.96 25.96
CA ALA C 34 -17.92 22.51 27.34
C ALA C 34 -16.96 21.36 27.62
N TRP C 35 -16.33 21.37 28.79
CA TRP C 35 -15.41 20.30 29.15
C TRP C 35 -15.98 19.42 30.26
N TYR C 36 -15.95 18.11 30.01
CA TYR C 36 -16.49 17.11 30.92
C TYR C 36 -15.46 16.11 31.39
N GLN C 37 -15.50 15.78 32.68
CA GLN C 37 -14.61 14.78 33.27
C GLN C 37 -15.34 13.49 33.62
N GLN C 38 -14.82 12.36 33.15
CA GLN C 38 -15.38 11.08 33.51
C GLN C 38 -14.41 10.31 34.37
N LYS C 39 -14.78 10.08 35.63
CA LYS C 39 -13.96 9.31 36.56
C LYS C 39 -14.06 7.85 36.15
N PRO C 40 -13.03 7.05 36.48
CA PRO C 40 -13.05 5.63 36.11
C PRO C 40 -14.22 4.87 36.74
N GLY C 41 -15.02 4.22 35.91
CA GLY C 41 -16.16 3.46 36.37
C GLY C 41 -17.30 4.32 36.87
N LYS C 42 -17.31 5.60 36.48
CA LYS C 42 -18.36 6.52 36.92
C LYS C 42 -18.82 7.41 35.77
N SER C 43 -20.01 7.99 35.93
CA SER C 43 -20.61 8.87 34.93
C SER C 43 -19.87 10.21 34.80
N PRO C 44 -19.84 10.77 33.58
CA PRO C 44 -19.17 12.04 33.29
C PRO C 44 -19.77 13.22 34.05
N GLN C 45 -18.92 14.17 34.43
CA GLN C 45 -19.34 15.37 35.15
C GLN C 45 -18.95 16.64 34.41
N LEU C 46 -19.67 17.71 34.65
CA LEU C 46 -19.37 18.98 34.00
C LEU C 46 -18.15 19.63 34.67
N LEU C 47 -17.18 20.02 33.86
CA LEU C 47 -15.99 20.69 34.38
C LEU C 47 -16.07 22.16 34.07
N ILE C 48 -16.20 22.48 32.79
CA ILE C 48 -16.19 23.87 32.38
C ILE C 48 -17.45 24.01 31.57
N TYR C 49 -18.25 25.04 31.87
CA TYR C 49 -19.55 25.08 31.22
C TYR C 49 -19.53 25.98 30.01
N ASN C 50 -18.86 27.12 30.12
CA ASN C 50 -18.75 27.97 28.96
C ASN C 50 -17.39 27.62 28.37
N ALA C 51 -16.90 28.44 27.45
CA ALA C 51 -15.58 28.20 26.91
C ALA C 51 -14.54 28.29 28.02
N ASN C 52 -14.59 29.38 28.78
CA ASN C 52 -13.67 29.58 29.89
C ASN C 52 -14.31 29.87 31.24
N SER C 53 -15.46 29.24 31.53
CA SER C 53 -16.15 29.50 32.78
C SER C 53 -16.22 28.27 33.66
N LEU C 54 -15.72 28.42 34.88
CA LEU C 54 -15.60 27.30 35.81
C LEU C 54 -16.93 26.93 36.46
N HIS C 55 -17.11 25.62 36.69
CA HIS C 55 -18.31 25.11 37.35
C HIS C 55 -18.27 25.45 38.83
N THR C 56 -19.44 25.45 39.48
CA THR C 56 -19.52 25.86 40.88
C THR C 56 -18.72 24.98 41.83
N GLY C 57 -18.83 23.66 41.69
CA GLY C 57 -18.13 22.78 42.62
C GLY C 57 -16.81 22.19 42.17
N VAL C 58 -16.42 22.48 40.93
CA VAL C 58 -15.16 21.98 40.40
C VAL C 58 -14.03 22.82 40.99
N PRO C 59 -12.87 22.19 41.28
CA PRO C 59 -11.68 22.87 41.81
C PRO C 59 -11.03 23.88 40.86
N SER C 60 -10.52 24.96 41.46
CA SER C 60 -9.91 26.07 40.74
C SER C 60 -8.73 25.66 39.87
N ARG C 61 -8.12 24.52 40.17
CA ARG C 61 -6.98 24.05 39.37
C ARG C 61 -7.35 23.94 37.91
N PHE C 62 -8.50 23.35 37.64
CA PHE C 62 -8.97 23.19 36.27
C PHE C 62 -9.26 24.56 35.67
N SER C 63 -8.83 24.77 34.42
CA SER C 63 -9.03 26.04 33.73
C SER C 63 -9.43 25.85 32.27
N GLY C 64 -10.20 26.79 31.74
CA GLY C 64 -10.66 26.74 30.37
C GLY C 64 -10.03 27.80 29.50
N SER C 65 -9.51 27.39 28.35
CA SER C 65 -8.84 28.30 27.43
C SER C 65 -9.29 28.04 26.00
N GLY C 66 -9.00 28.98 25.13
CA GLY C 66 -9.31 28.82 23.71
C GLY C 66 -10.65 29.37 23.28
N SER C 67 -10.78 29.58 21.98
CA SER C 67 -12.02 30.10 21.42
C SER C 67 -12.08 29.80 19.93
N GLY C 68 -13.23 30.05 19.33
CA GLY C 68 -13.40 29.83 17.90
C GLY C 68 -13.22 28.38 17.51
N THR C 69 -12.32 28.12 16.58
CA THR C 69 -12.06 26.77 16.10
C THR C 69 -11.44 25.87 17.17
N GLN C 70 -10.50 26.39 17.95
CA GLN C 70 -9.75 25.52 18.88
C GLN C 70 -9.85 25.93 20.36
N PHE C 71 -9.96 24.92 21.22
CA PHE C 71 -10.11 25.08 22.66
C PHE C 71 -9.10 24.24 23.46
N SER C 72 -8.86 24.58 24.71
CA SER C 72 -7.97 23.78 25.54
C SER C 72 -8.42 23.72 26.99
N LEU C 73 -8.11 22.60 27.64
CA LEU C 73 -8.36 22.41 29.05
C LEU C 73 -7.03 22.32 29.79
N LYS C 74 -6.87 23.13 30.84
CA LYS C 74 -5.60 23.15 31.58
C LYS C 74 -5.74 22.67 33.01
N ILE C 75 -4.98 21.64 33.37
CA ILE C 75 -5.00 21.14 34.74
C ILE C 75 -3.67 21.45 35.40
N ASN C 76 -3.72 22.15 36.53
CA ASN C 76 -2.52 22.59 37.23
C ASN C 76 -2.31 21.91 38.58
N SER C 77 -1.12 21.35 38.75
CA SER C 77 -0.73 20.62 39.99
C SER C 77 -1.78 19.54 40.28
N LEU C 78 -2.10 18.74 39.26
CA LEU C 78 -3.11 17.65 39.38
C LEU C 78 -2.61 16.62 40.38
N GLN C 79 -3.53 16.07 41.18
CA GLN C 79 -3.18 15.05 42.21
C GLN C 79 -3.51 13.65 41.70
N SER C 80 -3.47 12.67 42.61
CA SER C 80 -3.72 11.26 42.31
C SER C 80 -5.15 11.01 41.86
N GLU C 81 -6.08 11.83 42.33
CA GLU C 81 -7.49 11.67 42.01
C GLU C 81 -7.85 12.25 40.64
N ASP C 82 -6.90 12.88 39.97
CA ASP C 82 -7.21 13.51 38.68
C ASP C 82 -7.17 12.57 37.47
N VAL C 83 -6.71 11.34 37.65
CA VAL C 83 -6.70 10.39 36.54
C VAL C 83 -8.13 10.07 36.10
N ALA C 84 -8.44 10.43 34.85
CA ALA C 84 -9.79 10.33 34.32
C ALA C 84 -9.80 10.52 32.80
N SER C 85 -10.96 10.40 32.19
CA SER C 85 -11.11 10.64 30.75
C SER C 85 -11.93 11.88 30.46
N TYR C 86 -11.37 12.79 29.68
CA TYR C 86 -11.99 14.09 29.45
C TYR C 86 -12.53 14.25 28.03
N PHE C 87 -13.75 14.76 27.92
CA PHE C 87 -14.39 14.99 26.61
C PHE C 87 -14.84 16.44 26.45
N CYS C 88 -14.92 16.91 25.20
CA CYS C 88 -15.45 18.25 24.92
C CYS C 88 -16.86 18.13 24.32
N LEU C 89 -17.56 19.24 24.28
CA LEU C 89 -18.93 19.28 23.75
C LEU C 89 -19.30 20.62 23.13
N GLN C 90 -19.86 20.60 21.93
CA GLN C 90 -20.29 21.85 21.32
C GLN C 90 -21.81 21.93 21.42
N TYR C 91 -22.32 23.14 21.65
CA TYR C 91 -23.76 23.41 21.66
C TYR C 91 -24.13 24.54 20.72
N TYR C 92 -23.17 24.97 19.92
CA TYR C 92 -23.43 25.98 18.90
C TYR C 92 -24.39 25.42 17.85
N ASN C 93 -24.23 24.13 17.55
CA ASN C 93 -25.13 23.40 16.61
C ASN C 93 -26.10 22.57 17.46
N TYR C 94 -27.35 23.04 17.60
CA TYR C 94 -28.33 22.37 18.50
C TYR C 94 -28.66 20.94 18.07
N PRO C 95 -28.90 20.63 16.78
CA PRO C 95 -29.19 19.26 16.36
C PRO C 95 -28.04 18.68 15.52
N PRO C 96 -27.41 17.57 15.92
CA PRO C 96 -27.45 17.09 17.30
C PRO C 96 -26.16 17.46 18.04
N TYR C 97 -26.19 17.48 19.37
CA TYR C 97 -24.99 17.80 20.20
C TYR C 97 -23.93 16.72 19.95
N THR C 98 -22.67 17.14 19.82
CA THR C 98 -21.58 16.20 19.55
C THR C 98 -20.42 16.31 20.55
N PHE C 99 -19.82 15.17 20.87
CA PHE C 99 -18.70 15.12 21.79
C PHE C 99 -17.36 14.93 21.07
N GLY C 100 -16.29 15.00 21.85
CA GLY C 100 -14.95 14.73 21.33
C GLY C 100 -14.66 13.24 21.36
N ALA C 101 -13.52 12.85 20.80
CA ALA C 101 -13.10 11.46 20.78
C ALA C 101 -12.78 10.95 22.18
N GLY C 102 -12.30 11.84 23.04
CA GLY C 102 -11.97 11.50 24.40
C GLY C 102 -10.49 11.40 24.66
N ALA C 103 -10.02 12.14 25.67
CA ALA C 103 -8.61 12.11 26.04
C ALA C 103 -8.40 11.26 27.29
N LYS C 104 -7.59 10.21 27.14
CA LYS C 104 -7.28 9.31 28.24
C LYS C 104 -6.04 9.78 28.99
N LEU C 105 -6.26 10.39 30.15
CA LEU C 105 -5.15 10.93 30.94
C LEU C 105 -4.63 9.92 31.93
N GLU C 106 -3.38 9.52 31.75
CA GLU C 106 -2.72 8.65 32.71
C GLU C 106 -1.68 9.46 33.49
N LEU C 107 -1.15 8.87 34.56
CA LEU C 107 -0.21 9.59 35.41
C LEU C 107 1.15 8.91 35.48
N ARG C 108 2.15 9.67 35.91
CA ARG C 108 3.50 9.15 36.06
C ARG C 108 3.89 9.22 37.54
N ARG C 109 4.05 8.06 38.16
CA ARG C 109 4.41 8.00 39.57
C ARG C 109 5.82 7.40 39.71
N THR C 110 6.39 7.52 40.91
CA THR C 110 7.67 6.88 41.21
C THR C 110 7.49 5.37 41.20
N VAL C 111 8.61 4.63 41.25
CA VAL C 111 8.57 3.18 41.21
C VAL C 111 7.88 2.62 42.45
N ALA C 112 7.02 1.63 42.25
CA ALA C 112 6.34 0.97 43.35
C ALA C 112 6.43 -0.54 43.23
N ALA C 113 6.92 -1.18 44.28
CA ALA C 113 7.02 -2.64 44.30
C ALA C 113 5.68 -3.27 44.64
N PRO C 114 5.24 -4.23 43.82
CA PRO C 114 3.94 -4.88 44.06
C PRO C 114 3.98 -5.81 45.26
N SER C 115 2.87 -5.90 45.99
CA SER C 115 2.74 -6.87 47.06
C SER C 115 2.04 -8.11 46.51
N VAL C 116 2.76 -9.21 46.46
CA VAL C 116 2.27 -10.44 45.85
C VAL C 116 1.51 -11.30 46.84
N PHE C 117 0.36 -11.80 46.42
CA PHE C 117 -0.44 -12.73 47.21
C PHE C 117 -0.87 -13.91 46.35
N ILE C 118 -1.06 -15.07 46.97
CA ILE C 118 -1.46 -16.24 46.22
C ILE C 118 -2.71 -16.88 46.81
N PHE C 119 -3.64 -17.24 45.93
CA PHE C 119 -4.94 -17.76 46.33
C PHE C 119 -5.23 -19.11 45.69
N PRO C 120 -5.32 -20.16 46.52
CA PRO C 120 -5.66 -21.50 46.05
C PRO C 120 -7.14 -21.63 45.69
N PRO C 121 -7.46 -22.58 44.80
CA PRO C 121 -8.86 -22.80 44.42
C PRO C 121 -9.66 -23.34 45.60
N SER C 122 -10.89 -22.87 45.76
CA SER C 122 -11.71 -23.29 46.88
C SER C 122 -12.24 -24.71 46.71
N ASP C 123 -12.56 -25.35 47.83
CA ASP C 123 -13.03 -26.72 47.85
C ASP C 123 -14.50 -26.78 47.45
N GLU C 124 -15.08 -25.63 47.14
CA GLU C 124 -16.47 -25.55 46.71
C GLU C 124 -16.57 -25.60 45.19
N GLN C 125 -15.48 -25.23 44.51
CA GLN C 125 -15.43 -25.31 43.06
C GLN C 125 -14.86 -26.67 42.66
N LEU C 126 -14.39 -27.42 43.64
CA LEU C 126 -13.86 -28.76 43.39
C LEU C 126 -14.98 -29.77 43.19
N LYS C 127 -16.19 -29.38 43.55
CA LYS C 127 -17.34 -30.23 43.27
C LYS C 127 -17.88 -29.89 41.89
N SER C 128 -17.31 -28.85 41.28
CA SER C 128 -17.70 -28.44 39.94
C SER C 128 -16.89 -29.16 38.86
N GLY C 129 -15.68 -29.60 39.21
CA GLY C 129 -14.82 -30.29 38.27
C GLY C 129 -13.74 -29.42 37.66
N THR C 130 -13.75 -28.14 38.01
CA THR C 130 -12.75 -27.19 37.51
C THR C 130 -12.16 -26.35 38.63
N ALA C 131 -10.86 -26.07 38.56
CA ALA C 131 -10.17 -25.31 39.60
C ALA C 131 -9.57 -24.01 39.07
N SER C 132 -9.76 -22.93 39.81
CA SER C 132 -9.20 -21.62 39.45
C SER C 132 -8.30 -21.08 40.55
N VAL C 133 -6.99 -21.01 40.29
CA VAL C 133 -6.04 -20.47 41.26
C VAL C 133 -5.60 -19.06 40.84
N VAL C 134 -5.69 -18.11 41.77
CA VAL C 134 -5.50 -16.70 41.43
C VAL C 134 -4.25 -16.07 42.07
N CYS C 135 -3.45 -15.39 41.27
CA CYS C 135 -2.31 -14.64 41.78
C CYS C 135 -2.61 -13.15 41.79
N LEU C 136 -2.17 -12.45 42.84
CA LEU C 136 -2.53 -11.05 43.01
C LEU C 136 -1.35 -10.10 43.21
N LEU C 137 -1.32 -9.07 42.37
CA LEU C 137 -0.42 -7.92 42.48
C LEU C 137 -1.26 -6.71 42.85
N ASN C 138 -0.89 -6.02 43.92
CA ASN C 138 -1.79 -4.91 44.35
C ASN C 138 -1.29 -3.54 43.89
N ASN C 139 -0.32 -2.98 44.56
CA ASN C 139 0.03 -1.59 44.28
C ASN C 139 1.44 -1.39 43.75
N PHE C 140 1.55 -1.43 42.42
CA PHE C 140 2.82 -1.25 41.72
C PHE C 140 2.72 -0.27 40.57
N TYR C 141 3.88 0.21 40.13
CA TYR C 141 3.99 1.09 38.96
C TYR C 141 5.34 0.84 38.30
N PRO C 142 5.37 0.79 36.95
CA PRO C 142 4.30 0.96 35.96
C PRO C 142 3.46 -0.30 35.75
N ARG C 143 2.54 -0.24 34.79
CA ARG C 143 1.60 -1.32 34.53
C ARG C 143 2.31 -2.61 34.10
N GLU C 144 3.44 -2.45 33.39
CA GLU C 144 4.20 -3.58 32.87
C GLU C 144 4.79 -4.46 33.97
N ALA C 145 4.30 -5.68 34.05
CA ALA C 145 4.81 -6.66 35.02
C ALA C 145 4.57 -8.04 34.44
N LYS C 146 5.56 -8.92 34.57
CA LYS C 146 5.43 -10.26 33.98
C LYS C 146 5.19 -11.32 35.05
N VAL C 147 4.04 -12.00 34.94
CA VAL C 147 3.68 -13.04 35.91
C VAL C 147 3.66 -14.42 35.26
N GLN C 148 4.47 -15.33 35.79
CA GLN C 148 4.55 -16.69 35.27
C GLN C 148 4.17 -17.74 36.30
N TRP C 149 3.42 -18.74 35.87
CA TRP C 149 3.00 -19.84 36.75
C TRP C 149 3.93 -21.04 36.69
N LYS C 150 4.21 -21.63 37.85
CA LYS C 150 5.08 -22.80 37.93
C LYS C 150 4.51 -23.91 38.80
N VAL C 151 4.29 -25.08 38.20
CA VAL C 151 3.78 -26.24 38.93
C VAL C 151 4.78 -27.40 38.89
N ASP C 152 5.33 -27.73 40.05
CA ASP C 152 6.37 -28.78 40.15
C ASP C 152 7.55 -28.41 39.25
N ASN C 153 7.79 -27.10 39.15
CA ASN C 153 8.72 -26.50 38.21
C ASN C 153 8.33 -26.83 36.78
N ALA C 154 7.20 -26.28 36.35
CA ALA C 154 6.74 -26.41 34.97
C ALA C 154 6.16 -25.08 34.51
N LEU C 155 6.66 -24.54 33.41
CA LEU C 155 6.20 -23.23 32.97
C LEU C 155 4.95 -23.36 32.09
N GLN C 156 3.79 -23.31 32.72
CA GLN C 156 2.51 -23.41 32.03
C GLN C 156 2.21 -22.14 31.25
N SER C 157 1.71 -22.31 30.02
CA SER C 157 1.42 -21.13 29.17
C SER C 157 0.17 -21.36 28.32
N GLY C 158 -0.59 -20.29 28.07
CA GLY C 158 -1.81 -20.31 27.25
C GLY C 158 -3.05 -20.71 28.03
N ASN C 159 -2.89 -21.06 29.32
CA ASN C 159 -4.04 -21.46 30.17
C ASN C 159 -4.25 -20.42 31.27
N SER C 160 -3.38 -19.40 31.31
CA SER C 160 -3.48 -18.32 32.33
C SER C 160 -3.92 -17.02 31.66
N GLN C 161 -4.82 -16.30 32.32
CA GLN C 161 -5.31 -15.02 31.78
C GLN C 161 -5.19 -13.89 32.80
N GLU C 162 -4.68 -12.74 32.37
CA GLU C 162 -4.44 -11.61 33.26
C GLU C 162 -5.51 -10.52 33.15
N SER C 163 -5.66 -9.74 34.22
CA SER C 163 -6.57 -8.60 34.24
C SER C 163 -6.01 -7.46 35.08
N VAL C 164 -5.86 -6.28 34.48
CA VAL C 164 -5.28 -5.14 35.18
C VAL C 164 -6.31 -4.02 35.41
N THR C 165 -6.40 -3.55 36.65
CA THR C 165 -7.31 -2.46 36.98
C THR C 165 -6.72 -1.14 36.51
N GLU C 166 -7.55 -0.10 36.47
CA GLU C 166 -7.10 1.23 36.10
C GLU C 166 -6.41 1.92 37.27
N GLN C 167 -5.65 2.97 36.96
CA GLN C 167 -4.82 3.66 37.94
C GLN C 167 -5.62 4.16 39.14
N ASP C 168 -5.12 3.83 40.33
CA ASP C 168 -5.79 4.16 41.59
C ASP C 168 -5.99 5.67 41.78
N SER C 169 -7.06 6.02 42.50
CA SER C 169 -7.39 7.42 42.71
C SER C 169 -6.81 7.92 44.04
N LYS C 170 -6.00 7.08 44.69
CA LYS C 170 -5.41 7.44 45.97
C LYS C 170 -3.89 7.39 45.93
N ASP C 171 -3.35 6.28 45.42
CA ASP C 171 -1.91 6.09 45.36
C ASP C 171 -1.43 6.04 43.91
N SER C 172 -2.37 6.13 42.97
CA SER C 172 -2.07 6.10 41.54
C SER C 172 -1.26 4.86 41.15
N THR C 173 -1.62 3.72 41.73
CA THR C 173 -0.92 2.48 41.45
C THR C 173 -1.80 1.51 40.67
N TYR C 174 -1.17 0.51 40.06
CA TYR C 174 -1.90 -0.48 39.28
C TYR C 174 -2.04 -1.78 40.06
N SER C 175 -3.04 -2.58 39.70
CA SER C 175 -3.24 -3.89 40.30
C SER C 175 -3.50 -4.93 39.22
N LEU C 176 -2.83 -6.08 39.33
CA LEU C 176 -2.95 -7.12 38.32
C LEU C 176 -3.40 -8.45 38.94
N SER C 177 -4.26 -9.17 38.24
CA SER C 177 -4.70 -10.49 38.69
C SER C 177 -4.43 -11.53 37.62
N SER C 178 -3.66 -12.55 37.97
CA SER C 178 -3.36 -13.62 37.04
C SER C 178 -4.17 -14.86 37.41
N THR C 179 -5.21 -15.14 36.62
CA THR C 179 -6.09 -16.27 36.89
C THR C 179 -5.66 -17.50 36.11
N LEU C 180 -5.38 -18.58 36.83
CA LEU C 180 -5.00 -19.85 36.22
C LEU C 180 -6.15 -20.84 36.31
N THR C 181 -6.66 -21.27 35.17
CA THR C 181 -7.80 -22.18 35.12
C THR C 181 -7.38 -23.58 34.66
N LEU C 182 -7.57 -24.56 35.53
CA LEU C 182 -7.26 -25.95 35.20
C LEU C 182 -8.44 -26.86 35.52
N SER C 183 -8.31 -28.14 35.21
CA SER C 183 -9.32 -29.12 35.57
C SER C 183 -9.01 -29.73 36.93
N LYS C 184 -10.03 -30.30 37.58
CA LYS C 184 -9.84 -30.93 38.87
C LYS C 184 -8.92 -32.14 38.77
N ALA C 185 -9.04 -32.85 37.66
CA ALA C 185 -8.20 -34.01 37.39
C ALA C 185 -6.72 -33.64 37.41
N ASP C 186 -6.38 -32.61 36.64
CA ASP C 186 -5.00 -32.15 36.53
C ASP C 186 -4.55 -31.43 37.80
N TYR C 187 -5.51 -30.86 38.53
CA TYR C 187 -5.20 -30.14 39.75
C TYR C 187 -4.63 -31.08 40.82
N GLU C 188 -5.17 -32.29 40.88
CA GLU C 188 -4.76 -33.24 41.91
C GLU C 188 -3.53 -34.05 41.50
N LYS C 189 -3.11 -33.92 40.24
CA LYS C 189 -1.89 -34.59 39.77
C LYS C 189 -0.61 -33.97 40.32
N HIS C 190 -0.64 -32.68 40.62
CA HIS C 190 0.58 -31.98 41.03
C HIS C 190 0.46 -31.47 42.46
N LYS C 191 1.60 -31.33 43.12
CA LYS C 191 1.65 -30.99 44.54
C LYS C 191 1.77 -29.49 44.83
N VAL C 192 2.80 -28.86 44.29
CA VAL C 192 3.09 -27.47 44.63
C VAL C 192 2.69 -26.51 43.51
N TYR C 193 2.02 -25.43 43.88
CA TYR C 193 1.60 -24.41 42.94
C TYR C 193 2.29 -23.10 43.27
N ALA C 194 2.96 -22.53 42.27
CA ALA C 194 3.78 -21.34 42.49
C ALA C 194 3.49 -20.23 41.49
N CYS C 195 3.60 -19.00 41.98
CA CYS C 195 3.44 -17.80 41.17
C CYS C 195 4.68 -16.94 41.26
N GLU C 196 5.35 -16.76 40.12
CA GLU C 196 6.57 -15.95 40.08
C GLU C 196 6.27 -14.61 39.41
N VAL C 197 6.64 -13.53 40.10
CA VAL C 197 6.36 -12.19 39.62
C VAL C 197 7.62 -11.38 39.38
N THR C 198 7.75 -10.87 38.16
CA THR C 198 8.87 -10.01 37.80
C THR C 198 8.42 -8.59 37.49
N HIS C 199 8.92 -7.63 38.27
CA HIS C 199 8.56 -6.23 38.11
C HIS C 199 9.76 -5.34 38.40
N GLN C 200 9.72 -4.10 37.91
CA GLN C 200 10.82 -3.15 38.11
C GLN C 200 11.02 -2.79 39.58
N GLY C 201 9.93 -2.76 40.34
CA GLY C 201 10.01 -2.39 41.75
C GLY C 201 10.71 -3.45 42.58
N LEU C 202 10.81 -4.65 42.02
CA LEU C 202 11.49 -5.76 42.69
C LEU C 202 12.93 -5.86 42.20
N SER C 203 13.85 -6.14 43.12
CA SER C 203 15.25 -6.32 42.76
C SER C 203 15.44 -7.67 42.08
N SER C 204 14.55 -8.60 42.39
CA SER C 204 14.60 -9.94 41.83
C SER C 204 13.22 -10.58 41.91
N PRO C 205 12.86 -11.37 40.88
CA PRO C 205 11.55 -12.04 40.75
C PRO C 205 11.08 -12.72 42.04
N VAL C 206 9.94 -12.27 42.55
CA VAL C 206 9.40 -12.80 43.80
C VAL C 206 8.45 -13.96 43.56
N THR C 207 8.79 -15.12 44.11
CA THR C 207 7.96 -16.32 43.97
C THR C 207 7.17 -16.59 45.25
N LYS C 208 5.89 -16.91 45.10
CA LYS C 208 5.08 -17.30 46.25
C LYS C 208 4.26 -18.55 45.92
N SER C 209 4.23 -19.51 46.84
CA SER C 209 3.66 -20.81 46.52
C SER C 209 2.81 -21.40 47.64
N PHE C 210 2.08 -22.47 47.30
CA PHE C 210 1.33 -23.26 48.29
C PHE C 210 1.27 -24.71 47.87
N ASN C 211 1.04 -25.60 48.84
CA ASN C 211 0.95 -27.03 48.55
C ASN C 211 -0.49 -27.54 48.63
N ARG C 212 -0.82 -28.51 47.80
CA ARG C 212 -2.17 -29.07 47.76
C ARG C 212 -2.51 -29.79 49.05
N GLN D 3 45.04 -12.32 -25.84
CA GLN D 3 44.58 -11.46 -26.94
C GLN D 3 43.36 -12.06 -27.63
N MET D 4 42.20 -11.86 -27.02
CA MET D 4 40.93 -12.37 -27.54
C MET D 4 40.23 -11.38 -28.49
N THR D 5 40.51 -11.47 -29.79
CA THR D 5 39.95 -10.52 -30.75
C THR D 5 38.58 -10.89 -31.32
N GLN D 6 37.68 -9.88 -31.39
CA GLN D 6 36.31 -10.07 -31.91
C GLN D 6 35.98 -8.99 -32.95
N SER D 7 35.48 -9.41 -34.11
CA SER D 7 35.08 -8.47 -35.20
C SER D 7 33.72 -8.91 -35.76
N PRO D 8 32.90 -8.04 -36.37
CA PRO D 8 32.97 -6.59 -36.20
C PRO D 8 32.38 -6.14 -34.85
N ALA D 9 32.66 -4.89 -34.48
CA ALA D 9 32.16 -4.32 -33.20
C ALA D 9 30.63 -4.30 -33.19
N SER D 10 29.99 -4.00 -34.32
CA SER D 10 28.51 -3.93 -34.36
C SER D 10 27.91 -4.89 -35.40
N LEU D 11 27.00 -5.77 -34.95
CA LEU D 11 26.28 -6.69 -35.81
C LEU D 11 24.78 -6.42 -35.69
N SER D 12 24.02 -6.77 -36.72
CA SER D 12 22.57 -6.57 -36.70
C SER D 12 21.84 -7.56 -37.61
N ALA D 13 20.63 -7.94 -37.21
CA ALA D 13 19.79 -8.83 -37.99
C ALA D 13 18.32 -8.67 -37.59
N SER D 14 17.41 -9.13 -38.45
CA SER D 14 15.99 -9.02 -38.19
C SER D 14 15.53 -10.03 -37.13
N LEU D 15 14.26 -9.93 -36.74
CA LEU D 15 13.69 -10.81 -35.73
C LEU D 15 13.25 -12.13 -36.38
N GLY D 16 13.74 -13.25 -35.85
CA GLY D 16 13.38 -14.55 -36.39
C GLY D 16 14.49 -15.14 -37.23
N GLU D 17 15.44 -14.28 -37.61
CA GLU D 17 16.57 -14.70 -38.42
C GLU D 17 17.72 -15.11 -37.50
N THR D 18 18.69 -15.85 -38.03
CA THR D 18 19.78 -16.36 -37.20
C THR D 18 20.99 -15.41 -37.20
N VAL D 19 21.78 -15.45 -36.14
CA VAL D 19 22.95 -14.58 -36.03
C VAL D 19 24.21 -15.36 -35.62
N THR D 20 25.34 -15.05 -36.25
CA THR D 20 26.62 -15.67 -35.91
C THR D 20 27.66 -14.66 -35.41
N ILE D 21 27.99 -14.76 -34.12
CA ILE D 21 29.00 -13.91 -33.50
C ILE D 21 30.34 -14.63 -33.51
N GLU D 22 31.31 -14.11 -34.26
CA GLU D 22 32.61 -14.77 -34.36
C GLU D 22 33.59 -14.32 -33.28
N CYS D 23 34.37 -15.27 -32.77
CA CYS D 23 35.40 -14.97 -31.77
C CYS D 23 36.71 -15.67 -32.13
N ARG D 24 37.78 -14.87 -32.23
CA ARG D 24 39.10 -15.37 -32.62
C ARG D 24 40.15 -15.25 -31.52
N ALA D 25 40.86 -16.35 -31.30
CA ALA D 25 41.91 -16.42 -30.30
C ALA D 25 43.29 -16.49 -30.94
N SER D 26 44.23 -15.70 -30.43
CA SER D 26 45.59 -15.67 -30.93
C SER D 26 46.27 -17.03 -30.78
N GLU D 27 46.08 -17.66 -29.62
CA GLU D 27 46.70 -18.95 -29.33
C GLU D 27 45.68 -20.09 -29.45
N ASP D 28 46.17 -21.33 -29.48
CA ASP D 28 45.32 -22.50 -29.62
C ASP D 28 44.66 -22.90 -28.31
N ILE D 29 43.36 -22.65 -28.22
CA ILE D 29 42.57 -23.02 -27.05
C ILE D 29 41.92 -24.40 -27.26
N HIS D 30 42.12 -25.30 -26.30
CA HIS D 30 41.60 -26.66 -26.41
C HIS D 30 40.15 -26.74 -25.91
N SER D 31 39.23 -26.14 -26.68
CA SER D 31 37.81 -26.12 -26.36
C SER D 31 37.55 -25.68 -24.92
N ARG D 32 38.19 -24.59 -24.53
CA ARG D 32 38.02 -24.02 -23.19
C ARG D 32 37.62 -22.55 -23.28
N LEU D 33 36.41 -22.29 -23.76
CA LEU D 33 35.94 -20.92 -23.91
C LEU D 33 34.50 -20.77 -23.39
N ALA D 34 34.16 -19.57 -22.93
CA ALA D 34 32.83 -19.29 -22.41
C ALA D 34 32.24 -18.03 -23.03
N TRP D 35 30.94 -18.07 -23.31
CA TRP D 35 30.24 -16.93 -23.89
C TRP D 35 29.32 -16.25 -22.88
N TYR D 36 29.47 -14.93 -22.75
CA TYR D 36 28.67 -14.15 -21.80
C TYR D 36 27.85 -13.09 -22.51
N GLN D 37 26.59 -12.96 -22.13
CA GLN D 37 25.70 -11.95 -22.71
C GLN D 37 25.36 -10.85 -21.71
N GLN D 38 25.57 -9.61 -22.12
CA GLN D 38 25.24 -8.47 -21.29
C GLN D 38 24.07 -7.67 -21.87
N LYS D 39 22.95 -7.72 -21.15
CA LYS D 39 21.75 -6.98 -21.52
C LYS D 39 21.96 -5.51 -21.18
N PRO D 40 21.24 -4.60 -21.87
CA PRO D 40 21.42 -3.16 -21.61
C PRO D 40 21.07 -2.79 -20.16
N GLY D 41 22.00 -2.14 -19.48
CA GLY D 41 21.81 -1.70 -18.11
C GLY D 41 21.80 -2.82 -17.08
N LYS D 42 22.35 -3.98 -17.46
CA LYS D 42 22.39 -5.14 -16.57
C LYS D 42 23.73 -5.85 -16.63
N SER D 43 24.02 -6.64 -15.61
CA SER D 43 25.26 -7.41 -15.56
C SER D 43 25.25 -8.54 -16.59
N PRO D 44 26.42 -8.85 -17.16
CA PRO D 44 26.52 -9.94 -18.15
C PRO D 44 26.16 -11.29 -17.57
N LEU D 46 26.29 -15.43 -18.11
CA LEU D 46 26.82 -16.63 -18.75
C LEU D 46 25.82 -17.25 -19.71
N LEU D 47 26.25 -17.52 -20.93
CA LEU D 47 25.40 -18.16 -21.92
C LEU D 47 25.83 -19.59 -22.19
N ILE D 48 27.08 -19.75 -22.61
CA ILE D 48 27.62 -21.06 -22.98
C ILE D 48 28.96 -21.36 -22.35
N TYR D 49 29.08 -22.53 -21.71
CA TYR D 49 30.34 -22.96 -21.12
C TYR D 49 30.98 -24.03 -22.00
N ASN D 50 32.32 -24.09 -21.97
CA ASN D 50 33.16 -25.03 -22.76
C ASN D 50 33.01 -24.72 -24.26
N ALA D 51 32.13 -23.77 -24.58
CA ALA D 51 31.82 -23.18 -25.90
C ALA D 51 30.89 -24.07 -26.75
N ASN D 52 30.51 -25.24 -26.25
CA ASN D 52 29.59 -26.15 -27.00
C ASN D 52 28.42 -26.56 -26.10
N SER D 53 28.49 -26.21 -24.81
CA SER D 53 27.45 -26.64 -23.85
C SER D 53 26.59 -25.46 -23.40
N LEU D 54 25.27 -25.60 -23.56
CA LEU D 54 24.29 -24.56 -23.17
C LEU D 54 24.19 -24.51 -21.64
N HIS D 55 23.91 -23.32 -21.08
CA HIS D 55 23.75 -23.14 -19.62
C HIS D 55 22.45 -23.79 -19.15
N THR D 56 22.36 -24.16 -17.88
CA THR D 56 21.18 -24.89 -17.34
C THR D 56 19.89 -24.07 -17.49
N GLY D 57 19.91 -22.77 -17.17
CA GLY D 57 18.68 -21.97 -17.25
C GLY D 57 18.52 -21.19 -18.54
N VAL D 58 19.56 -21.11 -19.37
CA VAL D 58 19.47 -20.33 -20.64
C VAL D 58 18.64 -21.09 -21.68
N PRO D 59 17.97 -20.40 -22.62
CA PRO D 59 17.13 -21.05 -23.65
C PRO D 59 17.94 -21.83 -24.70
N SER D 60 17.27 -22.81 -25.32
CA SER D 60 17.84 -23.74 -26.34
C SER D 60 18.22 -23.05 -27.66
N ARG D 61 17.68 -21.87 -27.94
CA ARG D 61 17.97 -21.17 -29.22
C ARG D 61 19.47 -20.90 -29.35
N PHE D 62 20.12 -20.46 -28.27
CA PHE D 62 21.58 -20.18 -28.30
C PHE D 62 22.35 -21.48 -28.53
N SER D 63 23.37 -21.43 -29.39
CA SER D 63 24.19 -22.63 -29.69
C SER D 63 25.67 -22.24 -29.85
N GLY D 64 26.58 -23.19 -29.59
CA GLY D 64 28.01 -22.96 -29.70
C GLY D 64 28.67 -23.81 -30.77
N SER D 65 29.46 -23.18 -31.63
CA SER D 65 30.12 -23.91 -32.72
C SER D 65 31.59 -23.50 -32.84
N GLY D 66 32.38 -24.31 -33.54
CA GLY D 66 33.78 -23.98 -33.75
C GLY D 66 34.69 -24.57 -32.69
N SER D 67 35.98 -24.59 -32.98
CA SER D 67 36.95 -25.15 -32.06
C SER D 67 38.36 -24.61 -32.29
N GLY D 68 39.27 -24.98 -31.40
CA GLY D 68 40.67 -24.62 -31.54
C GLY D 68 40.85 -23.12 -31.53
N THR D 69 41.50 -22.61 -32.56
CA THR D 69 41.73 -21.19 -32.69
C THR D 69 40.43 -20.41 -32.89
N GLN D 70 39.47 -20.98 -33.61
CA GLN D 70 38.29 -20.18 -33.98
C GLN D 70 36.96 -20.66 -33.40
N PHE D 71 36.18 -19.73 -32.88
CA PHE D 71 34.87 -20.07 -32.30
C PHE D 71 33.75 -19.18 -32.83
N SER D 72 32.52 -19.66 -32.75
CA SER D 72 31.35 -18.89 -33.16
C SER D 72 30.12 -19.17 -32.28
N LEU D 73 29.29 -18.15 -32.10
CA LEU D 73 28.05 -18.24 -31.33
C LEU D 73 26.82 -18.03 -32.22
N LYS D 74 25.86 -18.94 -32.17
CA LYS D 74 24.68 -18.84 -33.03
C LYS D 74 23.37 -18.61 -32.26
N ILE D 75 22.64 -17.56 -32.64
CA ILE D 75 21.34 -17.27 -32.05
C ILE D 75 20.21 -17.53 -33.05
N ASN D 76 19.24 -18.36 -32.66
CA ASN D 76 18.13 -18.74 -33.56
C ASN D 76 16.82 -18.07 -33.13
N SER D 77 16.18 -17.34 -34.05
CA SER D 77 14.87 -16.68 -33.79
C SER D 77 14.94 -15.82 -32.52
N LEU D 78 16.00 -15.02 -32.40
CA LEU D 78 16.21 -14.17 -31.19
C LEU D 78 15.02 -13.22 -31.05
N GLN D 79 14.55 -13.03 -29.80
CA GLN D 79 13.41 -12.14 -29.52
C GLN D 79 13.93 -10.75 -29.15
N SER D 80 13.04 -9.88 -28.69
CA SER D 80 13.39 -8.52 -28.29
C SER D 80 14.36 -8.51 -27.11
N GLU D 81 14.29 -9.53 -26.25
CA GLU D 81 15.18 -9.61 -25.08
C GLU D 81 16.59 -10.07 -25.46
N ASP D 82 16.77 -10.50 -26.70
CA ASP D 82 18.09 -10.98 -27.12
C ASP D 82 19.02 -9.85 -27.56
N VAL D 83 18.49 -8.63 -27.68
CA VAL D 83 19.33 -7.47 -28.00
C VAL D 83 20.33 -7.26 -26.87
N ALA D 84 21.61 -7.39 -27.16
CA ALA D 84 22.62 -7.34 -26.10
C ALA D 84 24.03 -7.27 -26.64
N SER D 85 25.00 -7.17 -25.73
CA SER D 85 26.41 -7.19 -26.12
C SER D 85 27.04 -8.50 -25.67
N TYR D 86 27.66 -9.22 -26.59
CA TYR D 86 28.19 -10.54 -26.29
C TYR D 86 29.72 -10.57 -26.26
N PHE D 87 30.27 -11.23 -25.25
CA PHE D 87 31.72 -11.33 -25.08
C PHE D 87 32.16 -12.79 -24.97
N CYS D 88 33.39 -13.09 -25.36
CA CYS D 88 33.95 -14.42 -25.16
C CYS D 88 35.00 -14.38 -24.05
N LEU D 89 35.38 -15.55 -23.55
CA LEU D 89 36.33 -15.63 -22.44
C LEU D 89 37.14 -16.94 -22.43
N GLN D 90 38.46 -16.82 -22.24
CA GLN D 90 39.30 -18.00 -22.13
C GLN D 90 39.69 -18.23 -20.68
N TYR D 91 39.70 -19.49 -20.24
CA TYR D 91 40.14 -19.83 -18.89
C TYR D 91 41.30 -20.84 -18.90
N TYR D 92 41.71 -21.23 -20.12
CA TYR D 92 42.82 -22.20 -20.30
C TYR D 92 44.15 -21.52 -19.99
N ASN D 93 44.08 -20.29 -19.46
CA ASN D 93 45.31 -19.51 -19.15
C ASN D 93 45.49 -19.37 -17.64
N TYR D 94 46.69 -19.73 -17.15
CA TYR D 94 47.08 -19.64 -15.72
C TYR D 94 47.08 -18.17 -15.27
N PRO D 95 47.57 -17.21 -16.11
CA PRO D 95 47.61 -15.79 -15.76
C PRO D 95 46.27 -15.05 -15.92
N PRO D 96 46.27 -13.70 -15.89
CA PRO D 96 45.03 -12.93 -15.93
C PRO D 96 44.15 -13.28 -17.14
N TYR D 97 42.84 -13.43 -16.88
CA TYR D 97 41.82 -13.77 -17.90
C TYR D 97 41.62 -12.59 -18.86
N THR D 98 41.43 -12.90 -20.14
CA THR D 98 41.22 -11.88 -21.15
C THR D 98 39.87 -12.13 -21.82
N PHE D 99 39.18 -11.03 -22.10
CA PHE D 99 37.87 -11.07 -22.73
C PHE D 99 37.96 -10.63 -24.18
N GLY D 100 36.84 -10.73 -24.90
CA GLY D 100 36.80 -10.25 -26.26
C GLY D 100 36.53 -8.76 -26.28
N ALA D 101 36.62 -8.15 -27.46
CA ALA D 101 36.38 -6.73 -27.60
C ALA D 101 34.91 -6.41 -27.31
N GLY D 102 34.04 -7.36 -27.64
CA GLY D 102 32.62 -7.20 -27.41
C GLY D 102 31.86 -6.90 -28.67
N ALA D 103 30.84 -7.72 -28.95
CA ALA D 103 29.99 -7.48 -30.12
C ALA D 103 28.66 -6.88 -29.68
N LYS D 104 28.36 -5.69 -30.18
CA LYS D 104 27.12 -5.01 -29.81
C LYS D 104 25.99 -5.38 -30.78
N LEU D 105 25.15 -6.32 -30.36
CA LEU D 105 24.04 -6.79 -31.18
C LEU D 105 22.75 -6.02 -30.90
N GLU D 106 22.30 -5.30 -31.93
CA GLU D 106 21.03 -4.60 -31.92
C GLU D 106 20.06 -5.37 -32.82
N LEU D 107 18.79 -4.98 -32.80
CA LEU D 107 17.78 -5.71 -33.56
C LEU D 107 17.11 -4.85 -34.63
N ARG D 108 16.46 -5.53 -35.57
CA ARG D 108 15.76 -4.86 -36.67
C ARG D 108 14.26 -5.13 -36.56
N ARG D 109 13.49 -4.08 -36.28
CA ARG D 109 12.05 -4.20 -36.16
C ARG D 109 11.33 -3.47 -37.29
N THR D 110 10.03 -3.72 -37.43
CA THR D 110 9.19 -2.96 -38.37
C THR D 110 9.05 -1.51 -37.91
N VAL D 111 8.49 -0.67 -38.77
CA VAL D 111 8.35 0.75 -38.48
C VAL D 111 7.37 1.01 -37.32
N ALA D 112 7.75 1.93 -36.44
CA ALA D 112 6.90 2.32 -35.31
C ALA D 112 6.81 3.85 -35.19
N ALA D 113 5.59 4.37 -35.19
CA ALA D 113 5.37 5.81 -35.05
C ALA D 113 5.49 6.26 -33.60
N PRO D 114 6.28 7.31 -33.36
CA PRO D 114 6.52 7.85 -32.01
C PRO D 114 5.34 8.62 -31.43
N SER D 115 5.15 8.51 -30.11
CA SER D 115 4.17 9.31 -29.39
C SER D 115 4.85 10.53 -28.75
N VAL D 116 4.48 11.72 -29.21
CA VAL D 116 5.14 12.95 -28.76
C VAL D 116 4.50 13.54 -27.50
N PHE D 117 5.33 13.93 -26.54
CA PHE D 117 4.87 14.58 -25.33
C PHE D 117 5.71 15.83 -25.01
N ILE D 118 5.11 16.81 -24.35
CA ILE D 118 5.82 18.03 -24.00
C ILE D 118 5.67 18.36 -22.51
N PHE D 119 6.77 18.74 -21.87
CA PHE D 119 6.78 19.01 -20.44
C PHE D 119 7.31 20.40 -20.09
N PRO D 120 6.41 21.25 -19.55
CA PRO D 120 6.61 22.60 -19.02
C PRO D 120 7.28 22.56 -17.63
N PRO D 121 7.97 23.65 -17.24
CA PRO D 121 8.66 23.68 -15.96
C PRO D 121 7.78 23.67 -14.71
N SER D 122 8.21 22.89 -13.71
CA SER D 122 7.54 22.80 -12.42
C SER D 122 7.86 24.05 -11.61
N ASP D 123 7.08 24.33 -10.58
CA ASP D 123 7.23 25.59 -9.83
C ASP D 123 8.45 25.63 -8.89
N GLU D 124 9.23 24.56 -8.84
CA GLU D 124 10.45 24.58 -8.05
C GLU D 124 11.65 24.89 -8.94
N GLN D 125 11.47 24.64 -10.23
CA GLN D 125 12.50 24.89 -11.23
C GLN D 125 12.43 26.32 -11.76
N LEU D 126 11.40 27.04 -11.36
CA LEU D 126 11.22 28.42 -11.77
C LEU D 126 12.04 29.41 -10.96
N LYS D 127 12.42 29.01 -9.77
CA LYS D 127 13.22 29.84 -8.86
C LYS D 127 14.72 29.63 -9.02
N SER D 128 15.08 28.72 -9.90
CA SER D 128 16.48 28.38 -10.12
C SER D 128 17.13 29.35 -11.08
N GLY D 129 16.33 29.97 -11.93
CA GLY D 129 16.85 30.93 -12.88
C GLY D 129 17.09 30.28 -14.21
N THR D 130 16.92 28.97 -14.25
CA THR D 130 17.04 28.24 -15.49
C THR D 130 15.84 27.32 -15.60
N ALA D 131 15.27 27.25 -16.80
CA ALA D 131 14.09 26.45 -17.05
C ALA D 131 14.40 25.38 -18.08
N SER D 132 13.95 24.16 -17.79
CA SER D 132 14.17 23.06 -18.71
C SER D 132 12.84 22.48 -19.16
N VAL D 133 12.54 22.68 -20.44
CA VAL D 133 11.31 22.14 -21.04
C VAL D 133 11.68 20.92 -21.88
N VAL D 134 10.99 19.81 -21.64
CA VAL D 134 11.42 18.53 -22.20
C VAL D 134 10.46 17.96 -23.23
N CYS D 135 11.00 17.53 -24.38
CA CYS D 135 10.19 16.86 -25.39
C CYS D 135 10.46 15.36 -25.34
N LEU D 136 9.42 14.56 -25.48
CA LEU D 136 9.54 13.12 -25.30
C LEU D 136 8.98 12.31 -26.47
N LEU D 137 9.84 11.42 -26.98
CA LEU D 137 9.46 10.41 -27.96
C LEU D 137 9.50 9.06 -27.24
N ASN D 138 8.41 8.32 -27.31
CA ASN D 138 8.20 7.16 -26.44
C ASN D 138 8.64 5.83 -27.06
N ASN D 139 7.93 5.38 -28.08
CA ASN D 139 8.24 4.10 -28.72
C ASN D 139 8.21 4.12 -30.25
N PHE D 140 9.38 4.39 -30.85
CA PHE D 140 9.52 4.47 -32.30
C PHE D 140 10.72 3.69 -32.84
N TYR D 141 10.68 3.42 -34.14
CA TYR D 141 11.78 2.79 -34.86
C TYR D 141 11.76 3.27 -36.32
N PRO D 142 12.93 3.59 -36.89
CA PRO D 142 14.26 3.55 -36.28
C PRO D 142 14.59 4.79 -35.44
N ARG D 143 15.80 4.83 -34.88
CA ARG D 143 16.20 5.92 -33.99
C ARG D 143 16.29 7.28 -34.67
N GLU D 144 16.66 7.31 -35.94
CA GLU D 144 16.85 8.58 -36.63
C GLU D 144 15.53 9.35 -36.69
N ALA D 145 15.50 10.48 -35.99
CA ALA D 145 14.30 11.32 -35.89
C ALA D 145 14.70 12.76 -35.66
N LYS D 146 13.97 13.68 -36.28
CA LYS D 146 14.28 15.09 -36.18
C LYS D 146 13.34 15.80 -35.21
N VAL D 147 13.90 16.38 -34.15
CA VAL D 147 13.12 17.08 -33.15
C VAL D 147 13.44 18.56 -33.20
N GLN D 148 12.44 19.38 -33.50
CA GLN D 148 12.65 20.82 -33.59
C GLN D 148 11.75 21.58 -32.63
N TRP D 149 12.32 22.59 -31.98
CA TRP D 149 11.56 23.44 -31.06
C TRP D 149 11.05 24.70 -31.76
N LYS D 150 9.80 25.05 -31.49
CA LYS D 150 9.19 26.25 -32.06
C LYS D 150 8.44 27.05 -31.00
N ASP D 152 5.39 30.01 -32.68
CA ASP D 152 5.91 30.25 -34.01
C ASP D 152 7.40 30.58 -33.98
N ASN D 153 7.91 30.85 -32.79
CA ASN D 153 9.29 31.28 -32.62
C ASN D 153 10.23 30.17 -33.08
N ALA D 154 11.52 30.46 -33.15
CA ALA D 154 12.47 29.43 -33.56
C ALA D 154 13.52 29.31 -32.48
N LEU D 155 13.60 28.11 -31.94
CA LEU D 155 14.46 27.83 -30.80
C LEU D 155 15.55 26.84 -31.20
N GLN D 156 15.84 26.78 -32.50
CA GLN D 156 16.85 25.87 -33.04
C GLN D 156 18.28 26.34 -32.78
N SER D 157 18.87 25.85 -31.69
CA SER D 157 20.23 26.20 -31.34
C SER D 157 20.95 25.08 -30.59
N GLY D 158 22.07 25.46 -29.95
CA GLY D 158 22.88 24.53 -29.20
C GLY D 158 22.38 24.32 -27.78
N ASN D 159 21.35 25.06 -27.39
CA ASN D 159 20.78 24.94 -26.06
C ASN D 159 20.06 23.62 -25.83
N SER D 160 19.73 22.93 -26.91
CA SER D 160 18.93 21.73 -26.78
C SER D 160 19.88 20.58 -26.76
N GLN D 161 19.61 19.62 -25.88
CA GLN D 161 20.43 18.42 -25.76
C GLN D 161 19.57 17.17 -25.77
N GLU D 162 19.96 16.20 -26.58
CA GLU D 162 19.19 14.98 -26.72
C GLU D 162 19.79 13.82 -25.95
N SER D 163 18.93 12.87 -25.59
CA SER D 163 19.36 11.65 -24.93
C SER D 163 18.50 10.48 -25.38
N VAL D 164 19.14 9.45 -25.91
CA VAL D 164 18.42 8.29 -26.43
C VAL D 164 18.70 7.07 -25.58
N THR D 165 17.64 6.40 -25.15
CA THR D 165 17.81 5.18 -24.38
C THR D 165 18.22 4.06 -25.32
N GLU D 166 18.71 2.96 -24.78
CA GLU D 166 19.09 1.82 -25.59
C GLU D 166 17.81 1.04 -25.93
N GLN D 167 17.87 0.21 -26.96
CA GLN D 167 16.69 -0.46 -27.47
C GLN D 167 15.95 -1.28 -26.40
N ASP D 168 14.66 -1.02 -26.27
CA ASP D 168 13.84 -1.70 -25.27
C ASP D 168 13.86 -3.21 -25.54
N SER D 169 13.70 -3.98 -24.47
CA SER D 169 13.85 -5.43 -24.55
C SER D 169 12.57 -6.24 -24.76
N LYS D 170 11.44 -5.57 -25.02
CA LYS D 170 10.18 -6.27 -25.24
C LYS D 170 9.57 -5.92 -26.60
N ASP D 171 9.55 -4.63 -26.92
CA ASP D 171 8.98 -4.19 -28.19
C ASP D 171 10.05 -3.67 -29.14
N SER D 172 11.29 -3.69 -28.68
CA SER D 172 12.45 -3.27 -29.48
C SER D 172 12.31 -1.86 -30.05
N THR D 173 11.80 -0.95 -29.24
CA THR D 173 11.62 0.43 -29.69
C THR D 173 12.59 1.37 -28.99
N TYR D 174 12.77 2.55 -29.57
CA TYR D 174 13.68 3.55 -29.03
C TYR D 174 12.91 4.66 -28.32
N SER D 175 13.59 5.37 -27.43
CA SER D 175 13.00 6.50 -26.73
C SER D 175 13.95 7.69 -26.72
N LEU D 176 13.42 8.86 -27.02
CA LEU D 176 14.25 10.08 -27.09
C LEU D 176 13.76 11.17 -26.16
N SER D 177 14.71 11.86 -25.52
CA SER D 177 14.39 12.99 -24.67
C SER D 177 15.17 14.22 -25.12
N SER D 178 14.45 15.28 -25.50
CA SER D 178 15.06 16.52 -25.92
C SER D 178 14.90 17.57 -24.83
N THR D 179 15.98 17.86 -24.12
CA THR D 179 15.94 18.82 -23.03
C THR D 179 16.33 20.20 -23.53
N LEU D 180 15.42 21.15 -23.35
CA LEU D 180 15.66 22.54 -23.74
C LEU D 180 15.91 23.42 -22.52
N THR D 181 17.10 24.02 -22.47
CA THR D 181 17.49 24.84 -21.33
C THR D 181 17.54 26.33 -21.68
N LEU D 182 16.69 27.10 -21.00
CA LEU D 182 16.63 28.55 -21.18
C LEU D 182 16.68 29.23 -19.81
N SER D 183 16.64 30.55 -19.78
CA SER D 183 16.54 31.28 -18.52
C SER D 183 15.07 31.55 -18.18
N LYS D 184 14.77 31.82 -16.91
CA LYS D 184 13.40 32.13 -16.50
C LYS D 184 12.92 33.41 -17.18
N ALA D 185 13.86 34.35 -17.33
CA ALA D 185 13.59 35.62 -17.98
C ALA D 185 13.05 35.37 -19.37
N ASP D 186 13.77 34.56 -20.14
CA ASP D 186 13.36 34.26 -21.51
C ASP D 186 12.13 33.35 -21.50
N TYR D 187 11.95 32.59 -20.42
CA TYR D 187 10.79 31.71 -20.33
C TYR D 187 9.54 32.58 -20.30
N GLU D 188 9.59 33.66 -19.54
CA GLU D 188 8.41 34.53 -19.46
C GLU D 188 8.38 35.64 -20.51
N LYS D 189 9.49 35.88 -21.20
CA LYS D 189 9.50 36.85 -22.29
C LYS D 189 8.83 36.28 -23.54
N HIS D 190 8.96 34.97 -23.73
CA HIS D 190 8.40 34.31 -24.91
C HIS D 190 7.39 33.24 -24.48
N VAL D 192 4.48 31.20 -26.52
CA VAL D 192 4.07 29.81 -26.70
C VAL D 192 5.26 28.93 -27.09
N TYR D 193 5.36 27.76 -26.45
CA TYR D 193 6.44 26.82 -26.76
C TYR D 193 5.87 25.53 -27.33
N ALA D 194 6.40 25.12 -28.48
CA ALA D 194 5.89 23.98 -29.22
C ALA D 194 7.00 23.02 -29.60
N CYS D 195 6.68 21.73 -29.68
CA CYS D 195 7.65 20.73 -30.10
C CYS D 195 7.17 19.95 -31.32
N GLU D 196 7.90 20.08 -32.43
CA GLU D 196 7.56 19.39 -33.67
C GLU D 196 8.51 18.23 -33.96
N VAL D 197 7.94 17.06 -34.22
CA VAL D 197 8.72 15.85 -34.45
C VAL D 197 8.50 15.27 -35.85
N THR D 198 9.60 15.06 -36.58
CA THR D 198 9.57 14.44 -37.90
C THR D 198 10.26 13.08 -37.87
N HIS D 199 9.50 12.03 -38.22
CA HIS D 199 10.02 10.67 -38.17
C HIS D 199 9.51 9.77 -39.30
N GLN D 200 10.20 8.66 -39.51
CA GLN D 200 9.86 7.68 -40.54
C GLN D 200 8.48 7.08 -40.32
N GLY D 201 8.10 6.89 -39.06
CA GLY D 201 6.82 6.31 -38.71
C GLY D 201 5.66 7.27 -38.93
N LEU D 202 5.96 8.55 -39.01
CA LEU D 202 4.95 9.58 -39.20
C LEU D 202 4.81 9.93 -40.68
N SER D 203 3.58 10.14 -41.12
CA SER D 203 3.32 10.53 -42.51
C SER D 203 3.68 12.01 -42.72
N SER D 204 3.61 12.78 -41.63
CA SER D 204 3.91 14.20 -41.66
C SER D 204 4.26 14.68 -40.27
N PRO D 205 5.22 15.64 -40.18
CA PRO D 205 5.71 16.20 -38.91
C PRO D 205 4.60 16.55 -37.92
N VAL D 206 4.62 15.89 -36.77
CA VAL D 206 3.61 16.07 -35.74
C VAL D 206 4.00 17.16 -34.75
N THR D 207 3.16 18.19 -34.63
CA THR D 207 3.43 19.29 -33.71
C THR D 207 2.60 19.13 -32.45
N LYS D 208 3.25 19.28 -31.30
CA LYS D 208 2.54 19.26 -30.01
C LYS D 208 3.03 20.39 -29.11
N ASP E 1 -42.90 19.84 -0.46
CA ASP E 1 -42.36 19.15 -1.62
C ASP E 1 -42.98 19.67 -2.91
N ILE E 2 -42.72 20.94 -3.21
CA ILE E 2 -43.33 21.60 -4.37
C ILE E 2 -42.43 21.42 -5.59
N GLN E 3 -43.05 21.21 -6.75
CA GLN E 3 -42.31 20.92 -7.98
C GLN E 3 -42.42 22.07 -8.97
N MET E 4 -41.30 22.77 -9.14
CA MET E 4 -41.22 23.95 -9.97
C MET E 4 -41.40 23.71 -11.48
N THR E 5 -42.53 24.14 -11.99
CA THR E 5 -42.81 24.03 -13.42
C THR E 5 -42.39 25.35 -14.09
N GLN E 6 -41.65 25.25 -15.21
CA GLN E 6 -41.16 26.48 -15.88
C GLN E 6 -41.61 26.53 -17.34
N SER E 7 -42.18 27.68 -17.75
CA SER E 7 -42.65 27.92 -19.14
C SER E 7 -42.20 29.31 -19.58
N PRO E 8 -42.02 29.61 -20.89
CA PRO E 8 -42.02 28.61 -21.96
C PRO E 8 -40.76 27.74 -21.96
N ALA E 9 -40.87 26.52 -22.49
CA ALA E 9 -39.73 25.56 -22.54
C ALA E 9 -38.59 26.11 -23.40
N SER E 10 -38.90 26.74 -24.54
CA SER E 10 -37.83 27.26 -25.43
C SER E 10 -37.99 28.76 -25.69
N LEU E 11 -36.92 29.53 -25.48
CA LEU E 11 -36.96 30.97 -25.72
C LEU E 11 -35.90 31.35 -26.76
N SER E 12 -36.05 32.50 -27.38
CA SER E 12 -35.11 32.96 -28.40
C SER E 12 -35.01 34.48 -28.46
N ALA E 13 -33.82 34.98 -28.78
CA ALA E 13 -33.59 36.41 -28.90
C ALA E 13 -32.38 36.72 -29.77
N SER E 14 -32.31 37.95 -30.26
CA SER E 14 -31.20 38.39 -31.10
C SER E 14 -29.94 38.64 -30.29
N LEU E 15 -28.83 38.89 -30.98
CA LEU E 15 -27.54 39.15 -30.34
C LEU E 15 -27.36 40.59 -29.90
N GLY E 16 -27.04 40.79 -28.63
CA GLY E 16 -26.80 42.12 -28.10
C GLY E 16 -27.95 42.65 -27.26
N GLU E 17 -29.12 42.03 -27.40
CA GLU E 17 -30.28 42.43 -26.63
C GLU E 17 -30.36 41.64 -25.34
N THR E 18 -31.17 42.12 -24.40
CA THR E 18 -31.28 41.50 -23.09
C THR E 18 -32.41 40.49 -23.07
N VAL E 19 -32.29 39.49 -22.19
CA VAL E 19 -33.32 38.46 -22.05
C VAL E 19 -33.69 38.25 -20.60
N THR E 20 -34.99 38.07 -20.35
CA THR E 20 -35.47 37.78 -19.01
C THR E 20 -36.11 36.40 -18.98
N ILE E 21 -35.43 35.48 -18.29
CA ILE E 21 -35.89 34.11 -18.11
C ILE E 21 -36.64 34.02 -16.79
N GLU E 22 -37.92 33.68 -16.88
CA GLU E 22 -38.79 33.64 -15.71
C GLU E 22 -38.68 32.30 -15.03
N CYS E 23 -38.61 32.25 -13.69
CA CYS E 23 -38.66 30.92 -13.01
C CYS E 23 -39.54 31.03 -11.77
N ARG E 24 -40.71 30.37 -11.81
CA ARG E 24 -41.71 30.41 -10.71
C ARG E 24 -41.47 29.28 -9.71
N ALA E 25 -41.69 29.57 -8.42
CA ALA E 25 -41.56 28.61 -7.33
C ALA E 25 -42.88 28.28 -6.67
N LEU E 33 -32.41 30.27 -3.81
CA LEU E 33 -32.65 29.74 -5.15
C LEU E 33 -31.35 29.73 -5.96
N ALA E 34 -31.26 28.80 -6.91
CA ALA E 34 -30.05 28.70 -7.73
C ALA E 34 -30.33 28.63 -9.24
N TRP E 35 -29.48 29.33 -10.00
CA TRP E 35 -29.56 29.36 -11.46
C TRP E 35 -28.38 28.63 -12.09
N TYR E 36 -28.69 27.66 -12.96
CA TYR E 36 -27.72 26.81 -13.64
C TYR E 36 -27.81 26.91 -15.16
N GLN E 37 -26.66 27.03 -15.81
CA GLN E 37 -26.58 27.07 -17.27
C GLN E 37 -25.95 25.81 -17.85
N GLN E 38 -26.64 25.21 -18.82
CA GLN E 38 -26.14 24.01 -19.51
C GLN E 38 -25.77 24.31 -20.95
N LYS E 39 -24.48 24.24 -21.25
CA LYS E 39 -23.96 24.50 -22.59
C LYS E 39 -24.29 23.34 -23.53
N PRO E 40 -24.37 23.64 -24.85
CA PRO E 40 -24.71 22.59 -25.83
C PRO E 40 -23.66 21.48 -25.86
N GLY E 41 -24.10 20.24 -25.67
CA GLY E 41 -23.22 19.10 -25.69
C GLY E 41 -22.28 19.06 -24.50
N LYS E 42 -22.63 19.81 -23.46
CA LYS E 42 -21.80 19.89 -22.27
C LYS E 42 -22.62 19.83 -20.98
N SER E 43 -21.95 19.50 -19.88
CA SER E 43 -22.59 19.45 -18.57
C SER E 43 -22.92 20.87 -18.08
N PRO E 44 -24.04 21.02 -17.38
CA PRO E 44 -24.50 22.32 -16.84
C PRO E 44 -23.56 22.96 -15.82
N GLN E 45 -23.55 24.29 -15.78
CA GLN E 45 -22.72 25.03 -14.82
C GLN E 45 -23.56 25.94 -13.94
N LEU E 46 -23.04 26.22 -12.75
CA LEU E 46 -23.69 27.11 -11.80
C LEU E 46 -23.49 28.56 -12.18
N LEU E 47 -24.58 29.32 -12.24
CA LEU E 47 -24.46 30.73 -12.55
C LEU E 47 -24.78 31.63 -11.36
N ILE E 48 -25.98 31.49 -10.79
CA ILE E 48 -26.39 32.44 -9.75
C ILE E 48 -26.92 31.83 -8.45
N TYR E 49 -26.37 32.29 -7.32
CA TYR E 49 -26.82 31.84 -6.01
C TYR E 49 -27.69 32.91 -5.34
N GLY E 57 -15.23 32.57 -11.45
CA GLY E 57 -15.82 33.87 -11.69
C GLY E 57 -16.56 33.96 -13.01
N VAL E 58 -17.89 33.98 -12.92
CA VAL E 58 -18.76 34.07 -14.09
C VAL E 58 -18.71 35.49 -14.66
N PRO E 59 -18.86 35.63 -15.99
CA PRO E 59 -18.83 36.96 -16.60
C PRO E 59 -19.94 37.86 -16.07
N SER E 60 -19.59 39.14 -15.88
CA SER E 60 -20.45 40.15 -15.28
C SER E 60 -21.78 40.39 -16.00
N ARG E 61 -21.86 40.00 -17.27
CA ARG E 61 -23.06 40.22 -18.07
C ARG E 61 -24.31 39.64 -17.41
N PHE E 62 -24.20 38.41 -16.93
CA PHE E 62 -25.33 37.73 -16.29
C PHE E 62 -25.72 38.44 -14.99
N SER E 63 -27.03 38.59 -14.78
CA SER E 63 -27.55 39.25 -13.59
C SER E 63 -28.73 38.49 -13.01
N GLY E 64 -28.89 38.59 -11.70
CA GLY E 64 -29.97 37.90 -11.00
C GLY E 64 -31.02 38.85 -10.44
N SER E 65 -32.28 38.57 -10.73
CA SER E 65 -33.38 39.41 -10.28
C SER E 65 -34.52 38.58 -9.72
N THR E 69 -41.18 35.90 -3.92
CA THR E 69 -41.80 34.60 -4.21
C THR E 69 -41.38 34.08 -5.59
N GLN E 70 -41.23 35.01 -6.53
CA GLN E 70 -40.96 34.69 -7.93
C GLN E 70 -39.60 35.25 -8.34
N PHE E 71 -38.82 34.47 -9.09
CA PHE E 71 -37.50 34.99 -9.47
C PHE E 71 -37.23 34.92 -10.96
N SER E 72 -36.28 35.71 -11.42
CA SER E 72 -35.92 35.74 -12.83
C SER E 72 -34.43 35.93 -13.04
N LEU E 73 -33.93 35.40 -14.15
CA LEU E 73 -32.52 35.54 -14.52
C LEU E 73 -32.45 36.42 -15.75
N LYS E 74 -31.62 37.46 -15.68
CA LYS E 74 -31.51 38.41 -16.78
C LYS E 74 -30.15 38.34 -17.41
N ILE E 75 -30.11 38.15 -18.73
CA ILE E 75 -28.84 38.13 -19.44
C ILE E 75 -28.73 39.41 -20.26
N ASN E 76 -27.65 40.15 -20.06
CA ASN E 76 -27.47 41.44 -20.80
C ASN E 76 -26.31 41.29 -21.80
N SER E 77 -26.51 41.80 -23.02
CA SER E 77 -25.48 41.73 -24.10
C SER E 77 -25.04 40.27 -24.30
N LEU E 78 -26.01 39.35 -24.38
CA LEU E 78 -25.70 37.91 -24.54
C LEU E 78 -24.90 37.71 -25.84
N GLN E 79 -23.88 36.86 -25.78
CA GLN E 79 -22.99 36.58 -26.95
C GLN E 79 -23.41 35.24 -27.58
N SER E 80 -22.65 34.80 -28.59
CA SER E 80 -22.88 33.53 -29.28
C SER E 80 -22.71 32.31 -28.35
N GLU E 81 -21.89 32.47 -27.34
CA GLU E 81 -21.56 31.42 -26.37
C GLU E 81 -22.66 31.26 -25.34
N ASP E 82 -23.66 32.13 -25.43
CA ASP E 82 -24.77 32.13 -24.49
C ASP E 82 -25.94 31.19 -24.83
N VAL E 83 -25.95 30.58 -26.00
CA VAL E 83 -27.01 29.62 -26.35
C VAL E 83 -26.96 28.41 -25.43
N ALA E 84 -28.03 28.17 -24.66
CA ALA E 84 -27.96 27.12 -23.63
C ALA E 84 -29.30 26.77 -23.00
N SER E 85 -29.30 25.77 -22.12
CA SER E 85 -30.51 25.42 -21.37
C SER E 85 -30.36 25.75 -19.89
N TYR E 86 -31.29 26.56 -19.36
CA TYR E 86 -31.17 27.04 -17.99
C TYR E 86 -32.18 26.44 -17.03
N PHE E 87 -31.70 26.05 -15.87
CA PHE E 87 -32.56 25.47 -14.84
C PHE E 87 -32.43 26.21 -13.52
N CYS E 88 -33.50 26.20 -12.73
CA CYS E 88 -33.54 26.77 -11.38
C CYS E 88 -33.54 25.68 -10.31
N LEU E 89 -33.32 26.08 -9.06
CA LEU E 89 -33.21 25.18 -7.93
C LEU E 89 -33.74 25.80 -6.64
N GLN E 90 -34.53 25.04 -5.88
CA GLN E 90 -35.07 25.54 -4.63
C GLN E 90 -34.32 24.98 -3.43
N PHE E 99 -35.12 21.14 -9.02
CA PHE E 99 -34.75 21.70 -10.34
C PHE E 99 -36.01 22.14 -11.09
N GLY E 100 -35.84 22.96 -12.14
CA GLY E 100 -36.98 23.45 -12.94
C GLY E 100 -37.19 22.59 -14.17
N ALA E 101 -38.16 22.96 -15.01
CA ALA E 101 -38.46 22.23 -16.23
C ALA E 101 -37.36 22.47 -17.26
N GLY E 102 -36.79 23.67 -17.23
CA GLY E 102 -35.71 24.03 -18.13
C GLY E 102 -36.12 24.94 -19.26
N ALA E 103 -35.43 26.06 -19.38
CA ALA E 103 -35.66 27.01 -20.46
C ALA E 103 -34.58 26.89 -21.52
N LYS E 104 -34.98 26.55 -22.75
CA LYS E 104 -34.02 26.39 -23.83
C LYS E 104 -33.85 27.72 -24.56
N LEU E 105 -32.77 28.41 -24.25
CA LEU E 105 -32.48 29.71 -24.85
C LEU E 105 -31.66 29.56 -26.12
N GLU E 106 -32.31 29.97 -27.22
CA GLU E 106 -31.72 30.00 -28.55
C GLU E 106 -31.47 31.44 -28.98
N LEU E 107 -30.80 31.61 -30.12
CA LEU E 107 -30.44 32.93 -30.60
C LEU E 107 -31.09 33.24 -31.95
N ARG E 108 -31.14 34.52 -32.30
CA ARG E 108 -31.72 34.96 -33.57
C ARG E 108 -30.69 35.63 -34.48
N ARG E 109 -30.41 34.99 -35.62
CA ARG E 109 -29.49 35.53 -36.60
C ARG E 109 -30.23 35.95 -37.88
N THR E 110 -29.55 36.72 -38.74
CA THR E 110 -30.07 37.05 -40.05
C THR E 110 -30.10 35.80 -40.93
N VAL E 111 -30.75 35.89 -42.09
CA VAL E 111 -30.86 34.75 -42.98
C VAL E 111 -29.50 34.33 -43.53
N ALA E 112 -29.27 33.03 -43.56
CA ALA E 112 -28.05 32.47 -44.13
C ALA E 112 -28.40 31.32 -45.07
N ALA E 113 -27.92 31.40 -46.30
CA ALA E 113 -28.18 30.34 -47.28
C ALA E 113 -27.29 29.14 -47.02
N PRO E 114 -27.88 27.95 -46.97
CA PRO E 114 -27.14 26.71 -46.69
C PRO E 114 -26.27 26.28 -47.86
N SER E 115 -25.12 25.68 -47.55
CA SER E 115 -24.30 25.09 -48.59
C SER E 115 -24.67 23.63 -48.69
N VAL E 116 -25.28 23.26 -49.81
CA VAL E 116 -25.76 21.91 -50.02
C VAL E 116 -24.72 21.03 -50.71
N PHE E 117 -24.50 19.84 -50.16
CA PHE E 117 -23.63 18.85 -50.76
C PHE E 117 -24.31 17.48 -50.72
N ILE E 118 -23.96 16.63 -51.67
CA ILE E 118 -24.56 15.29 -51.71
C ILE E 118 -23.47 14.23 -51.75
N PHE E 119 -23.67 13.19 -50.96
CA PHE E 119 -22.67 12.14 -50.78
C PHE E 119 -23.25 10.79 -51.15
N PRO E 120 -22.68 10.17 -52.19
CA PRO E 120 -23.04 8.86 -52.72
C PRO E 120 -22.60 7.74 -51.78
N PRO E 121 -23.25 6.57 -51.89
CA PRO E 121 -22.93 5.42 -51.04
C PRO E 121 -21.52 4.87 -51.30
N SER E 122 -20.83 4.51 -50.23
CA SER E 122 -19.46 4.00 -50.35
C SER E 122 -19.47 2.56 -50.84
N ASP E 123 -18.36 2.14 -51.45
CA ASP E 123 -18.26 0.81 -52.02
C ASP E 123 -17.96 -0.25 -50.95
N GLU E 124 -17.84 0.18 -49.70
CA GLU E 124 -17.60 -0.75 -48.61
C GLU E 124 -18.88 -1.17 -47.90
N GLN E 125 -19.91 -0.34 -48.03
CA GLN E 125 -21.20 -0.68 -47.44
C GLN E 125 -22.07 -1.45 -48.42
N LEU E 126 -21.59 -1.57 -49.66
CA LEU E 126 -22.29 -2.37 -50.65
C LEU E 126 -21.96 -3.83 -50.41
N LYS E 127 -20.92 -4.07 -49.63
CA LYS E 127 -20.56 -5.42 -49.23
C LYS E 127 -21.33 -5.78 -47.95
N SER E 128 -22.03 -4.79 -47.39
CA SER E 128 -22.84 -4.98 -46.20
C SER E 128 -24.26 -5.41 -46.57
N GLY E 129 -24.70 -5.01 -47.77
CA GLY E 129 -26.04 -5.33 -48.25
C GLY E 129 -27.03 -4.19 -48.11
N THR E 130 -26.60 -3.07 -47.53
CA THR E 130 -27.45 -1.89 -47.36
C THR E 130 -26.73 -0.63 -47.81
N ALA E 131 -27.47 0.29 -48.45
CA ALA E 131 -26.85 1.51 -48.95
C ALA E 131 -27.42 2.76 -48.29
N SER E 132 -26.52 3.66 -47.88
CA SER E 132 -26.91 4.92 -47.27
C SER E 132 -26.34 6.12 -48.02
N VAL E 133 -27.22 6.90 -48.66
CA VAL E 133 -26.77 8.11 -49.35
C VAL E 133 -27.12 9.34 -48.51
N VAL E 134 -26.13 10.19 -48.27
CA VAL E 134 -26.30 11.28 -47.30
C VAL E 134 -26.30 12.67 -47.92
N CYS E 135 -27.29 13.48 -47.57
CA CYS E 135 -27.34 14.87 -48.02
C CYS E 135 -26.98 15.81 -46.88
N LEU E 136 -26.20 16.84 -47.17
CA LEU E 136 -25.71 17.75 -46.13
C LEU E 136 -25.99 19.21 -46.45
N LEU E 137 -26.66 19.90 -45.53
CA LEU E 137 -26.86 21.34 -45.61
C LEU E 137 -26.08 22.03 -44.52
N ASN E 138 -25.18 22.97 -44.85
CA ASN E 138 -24.38 23.55 -43.74
C ASN E 138 -24.50 25.08 -43.64
N ASN E 139 -24.28 25.60 -42.42
CA ASN E 139 -24.24 27.06 -42.10
C ASN E 139 -25.50 27.82 -42.56
N PHE E 140 -26.70 27.38 -42.16
CA PHE E 140 -27.92 28.12 -42.59
C PHE E 140 -28.79 28.54 -41.40
N TYR E 141 -29.58 29.60 -41.59
CA TYR E 141 -30.56 30.08 -40.63
C TYR E 141 -31.75 30.65 -41.40
N PRO E 142 -32.98 30.36 -40.95
CA PRO E 142 -33.34 29.55 -39.78
C PRO E 142 -33.34 28.04 -40.07
N ARG E 143 -33.69 27.26 -39.05
CA ARG E 143 -33.65 25.81 -39.14
C ARG E 143 -34.65 25.24 -40.15
N GLU E 144 -35.79 25.93 -40.30
CA GLU E 144 -36.84 25.45 -41.20
C GLU E 144 -36.36 25.40 -42.64
N ALA E 145 -36.28 24.18 -43.16
CA ALA E 145 -35.83 23.94 -44.53
C ALA E 145 -36.46 22.65 -45.06
N LYS E 146 -36.86 22.65 -46.32
CA LYS E 146 -37.52 21.50 -46.91
C LYS E 146 -36.55 20.74 -47.80
N VAL E 147 -36.27 19.49 -47.44
CA VAL E 147 -35.36 18.65 -48.20
C VAL E 147 -36.09 17.47 -48.83
N GLN E 148 -36.03 17.39 -50.16
CA GLN E 148 -36.70 16.31 -50.87
C GLN E 148 -35.74 15.47 -51.70
N TRP E 149 -35.95 14.16 -51.66
CA TRP E 149 -35.15 13.21 -52.43
C TRP E 149 -35.78 12.88 -53.77
N LYS E 150 -34.98 12.80 -54.82
CA LYS E 150 -35.49 12.47 -56.15
C LYS E 150 -34.64 11.40 -56.83
N VAL E 151 -35.26 10.27 -57.14
CA VAL E 151 -34.55 9.17 -57.81
C VAL E 151 -35.17 8.91 -59.17
N ASP E 152 -34.40 9.19 -60.23
CA ASP E 152 -34.92 9.07 -61.62
C ASP E 152 -36.20 9.90 -61.68
N ASN E 153 -36.16 11.09 -61.07
CA ASN E 153 -37.28 12.05 -60.99
C ASN E 153 -38.49 11.45 -60.27
N ALA E 154 -38.27 10.63 -59.25
CA ALA E 154 -39.40 10.08 -58.45
C ALA E 154 -39.25 10.54 -57.01
N LEU E 155 -40.31 11.12 -56.44
CA LEU E 155 -40.25 11.64 -55.04
C LEU E 155 -40.37 10.49 -54.04
N GLN E 156 -39.24 10.05 -53.51
CA GLN E 156 -39.17 9.00 -52.50
C GLN E 156 -39.51 9.58 -51.13
N SER E 157 -40.34 8.86 -50.37
CA SER E 157 -40.77 9.38 -49.05
C SER E 157 -41.01 8.25 -48.05
N GLY E 158 -40.80 8.54 -46.76
CA GLY E 158 -40.99 7.57 -45.66
C GLY E 158 -39.77 6.68 -45.44
N ASN E 159 -38.70 6.92 -46.20
CA ASN E 159 -37.46 6.12 -46.11
C ASN E 159 -36.28 7.02 -45.72
N SER E 160 -36.49 8.34 -45.73
CA SER E 160 -35.43 9.28 -45.39
C SER E 160 -35.55 9.78 -43.96
N GLN E 161 -34.42 10.01 -43.30
CA GLN E 161 -34.38 10.45 -41.91
C GLN E 161 -33.48 11.69 -41.71
N GLU E 162 -33.98 12.72 -41.05
CA GLU E 162 -33.18 13.95 -40.86
C GLU E 162 -32.62 14.11 -39.45
N SER E 163 -31.52 14.84 -39.34
CA SER E 163 -30.91 15.16 -38.05
C SER E 163 -30.26 16.54 -38.10
N VAL E 164 -30.66 17.42 -37.19
CA VAL E 164 -30.13 18.79 -37.16
C VAL E 164 -29.27 19.07 -35.92
N THR E 165 -28.08 19.62 -36.14
CA THR E 165 -27.18 19.96 -35.03
C THR E 165 -27.65 21.20 -34.29
N GLU E 166 -27.08 21.44 -33.12
CA GLU E 166 -27.40 22.64 -32.34
C GLU E 166 -26.67 23.86 -32.87
N GLN E 167 -27.20 25.03 -32.54
CA GLN E 167 -26.68 26.30 -33.05
C GLN E 167 -25.23 26.54 -32.66
N ASP E 168 -24.41 26.88 -33.65
CA ASP E 168 -22.98 27.11 -33.46
C ASP E 168 -22.68 28.22 -32.46
N SER E 169 -21.53 28.12 -31.80
CA SER E 169 -21.13 29.08 -30.78
C SER E 169 -20.26 30.17 -31.37
N LYS E 170 -20.12 30.17 -32.69
CA LYS E 170 -19.29 31.18 -33.36
C LYS E 170 -20.06 31.99 -34.41
N ASP E 171 -20.79 31.31 -35.29
CA ASP E 171 -21.54 32.00 -36.32
C ASP E 171 -23.05 31.84 -36.11
N SER E 172 -23.41 31.10 -35.07
CA SER E 172 -24.79 30.87 -34.68
C SER E 172 -25.65 30.32 -35.82
N THR E 173 -25.10 29.39 -36.60
CA THR E 173 -25.83 28.79 -37.72
C THR E 173 -26.18 27.31 -37.49
N TYR E 174 -27.13 26.82 -38.27
CA TYR E 174 -27.56 25.43 -38.18
C TYR E 174 -27.01 24.59 -39.32
N SER E 175 -26.97 23.28 -39.08
CA SER E 175 -26.49 22.26 -40.06
C SER E 175 -27.47 21.09 -40.05
N LEU E 176 -27.92 20.65 -41.22
CA LEU E 176 -28.86 19.53 -41.30
C LEU E 176 -28.31 18.38 -42.14
N SER E 177 -28.58 17.16 -41.70
CA SER E 177 -28.17 15.98 -42.45
C SER E 177 -29.38 15.10 -42.75
N SER E 178 -29.62 14.88 -44.04
CA SER E 178 -30.71 14.02 -44.47
C SER E 178 -30.17 12.70 -44.97
N THR E 179 -30.33 11.66 -44.18
CA THR E 179 -29.82 10.33 -44.51
C THR E 179 -30.89 9.51 -45.21
N LEU E 180 -30.57 9.05 -46.41
CA LEU E 180 -31.48 8.21 -47.17
C LEU E 180 -30.99 6.76 -47.13
N THR E 181 -31.81 5.89 -46.56
CA THR E 181 -31.44 4.49 -46.40
C THR E 181 -32.23 3.59 -47.33
N LEU E 182 -31.52 2.91 -48.23
CA LEU E 182 -32.13 1.97 -49.16
C LEU E 182 -31.39 0.64 -49.14
N SER E 183 -31.93 -0.33 -49.90
CA SER E 183 -31.28 -1.62 -50.06
C SER E 183 -30.36 -1.60 -51.27
N LYS E 184 -29.40 -2.53 -51.29
CA LYS E 184 -28.47 -2.64 -52.41
C LYS E 184 -29.22 -2.99 -53.70
N ALA E 185 -30.26 -3.82 -53.54
CA ALA E 185 -31.11 -4.23 -54.66
C ALA E 185 -31.76 -3.03 -55.35
N ASP E 186 -32.43 -2.19 -54.56
CA ASP E 186 -33.14 -1.04 -55.09
C ASP E 186 -32.22 0.09 -55.56
N TYR E 187 -31.03 0.15 -54.97
CA TYR E 187 -30.06 1.18 -55.31
C TYR E 187 -29.54 1.10 -56.74
N GLU E 188 -29.29 -0.11 -57.22
CA GLU E 188 -28.69 -0.30 -58.53
C GLU E 188 -29.69 -0.33 -59.69
N LYS E 189 -30.97 -0.35 -59.36
CA LYS E 189 -32.01 -0.30 -60.39
C LYS E 189 -32.09 1.08 -61.04
N HIS E 190 -31.66 2.10 -60.31
CA HIS E 190 -31.83 3.48 -60.77
C HIS E 190 -30.51 4.19 -61.04
N LYS E 191 -30.57 5.20 -61.92
CA LYS E 191 -29.38 5.89 -62.40
C LYS E 191 -29.03 7.16 -61.62
N VAL E 192 -29.97 8.09 -61.53
CA VAL E 192 -29.69 9.39 -60.92
C VAL E 192 -30.29 9.57 -59.53
N TYR E 193 -29.48 10.06 -58.60
CA TYR E 193 -29.93 10.37 -57.25
C TYR E 193 -29.75 11.85 -56.97
N ALA E 194 -30.83 12.50 -56.53
CA ALA E 194 -30.86 13.94 -56.39
C ALA E 194 -31.37 14.40 -55.03
N CYS E 195 -30.80 15.52 -54.57
CA CYS E 195 -31.23 16.16 -53.33
C CYS E 195 -31.64 17.60 -53.61
N GLU E 196 -32.91 17.90 -53.39
CA GLU E 196 -33.44 19.24 -53.63
C GLU E 196 -33.70 19.97 -52.31
N VAL E 197 -33.17 21.17 -52.18
CA VAL E 197 -33.28 21.95 -50.95
C VAL E 197 -34.00 23.28 -51.14
N THR E 198 -35.06 23.49 -50.35
CA THR E 198 -35.77 24.76 -50.34
C THR E 198 -35.59 25.44 -48.99
N HIS E 199 -35.02 26.64 -49.01
CA HIS E 199 -34.75 27.38 -47.78
C HIS E 199 -34.95 28.87 -47.99
N GLN E 200 -35.12 29.60 -46.90
CA GLN E 200 -35.35 31.05 -46.95
C GLN E 200 -34.15 31.78 -47.56
N GLY E 201 -32.95 31.24 -47.30
CA GLY E 201 -31.73 31.85 -47.81
C GLY E 201 -31.55 31.68 -49.29
N LEU E 202 -32.28 30.74 -49.88
CA LEU E 202 -32.18 30.49 -51.31
C LEU E 202 -33.25 31.26 -52.09
N SER E 203 -32.87 31.79 -53.24
CA SER E 203 -33.80 32.51 -54.10
C SER E 203 -34.70 31.51 -54.82
N SER E 204 -34.19 30.29 -54.98
CA SER E 204 -34.91 29.22 -55.65
C SER E 204 -34.33 27.88 -55.21
N PRO E 205 -35.20 26.86 -55.04
CA PRO E 205 -34.79 25.52 -54.60
C PRO E 205 -33.55 24.98 -55.32
N VAL E 206 -32.49 24.76 -54.55
CA VAL E 206 -31.23 24.29 -55.14
C VAL E 206 -31.15 22.76 -55.13
N THR E 207 -31.05 22.18 -56.32
CA THR E 207 -30.94 20.74 -56.46
C THR E 207 -29.51 20.33 -56.84
N LYS E 208 -28.98 19.32 -56.16
CA LYS E 208 -27.69 18.75 -56.53
C LYS E 208 -27.78 17.24 -56.57
N SER E 209 -27.19 16.66 -57.61
CA SER E 209 -27.39 15.25 -57.90
C SER E 209 -26.11 14.55 -58.31
N PHE E 210 -26.17 13.22 -58.35
CA PHE E 210 -25.07 12.41 -58.85
C PHE E 210 -25.61 11.14 -59.52
N ASN E 211 -24.82 10.57 -60.42
CA ASN E 211 -25.20 9.34 -61.08
C ASN E 211 -24.36 8.18 -60.52
N ARG E 212 -24.99 7.02 -60.43
CA ARG E 212 -24.32 5.81 -59.86
C ARG E 212 -23.01 5.54 -60.60
N GLY E 213 -21.90 5.47 -59.85
CA GLY E 213 -20.60 5.15 -60.40
C GLY E 213 -20.17 6.09 -61.51
N GLU E 214 -20.11 7.38 -61.20
CA GLU E 214 -19.78 8.39 -62.20
C GLU E 214 -18.48 9.10 -61.84
N CYS E 215 -17.36 8.41 -62.05
CA CYS E 215 -16.03 8.95 -61.78
C CYS E 215 -15.88 9.45 -60.34
N ASP F 1 19.53 -28.92 9.68
CA ASP F 1 20.42 -28.83 10.82
C ASP F 1 19.84 -27.93 11.91
N ILE F 2 19.18 -26.86 11.50
CA ILE F 2 18.66 -25.87 12.43
C ILE F 2 17.22 -26.23 12.86
N GLN F 3 16.93 -26.03 14.14
CA GLN F 3 15.67 -26.46 14.74
C GLN F 3 14.77 -25.32 15.26
N MET F 4 13.72 -25.04 14.49
CA MET F 4 12.75 -23.98 14.78
C MET F 4 11.57 -24.43 15.65
N THR F 5 11.73 -24.39 16.97
CA THR F 5 10.66 -24.85 17.88
C THR F 5 9.71 -23.71 18.26
N GLN F 6 8.41 -23.99 18.16
CA GLN F 6 7.34 -22.99 18.46
C GLN F 6 6.26 -23.62 19.36
N SER F 7 6.08 -23.07 20.56
CA SER F 7 5.08 -23.56 21.55
C SER F 7 4.33 -22.37 22.15
N PRO F 8 3.11 -22.54 22.71
CA PRO F 8 2.25 -23.71 22.49
C PRO F 8 1.59 -23.71 21.11
N ALA F 9 1.09 -24.86 20.68
CA ALA F 9 0.46 -25.02 19.35
C ALA F 9 -0.77 -24.12 19.20
N SER F 10 -1.59 -23.99 20.25
CA SER F 10 -2.82 -23.14 20.12
C SER F 10 -2.87 -22.07 21.20
N LEU F 11 -3.05 -20.81 20.80
CA LEU F 11 -3.19 -19.70 21.75
C LEU F 11 -4.53 -19.00 21.56
N SER F 12 -4.98 -18.29 22.60
CA SER F 12 -6.27 -17.60 22.53
C SER F 12 -6.30 -16.36 23.43
N ALA F 13 -7.03 -15.34 22.99
CA ALA F 13 -7.19 -14.10 23.76
C ALA F 13 -8.45 -13.37 23.33
N SER F 14 -8.89 -12.44 24.16
CA SER F 14 -10.09 -11.66 23.88
C SER F 14 -9.84 -10.63 22.80
N LEU F 15 -10.90 -9.96 22.37
CA LEU F 15 -10.80 -8.93 21.34
C LEU F 15 -10.41 -7.60 21.96
N GLY F 16 -9.34 -7.00 21.45
CA GLY F 16 -8.85 -5.74 21.98
C GLY F 16 -7.60 -5.93 22.82
N GLU F 17 -7.36 -7.17 23.24
CA GLU F 17 -6.17 -7.47 24.04
C GLU F 17 -5.01 -7.88 23.15
N THR F 18 -3.81 -7.82 23.70
CA THR F 18 -2.60 -8.11 22.94
C THR F 18 -2.16 -9.56 23.10
N VAL F 19 -1.44 -10.08 22.10
CA VAL F 19 -0.92 -11.45 22.19
C VAL F 19 0.56 -11.50 21.81
N THR F 20 1.32 -12.31 22.55
CA THR F 20 2.72 -12.52 22.23
C THR F 20 2.99 -14.00 21.92
N ILE F 21 3.27 -14.29 20.65
CA ILE F 21 3.59 -15.64 20.24
C ILE F 21 5.10 -15.84 20.17
N GLU F 22 5.64 -16.70 21.02
CA GLU F 22 7.08 -16.92 21.08
C GLU F 22 7.58 -18.00 20.11
N CYS F 23 8.76 -17.76 19.57
CA CYS F 23 9.42 -18.69 18.66
C CYS F 23 10.87 -18.86 19.13
N ARG F 24 11.25 -20.11 19.37
CA ARG F 24 12.57 -20.41 19.92
C ARG F 24 13.46 -21.18 18.94
N ALA F 25 14.67 -20.68 18.80
CA ALA F 25 15.67 -21.24 17.90
C ALA F 25 16.78 -21.92 18.69
N SER F 26 17.18 -23.11 18.25
CA SER F 26 18.22 -23.86 18.94
C SER F 26 19.55 -23.10 18.98
N GLU F 27 19.96 -22.54 17.84
CA GLU F 27 21.26 -21.81 17.80
C GLU F 27 21.01 -20.34 17.44
N ASP F 28 21.99 -19.48 17.71
CA ASP F 28 21.83 -18.03 17.42
C ASP F 28 21.59 -17.85 15.93
N ILE F 29 20.62 -17.01 15.57
CA ILE F 29 20.26 -16.76 14.14
C ILE F 29 20.59 -15.29 13.84
N HIS F 30 21.20 -14.61 14.81
CA HIS F 30 21.51 -13.17 14.70
C HIS F 30 20.39 -12.36 14.09
N SER F 31 19.25 -12.33 14.76
CA SER F 31 18.09 -11.52 14.35
C SER F 31 17.78 -11.66 12.86
N ARG F 32 17.73 -12.89 12.37
CA ARG F 32 17.43 -13.15 10.96
C ARG F 32 16.22 -14.08 10.88
N LEU F 33 15.07 -13.57 11.28
CA LEU F 33 13.85 -14.37 11.30
C LEU F 33 12.66 -13.63 10.71
N ALA F 34 11.71 -14.38 10.16
CA ALA F 34 10.52 -13.80 9.55
C ALA F 34 9.24 -14.45 10.04
N TRP F 35 8.21 -13.64 10.25
CA TRP F 35 6.91 -14.11 10.70
C TRP F 35 5.90 -14.07 9.56
N TYR F 36 5.23 -15.20 9.36
CA TYR F 36 4.25 -15.37 8.29
C TYR F 36 2.86 -15.70 8.82
N GLN F 37 1.85 -15.06 8.25
CA GLN F 37 0.46 -15.29 8.61
C GLN F 37 -0.31 -16.07 7.55
N GLN F 38 -0.94 -17.15 7.96
CA GLN F 38 -1.78 -17.93 7.05
C GLN F 38 -3.24 -17.80 7.47
N LYS F 39 -4.02 -17.12 6.64
CA LYS F 39 -5.44 -16.95 6.87
C LYS F 39 -6.16 -18.26 6.58
N PRO F 40 -7.32 -18.48 7.23
CA PRO F 40 -8.06 -19.72 6.99
C PRO F 40 -8.52 -19.88 5.54
N GLY F 41 -8.16 -21.01 4.94
CA GLY F 41 -8.53 -21.30 3.56
C GLY F 41 -7.78 -20.46 2.53
N LYS F 42 -6.66 -19.86 2.95
CA LYS F 42 -5.86 -19.05 2.05
C LYS F 42 -4.38 -19.32 2.28
N SER F 43 -3.55 -19.01 1.29
CA SER F 43 -2.10 -19.20 1.41
C SER F 43 -1.49 -18.18 2.36
N PRO F 44 -0.48 -18.60 3.13
CA PRO F 44 0.21 -17.71 4.07
C PRO F 44 0.98 -16.56 3.41
N GLN F 45 1.02 -15.42 4.10
CA GLN F 45 1.69 -14.22 3.64
C GLN F 45 2.72 -13.73 4.65
N LEU F 46 3.68 -12.93 4.18
CA LEU F 46 4.73 -12.39 5.04
C LEU F 46 4.19 -11.27 5.91
N LEU F 47 4.49 -11.34 7.21
CA LEU F 47 4.08 -10.30 8.14
C LEU F 47 5.28 -9.44 8.53
N ILE F 48 6.31 -10.09 9.07
CA ILE F 48 7.49 -9.34 9.53
C ILE F 48 8.80 -9.94 9.03
N TYR F 49 9.65 -9.13 8.42
CA TYR F 49 10.95 -9.69 7.96
C TYR F 49 12.06 -9.22 8.90
N ASN F 50 13.07 -10.06 9.13
CA ASN F 50 14.27 -9.73 9.95
C ASN F 50 13.97 -9.58 11.45
N ALA F 51 12.76 -9.95 11.85
CA ALA F 51 12.23 -9.92 13.24
C ALA F 51 12.04 -8.49 13.78
N ASN F 52 12.66 -7.48 13.16
CA ASN F 52 12.53 -6.10 13.69
C ASN F 52 11.91 -5.14 12.66
N SER F 53 11.42 -5.62 11.52
CA SER F 53 10.88 -4.69 10.50
C SER F 53 9.48 -5.07 10.03
N LEU F 54 8.60 -4.07 9.87
CA LEU F 54 7.24 -4.32 9.41
C LEU F 54 7.21 -4.43 7.88
N HIS F 55 6.36 -5.30 7.34
CA HIS F 55 6.24 -5.44 5.89
C HIS F 55 5.48 -4.23 5.32
N THR F 56 5.64 -4.00 4.02
CA THR F 56 5.06 -2.81 3.39
C THR F 56 3.55 -2.69 3.50
N GLY F 57 2.82 -3.79 3.27
CA GLY F 57 1.37 -3.72 3.27
C GLY F 57 0.67 -4.08 4.57
N VAL F 58 1.40 -4.68 5.50
CA VAL F 58 0.82 -5.08 6.78
C VAL F 58 0.60 -3.86 7.70
N PRO F 59 -0.49 -3.84 8.47
CA PRO F 59 -0.86 -2.80 9.43
C PRO F 59 0.09 -2.66 10.62
N SER F 60 0.19 -1.44 11.14
CA SER F 60 1.12 -1.07 12.22
C SER F 60 0.96 -1.85 13.53
N ARG F 61 -0.20 -2.47 13.73
CA ARG F 61 -0.46 -3.22 14.97
C ARG F 61 0.58 -4.31 15.23
N PHE F 62 0.91 -5.08 14.20
CA PHE F 62 1.88 -6.16 14.35
C PHE F 62 3.28 -5.63 14.66
N SER F 63 3.94 -6.29 15.62
CA SER F 63 5.28 -5.89 16.03
C SER F 63 6.19 -7.10 16.20
N GLY F 64 7.47 -6.89 15.93
CA GLY F 64 8.47 -7.94 16.06
C GLY F 64 9.42 -7.65 17.20
N SER F 65 9.62 -8.63 18.07
CA SER F 65 10.48 -8.44 19.23
C SER F 65 11.42 -9.63 19.43
N GLY F 66 12.47 -9.43 20.21
CA GLY F 66 13.40 -10.51 20.51
C GLY F 66 14.59 -10.55 19.57
N SER F 67 15.61 -11.30 19.97
CA SER F 67 16.83 -11.45 19.18
C SER F 67 17.59 -12.72 19.55
N GLY F 68 18.62 -13.02 18.76
CA GLY F 68 19.46 -14.17 19.02
C GLY F 68 18.66 -15.45 19.01
N THR F 69 18.76 -16.20 20.09
CA THR F 69 18.05 -17.46 20.25
C THR F 69 16.54 -17.27 20.34
N GLN F 70 16.07 -16.18 20.96
CA GLN F 70 14.64 -16.08 21.25
C GLN F 70 13.91 -14.97 20.50
N PHE F 71 12.75 -15.29 19.96
CA PHE F 71 11.94 -14.29 19.25
C PHE F 71 10.50 -14.29 19.73
N SER F 72 9.81 -13.17 19.54
CA SER F 72 8.39 -13.08 19.87
C SER F 72 7.65 -12.15 18.92
N LEU F 73 6.38 -12.47 18.67
CA LEU F 73 5.51 -11.65 17.82
C LEU F 73 4.39 -11.04 18.64
N LYS F 74 4.21 -9.73 18.54
CA LYS F 74 3.19 -9.07 19.34
C LYS F 74 2.09 -8.48 18.46
N ILE F 75 0.85 -8.88 18.73
CA ILE F 75 -0.29 -8.34 18.03
C ILE F 75 -1.09 -7.48 19.00
N ASN F 76 -1.36 -6.24 18.61
CA ASN F 76 -2.03 -5.29 19.49
C ASN F 76 -3.46 -5.00 19.04
N SER F 77 -4.40 -5.20 19.97
CA SER F 77 -5.84 -4.97 19.71
C SER F 77 -6.26 -5.69 18.43
N LEU F 78 -5.91 -6.97 18.32
CA LEU F 78 -6.20 -7.80 17.12
C LEU F 78 -7.71 -7.88 16.92
N GLN F 79 -8.16 -7.82 15.66
CA GLN F 79 -9.61 -7.85 15.34
C GLN F 79 -10.02 -9.26 14.86
N SER F 80 -11.24 -9.37 14.33
CA SER F 80 -11.79 -10.63 13.86
C SER F 80 -11.08 -11.19 12.63
N GLU F 81 -10.52 -10.32 11.79
CA GLU F 81 -9.80 -10.78 10.58
C GLU F 81 -8.40 -11.26 10.91
N ASP F 82 -7.99 -11.10 12.16
CA ASP F 82 -6.66 -11.52 12.59
C ASP F 82 -6.59 -13.02 12.92
N VAL F 83 -7.74 -13.71 12.88
CA VAL F 83 -7.76 -15.16 13.13
C VAL F 83 -6.93 -15.90 12.11
N ALA F 84 -5.86 -16.57 12.56
CA ALA F 84 -4.94 -17.18 11.60
C ALA F 84 -3.91 -18.10 12.24
N SER F 85 -3.09 -18.73 11.40
CA SER F 85 -1.99 -19.56 11.88
C SER F 85 -0.66 -18.89 11.53
N TYR F 86 0.20 -18.68 12.53
CA TYR F 86 1.44 -17.94 12.32
C TYR F 86 2.68 -18.83 12.43
N PHE F 87 3.62 -18.66 11.50
CA PHE F 87 4.84 -19.46 11.50
C PHE F 87 6.07 -18.56 11.51
N CYS F 88 7.19 -19.07 12.03
CA CYS F 88 8.45 -18.33 11.96
C CYS F 88 9.35 -18.97 10.90
N LEU F 89 10.39 -18.25 10.49
CA LEU F 89 11.30 -18.72 9.44
C LEU F 89 12.72 -18.18 9.56
N GLN F 90 13.71 -19.07 9.45
CA GLN F 90 15.11 -18.65 9.51
C GLN F 90 15.82 -18.69 8.16
N TYR F 91 16.69 -17.71 7.93
CA TYR F 91 17.56 -17.70 6.75
C TYR F 91 19.05 -17.57 7.07
N TYR F 92 19.41 -17.66 8.35
CA TYR F 92 20.82 -17.66 8.77
C TYR F 92 21.53 -18.85 8.15
N ASN F 93 21.00 -20.04 8.42
CA ASN F 93 21.54 -21.23 7.82
C ASN F 93 20.69 -21.56 6.59
N TYR F 94 21.19 -21.13 5.43
CA TYR F 94 20.47 -21.21 4.17
C TYR F 94 20.10 -22.66 3.78
N PRO F 95 21.05 -23.60 3.92
CA PRO F 95 20.61 -24.96 3.56
C PRO F 95 20.23 -25.87 4.74
N PRO F 96 18.97 -26.36 4.79
CA PRO F 96 17.72 -25.97 4.13
C PRO F 96 16.99 -24.87 4.93
N TYR F 97 16.08 -24.14 4.29
CA TYR F 97 15.34 -23.11 5.02
C TYR F 97 14.30 -23.89 5.82
N THR F 98 14.09 -23.52 7.09
CA THR F 98 13.13 -24.24 7.92
C THR F 98 12.08 -23.34 8.54
N PHE F 99 10.86 -23.84 8.65
CA PHE F 99 9.77 -23.09 9.27
C PHE F 99 9.49 -23.58 10.69
N GLY F 100 8.61 -22.88 11.39
CA GLY F 100 8.18 -23.29 12.71
C GLY F 100 7.05 -24.30 12.67
N ALA F 101 6.69 -24.83 13.83
CA ALA F 101 5.61 -25.81 13.92
C ALA F 101 4.26 -25.17 13.62
N GLY F 102 4.13 -23.88 13.96
CA GLY F 102 2.90 -23.16 13.70
C GLY F 102 2.03 -22.91 14.92
N ALA F 103 1.67 -21.65 15.12
CA ALA F 103 0.79 -21.26 16.22
C ALA F 103 -0.61 -20.99 15.70
N LYS F 104 -1.58 -21.72 16.25
CA LYS F 104 -2.97 -21.60 15.85
C LYS F 104 -3.69 -20.54 16.69
N LEU F 105 -3.80 -19.34 16.16
CA LEU F 105 -4.46 -18.25 16.88
C LEU F 105 -5.93 -18.06 16.49
N GLU F 106 -6.79 -18.34 17.48
CA GLU F 106 -8.22 -18.07 17.41
C GLU F 106 -8.54 -16.94 18.39
N LEU F 107 -9.77 -16.45 18.34
CA LEU F 107 -10.17 -15.31 19.18
C LEU F 107 -11.29 -15.65 20.15
N ARG F 108 -11.48 -14.78 21.14
CA ARG F 108 -12.53 -14.97 22.14
C ARG F 108 -13.60 -13.88 22.05
N ARG F 109 -14.81 -14.26 21.65
CA ARG F 109 -15.93 -13.34 21.57
C ARG F 109 -16.99 -13.73 22.60
N THR F 110 -17.99 -12.86 22.77
CA THR F 110 -19.12 -13.17 23.64
C THR F 110 -19.96 -14.32 23.10
N VAL F 111 -20.88 -14.81 23.91
CA VAL F 111 -21.73 -15.94 23.54
C VAL F 111 -22.66 -15.60 22.38
N ALA F 112 -22.79 -16.53 21.44
CA ALA F 112 -23.69 -16.35 20.31
C ALA F 112 -24.56 -17.59 20.13
N ALA F 113 -25.87 -17.39 20.09
CA ALA F 113 -26.81 -18.49 19.91
C ALA F 113 -26.86 -18.88 18.44
N PRO F 114 -26.73 -20.18 18.15
CA PRO F 114 -26.72 -20.71 16.78
C PRO F 114 -28.07 -20.65 16.10
N SER F 115 -28.06 -20.44 14.79
CA SER F 115 -29.29 -20.52 14.01
C SER F 115 -29.42 -21.91 13.42
N VAL F 116 -30.40 -22.66 13.89
CA VAL F 116 -30.56 -24.05 13.48
C VAL F 116 -31.42 -24.16 12.23
N PHE F 117 -30.96 -24.96 11.28
CA PHE F 117 -31.72 -25.22 10.07
C PHE F 117 -31.71 -26.72 9.78
N ILE F 118 -32.77 -27.21 9.14
CA ILE F 118 -32.84 -28.62 8.80
C ILE F 118 -33.15 -28.81 7.32
N PHE F 119 -32.41 -29.71 6.69
CA PHE F 119 -32.51 -29.92 5.25
C PHE F 119 -32.79 -31.38 4.92
N PRO F 120 -33.95 -31.66 4.32
CA PRO F 120 -34.31 -33.01 3.90
C PRO F 120 -33.53 -33.44 2.65
N PRO F 121 -33.33 -34.74 2.46
CA PRO F 121 -32.62 -35.25 1.28
C PRO F 121 -33.42 -35.00 0.01
N SER F 122 -32.73 -34.65 -1.07
CA SER F 122 -33.41 -34.35 -2.33
C SER F 122 -33.92 -35.62 -3.01
N ASP F 123 -34.93 -35.46 -3.87
CA ASP F 123 -35.54 -36.60 -4.54
C ASP F 123 -34.68 -37.06 -5.71
N GLU F 124 -33.56 -36.38 -5.92
CA GLU F 124 -32.61 -36.77 -6.95
C GLU F 124 -31.55 -37.66 -6.31
N GLN F 125 -31.46 -37.56 -4.99
CA GLN F 125 -30.54 -38.40 -4.22
C GLN F 125 -31.26 -39.69 -3.85
N LEU F 126 -32.57 -39.72 -4.08
CA LEU F 126 -33.36 -40.91 -3.82
C LEU F 126 -33.26 -41.89 -4.99
N LYS F 127 -32.74 -41.43 -6.11
CA LYS F 127 -32.52 -42.32 -7.25
C LYS F 127 -31.14 -42.95 -7.13
N SER F 128 -30.37 -42.51 -6.14
CA SER F 128 -29.05 -43.06 -5.87
C SER F 128 -29.14 -44.25 -4.93
N GLY F 129 -30.19 -44.28 -4.11
CA GLY F 129 -30.38 -45.34 -3.15
C GLY F 129 -29.96 -44.96 -1.74
N THR F 130 -29.45 -43.75 -1.58
CA THR F 130 -29.02 -43.25 -0.28
C THR F 130 -29.58 -41.87 0.01
N ALA F 131 -29.97 -41.62 1.26
CA ALA F 131 -30.54 -40.34 1.65
C ALA F 131 -29.68 -39.64 2.70
N SER F 132 -29.44 -38.35 2.49
CA SER F 132 -28.64 -37.55 3.43
C SER F 132 -29.43 -36.35 3.94
N VAL F 133 -29.75 -36.36 5.23
CA VAL F 133 -30.45 -35.23 5.85
C VAL F 133 -29.47 -34.40 6.67
N VAL F 134 -29.44 -33.09 6.41
CA VAL F 134 -28.39 -32.23 6.95
C VAL F 134 -28.90 -31.22 7.98
N CYS F 135 -28.22 -31.15 9.12
CA CYS F 135 -28.53 -30.15 10.14
C CYS F 135 -27.47 -29.06 10.16
N LEU F 136 -27.89 -27.81 10.33
CA LEU F 136 -26.98 -26.67 10.26
C LEU F 136 -27.08 -25.75 11.47
N LEU F 137 -25.93 -25.47 12.09
CA LEU F 137 -25.87 -24.46 13.14
C LEU F 137 -25.08 -23.26 12.65
N ASN F 138 -25.71 -22.09 12.63
CA ASN F 138 -25.04 -20.90 12.02
C ASN F 138 -24.59 -19.85 13.04
N ASN F 139 -23.35 -19.39 12.92
CA ASN F 139 -22.79 -18.26 13.71
C ASN F 139 -22.96 -18.38 15.23
N PHE F 140 -22.38 -19.41 15.85
CA PHE F 140 -22.50 -19.55 17.33
C PHE F 140 -21.11 -19.58 17.98
N TYR F 141 -21.05 -19.25 19.28
CA TYR F 141 -19.84 -19.34 20.09
C TYR F 141 -20.16 -19.75 21.52
N PRO F 142 -19.37 -20.66 22.11
CA PRO F 142 -18.21 -21.32 21.48
C PRO F 142 -18.61 -22.51 20.61
N ARG F 143 -17.63 -23.18 20.01
CA ARG F 143 -17.91 -24.29 19.10
C ARG F 143 -18.56 -25.49 19.79
N GLU F 144 -18.24 -25.72 21.05
CA GLU F 144 -18.72 -26.89 21.76
C GLU F 144 -20.25 -26.89 21.83
N ALA F 145 -20.85 -27.84 21.12
CA ALA F 145 -22.29 -27.99 21.06
C ALA F 145 -22.64 -29.45 20.78
N LYS F 146 -23.70 -29.93 21.43
CA LYS F 146 -24.11 -31.33 21.30
C LYS F 146 -25.31 -31.44 20.38
N VAL F 147 -25.14 -32.16 19.27
CA VAL F 147 -26.20 -32.34 18.29
C VAL F 147 -26.65 -33.80 18.21
N GLN F 148 -27.93 -34.04 18.47
CA GLN F 148 -28.47 -35.39 18.44
C GLN F 148 -29.58 -35.55 17.42
N TRP F 149 -29.57 -36.67 16.72
CA TRP F 149 -30.61 -36.97 15.73
C TRP F 149 -31.71 -37.83 16.36
N LYS F 150 -32.96 -37.50 16.02
CA LYS F 150 -34.09 -38.25 16.55
C LYS F 150 -35.09 -38.63 15.46
N VAL F 151 -35.29 -39.93 15.29
CA VAL F 151 -36.24 -40.45 14.32
C VAL F 151 -37.35 -41.22 15.01
N ASP F 152 -38.58 -40.70 14.96
CA ASP F 152 -39.71 -41.31 15.65
C ASP F 152 -39.39 -41.42 17.13
N ASN F 153 -38.65 -40.43 17.61
CA ASN F 153 -38.05 -40.39 18.94
C ASN F 153 -37.17 -41.62 19.18
N ALA F 154 -36.07 -41.68 18.43
CA ALA F 154 -35.05 -42.71 18.56
C ALA F 154 -33.66 -42.07 18.48
N LEU F 155 -32.81 -42.34 19.47
CA LEU F 155 -31.50 -41.71 19.53
C LEU F 155 -30.48 -42.48 18.69
N GLN F 156 -30.35 -42.05 17.44
CA GLN F 156 -29.43 -42.68 16.46
C GLN F 156 -27.98 -42.29 16.75
N SER F 157 -27.07 -43.26 16.66
CA SER F 157 -25.62 -43.03 16.91
C SER F 157 -24.78 -43.82 15.91
N GLY F 158 -23.61 -43.30 15.55
CA GLY F 158 -22.67 -43.99 14.64
C GLY F 158 -23.03 -43.88 13.18
N ASN F 159 -24.06 -43.11 12.83
CA ASN F 159 -24.48 -42.96 11.42
C ASN F 159 -24.37 -41.49 11.02
N SER F 160 -24.13 -40.62 12.00
CA SER F 160 -24.00 -39.18 11.70
C SER F 160 -22.55 -38.69 11.74
N GLN F 161 -22.21 -37.75 10.86
CA GLN F 161 -20.87 -37.17 10.82
C GLN F 161 -20.91 -35.64 10.82
N GLU F 162 -20.11 -35.01 11.69
CA GLU F 162 -20.11 -33.56 11.82
C GLU F 162 -18.90 -32.89 11.16
N SER F 163 -19.07 -31.63 10.77
CA SER F 163 -17.99 -30.82 10.22
C SER F 163 -18.15 -29.36 10.63
N VAL F 164 -17.14 -28.81 11.31
CA VAL F 164 -17.22 -27.44 11.80
C VAL F 164 -16.22 -26.54 11.10
N THR F 165 -16.70 -25.40 10.59
CA THR F 165 -15.84 -24.44 9.92
C THR F 165 -15.01 -23.64 10.92
N GLU F 166 -13.99 -22.96 10.39
CA GLU F 166 -13.14 -22.09 11.19
C GLU F 166 -13.78 -20.73 11.41
N GLN F 167 -13.24 -19.97 12.36
CA GLN F 167 -13.82 -18.70 12.78
C GLN F 167 -14.02 -17.73 11.62
N ASP F 168 -15.23 -17.20 11.51
CA ASP F 168 -15.56 -16.26 10.45
C ASP F 168 -14.65 -15.05 10.55
N SER F 169 -14.45 -14.39 9.41
CA SER F 169 -13.50 -13.30 9.31
C SER F 169 -14.14 -11.95 9.60
N LYS F 170 -15.40 -11.97 10.03
CA LYS F 170 -16.13 -10.75 10.31
C LYS F 170 -16.68 -10.72 11.74
N ASP F 171 -17.30 -11.81 12.17
CA ASP F 171 -17.88 -11.87 13.51
C ASP F 171 -17.19 -12.89 14.42
N SER F 172 -16.19 -13.59 13.90
CA SER F 172 -15.44 -14.60 14.66
C SER F 172 -16.35 -15.65 15.28
N THR F 173 -17.34 -16.10 14.52
CA THR F 173 -18.28 -17.11 14.99
C THR F 173 -18.06 -18.43 14.27
N TYR F 174 -18.61 -19.49 14.85
CA TYR F 174 -18.48 -20.84 14.30
C TYR F 174 -19.74 -21.29 13.58
N SER F 175 -19.57 -22.24 12.66
CA SER F 175 -20.69 -22.85 11.98
C SER F 175 -20.48 -24.36 11.96
N LEU F 176 -21.52 -25.12 12.28
CA LEU F 176 -21.39 -26.58 12.34
C LEU F 176 -22.40 -27.27 11.45
N SER F 177 -21.99 -28.35 10.81
CA SER F 177 -22.91 -29.14 9.98
C SER F 177 -22.94 -30.59 10.43
N SER F 178 -24.11 -31.06 10.82
CA SER F 178 -24.28 -32.46 11.22
C SER F 178 -25.01 -33.22 10.12
N THR F 179 -24.27 -34.03 9.38
CA THR F 179 -24.84 -34.77 8.26
C THR F 179 -25.25 -36.18 8.68
N LEU F 180 -26.52 -36.50 8.47
CA LEU F 180 -27.02 -37.84 8.76
C LEU F 180 -27.22 -38.63 7.48
N THR F 181 -26.48 -39.74 7.36
CA THR F 181 -26.52 -40.56 6.15
C THR F 181 -27.19 -41.91 6.39
N LEU F 182 -28.29 -42.14 5.67
CA LEU F 182 -29.00 -43.40 5.74
C LEU F 182 -29.25 -43.94 4.34
N SER F 183 -29.85 -45.11 4.24
CA SER F 183 -30.24 -45.66 2.94
C SER F 183 -31.66 -45.23 2.63
N LYS F 184 -32.02 -45.26 1.33
CA LYS F 184 -33.37 -44.88 0.93
C LYS F 184 -34.39 -45.85 1.52
N ALA F 185 -34.00 -47.11 1.62
CA ALA F 185 -34.84 -48.14 2.20
C ALA F 185 -35.28 -47.76 3.60
N ASP F 186 -34.30 -47.42 4.43
CA ASP F 186 -34.57 -47.04 5.81
C ASP F 186 -35.21 -45.66 5.86
N TYR F 187 -34.95 -44.85 4.84
CA TYR F 187 -35.48 -43.49 4.78
C TYR F 187 -37.01 -43.45 4.69
N GLU F 188 -37.59 -44.34 3.89
CA GLU F 188 -39.03 -44.36 3.69
C GLU F 188 -39.75 -45.18 4.75
N LYS F 189 -38.98 -45.87 5.59
CA LYS F 189 -39.54 -46.64 6.70
C LYS F 189 -40.11 -45.76 7.82
N HIS F 190 -39.54 -44.57 7.99
CA HIS F 190 -39.93 -43.71 9.10
C HIS F 190 -40.50 -42.37 8.65
N LYS F 191 -41.31 -41.76 9.53
CA LYS F 191 -42.03 -40.54 9.19
C LYS F 191 -41.33 -39.24 9.56
N VAL F 192 -40.96 -39.09 10.83
CA VAL F 192 -40.41 -37.81 11.29
C VAL F 192 -38.90 -37.83 11.51
N TYR F 193 -38.24 -36.78 11.01
CA TYR F 193 -36.80 -36.63 11.21
C TYR F 193 -36.50 -35.34 11.96
N ALA F 194 -35.76 -35.47 13.06
CA ALA F 194 -35.52 -34.33 13.95
C ALA F 194 -34.04 -34.13 14.29
N CYS F 195 -33.68 -32.86 14.46
CA CYS F 195 -32.34 -32.46 14.87
C CYS F 195 -32.40 -31.63 16.15
N GLU F 196 -31.80 -32.13 17.21
CA GLU F 196 -31.79 -31.45 18.49
C GLU F 196 -30.42 -30.84 18.77
N VAL F 197 -30.42 -29.55 19.10
CA VAL F 197 -29.19 -28.80 19.32
C VAL F 197 -29.07 -28.26 20.74
N THR F 198 -27.97 -28.62 21.40
CA THR F 198 -27.67 -28.10 22.73
C THR F 198 -26.42 -27.25 22.65
N HIS F 199 -26.55 -25.97 23.02
CA HIS F 199 -25.42 -25.05 22.96
C HIS F 199 -25.43 -24.10 24.13
N GLN F 200 -24.27 -23.51 24.41
CA GLN F 200 -24.13 -22.59 25.54
C GLN F 200 -25.02 -21.37 25.35
N GLY F 201 -25.19 -20.95 24.10
CA GLY F 201 -26.00 -19.79 23.78
C GLY F 201 -27.49 -20.00 23.96
N LEU F 202 -27.90 -21.26 24.01
CA LEU F 202 -29.30 -21.60 24.18
C LEU F 202 -29.66 -21.85 25.64
N SER F 203 -30.83 -21.37 26.05
CA SER F 203 -31.32 -21.60 27.41
C SER F 203 -31.81 -23.03 27.54
N SER F 204 -32.21 -23.62 26.42
CA SER F 204 -32.72 -24.99 26.38
C SER F 204 -32.59 -25.55 24.98
N PRO F 205 -32.25 -26.85 24.88
CA PRO F 205 -32.05 -27.57 23.60
C PRO F 205 -33.12 -27.29 22.55
N VAL F 206 -32.71 -26.70 21.43
CA VAL F 206 -33.63 -26.36 20.36
C VAL F 206 -33.73 -27.49 19.34
N THR F 207 -34.94 -28.02 19.19
CA THR F 207 -35.20 -29.11 18.25
C THR F 207 -35.90 -28.59 17.00
N LYS F 208 -35.43 -29.01 15.83
CA LYS F 208 -36.11 -28.66 14.58
C LYS F 208 -36.27 -29.91 13.70
N SER F 209 -37.46 -30.09 13.14
CA SER F 209 -37.78 -31.35 12.46
C SER F 209 -38.56 -31.16 11.16
N PHE F 210 -38.69 -32.26 10.41
CA PHE F 210 -39.54 -32.28 9.23
C PHE F 210 -40.15 -33.67 9.04
N ASN F 211 -41.28 -33.72 8.33
CA ASN F 211 -41.98 -35.00 8.04
C ASN F 211 -41.89 -35.25 6.53
N ARG F 212 -42.09 -36.51 6.10
CA ARG F 212 -42.02 -36.83 4.65
C ARG F 212 -43.38 -36.63 4.00
N GLN G 3 0.99 -33.95 -27.21
CA GLN G 3 -0.02 -33.20 -27.96
C GLN G 3 0.55 -31.90 -28.50
N MET G 4 1.13 -31.11 -27.61
CA MET G 4 1.70 -29.81 -27.96
C MET G 4 3.18 -29.88 -28.39
N THR G 5 3.91 -30.87 -27.87
CA THR G 5 5.33 -30.99 -28.13
C THR G 5 5.70 -31.86 -29.33
N GLN G 6 6.60 -31.35 -30.16
CA GLN G 6 7.07 -32.09 -31.32
C GLN G 6 8.60 -32.14 -31.29
N SER G 7 9.15 -33.35 -31.17
CA SER G 7 10.61 -33.57 -31.06
C SER G 7 11.31 -33.76 -32.42
N PRO G 8 10.60 -34.19 -33.49
CA PRO G 8 11.23 -34.36 -34.81
C PRO G 8 11.78 -33.04 -35.38
N ALA G 9 11.08 -31.93 -35.11
CA ALA G 9 11.42 -30.56 -35.57
C ALA G 9 11.44 -30.49 -37.10
N SER G 10 12.51 -29.98 -37.69
CA SER G 10 12.60 -29.83 -39.17
C SER G 10 13.15 -31.11 -39.81
N LEU G 11 12.46 -31.65 -40.81
CA LEU G 11 12.88 -32.86 -41.51
C LEU G 11 13.20 -32.65 -42.99
N SER G 12 13.94 -33.60 -43.54
CA SER G 12 14.32 -33.61 -44.94
C SER G 12 14.47 -35.07 -45.36
N ALA G 13 14.13 -35.39 -46.61
CA ALA G 13 14.26 -36.79 -47.05
C ALA G 13 14.39 -36.96 -48.55
N SER G 14 14.92 -38.11 -48.95
CA SER G 14 15.11 -38.47 -50.34
C SER G 14 13.80 -38.90 -50.99
N LEU G 15 13.83 -39.10 -52.30
CA LEU G 15 12.65 -39.55 -53.03
C LEU G 15 12.52 -41.07 -52.98
N GLY G 16 11.36 -41.55 -52.54
CA GLY G 16 11.10 -42.97 -52.47
C GLY G 16 11.18 -43.60 -51.09
N GLU G 17 11.81 -42.89 -50.15
CA GLU G 17 11.91 -43.40 -48.78
C GLU G 17 10.75 -42.91 -47.90
N THR G 18 10.54 -43.60 -46.78
CA THR G 18 9.45 -43.27 -45.87
C THR G 18 9.94 -42.36 -44.74
N VAL G 19 9.02 -41.57 -44.18
CA VAL G 19 9.36 -40.67 -43.08
C VAL G 19 8.40 -40.81 -41.89
N THR G 20 8.93 -40.72 -40.68
CA THR G 20 8.12 -40.77 -39.47
C THR G 20 8.24 -39.47 -38.69
N ILE G 21 7.14 -38.71 -38.68
CA ILE G 21 7.05 -37.45 -37.96
C ILE G 21 6.41 -37.63 -36.59
N GLU G 22 7.17 -37.32 -35.54
CA GLU G 22 6.69 -37.50 -34.18
C GLU G 22 5.91 -36.27 -33.72
N LEU G 33 -6.31 -37.76 -31.81
CA LEU G 33 -5.40 -36.72 -32.32
C LEU G 33 -5.62 -36.55 -33.82
N ALA G 34 -5.32 -35.36 -34.33
CA ALA G 34 -5.50 -35.12 -35.75
C ALA G 34 -4.23 -34.56 -36.39
N TRP G 35 -3.92 -35.06 -37.58
CA TRP G 35 -2.75 -34.62 -38.33
C TRP G 35 -3.16 -33.81 -39.54
N TYR G 36 -2.57 -32.62 -39.65
CA TYR G 36 -2.85 -31.64 -40.70
C TYR G 36 -1.62 -31.33 -41.54
N GLN G 37 -1.80 -31.26 -42.85
CA GLN G 37 -0.70 -30.92 -43.76
C GLN G 37 -0.90 -29.53 -44.35
N GLN G 38 0.13 -28.69 -44.20
CA GLN G 38 0.11 -27.34 -44.74
C GLN G 38 1.08 -27.16 -45.89
N LYS G 39 0.54 -26.91 -47.08
CA LYS G 39 1.35 -26.68 -48.27
C LYS G 39 1.97 -25.29 -48.18
N PRO G 40 3.12 -25.08 -48.84
CA PRO G 40 3.79 -23.77 -48.78
C PRO G 40 2.93 -22.65 -49.36
N GLY G 41 2.70 -21.61 -48.56
CA GLY G 41 1.92 -20.47 -49.01
C GLY G 41 0.44 -20.80 -49.18
N LYS G 42 0.00 -21.89 -48.55
CA LYS G 42 -1.39 -22.33 -48.67
C LYS G 42 -1.93 -22.75 -47.31
N SER G 43 -3.26 -22.81 -47.20
CA SER G 43 -3.91 -23.21 -45.97
C SER G 43 -3.70 -24.70 -45.71
N PRO G 44 -3.53 -25.08 -44.43
CA PRO G 44 -3.34 -26.47 -44.00
C PRO G 44 -4.57 -27.33 -44.28
N GLN G 45 -4.36 -28.61 -44.55
CA GLN G 45 -5.47 -29.51 -44.84
C GLN G 45 -5.48 -30.64 -43.83
N LEU G 46 -6.66 -31.19 -43.51
CA LEU G 46 -6.71 -32.30 -42.57
C LEU G 46 -6.38 -33.60 -43.27
N LEU G 47 -5.48 -34.38 -42.68
CA LEU G 47 -5.14 -35.69 -43.22
C LEU G 47 -5.66 -36.82 -42.38
N ILE G 48 -5.34 -36.84 -41.08
CA ILE G 48 -5.72 -38.01 -40.28
C ILE G 48 -6.45 -37.72 -38.96
N TYR G 49 -7.60 -38.37 -38.79
CA TYR G 49 -8.35 -38.28 -37.54
C TYR G 49 -8.15 -39.58 -36.79
N ASN G 50 -7.60 -39.50 -35.58
CA ASN G 50 -7.22 -40.69 -34.80
C ASN G 50 -6.51 -41.78 -35.62
N ALA G 51 -7.12 -42.95 -35.69
CA ALA G 51 -6.58 -44.07 -36.45
C ALA G 51 -6.99 -44.05 -37.92
N ASN G 52 -8.04 -43.29 -38.22
CA ASN G 52 -8.60 -43.23 -39.58
C ASN G 52 -8.06 -42.08 -40.43
N SER G 53 -8.00 -42.30 -41.74
CA SER G 53 -7.48 -41.30 -42.67
C SER G 53 -8.55 -40.87 -43.68
N LEU G 54 -8.79 -39.57 -43.78
CA LEU G 54 -9.81 -39.02 -44.67
C LEU G 54 -9.39 -39.02 -46.14
N HIS G 55 -10.36 -39.21 -47.03
CA HIS G 55 -10.13 -39.19 -48.47
C HIS G 55 -9.84 -37.78 -48.99
N PRO G 59 -5.79 -40.63 -49.81
CA PRO G 59 -4.33 -40.63 -49.75
C PRO G 59 -3.77 -41.82 -48.98
N SER G 60 -3.73 -42.99 -49.61
CA SER G 60 -3.27 -44.22 -48.97
C SER G 60 -1.82 -44.11 -48.50
N ARG G 61 -1.09 -43.18 -49.10
CA ARG G 61 0.32 -42.95 -48.77
C ARG G 61 0.53 -42.64 -47.29
N PHE G 62 -0.27 -41.70 -46.79
CA PHE G 62 -0.23 -41.28 -45.40
C PHE G 62 -0.75 -42.35 -44.44
N SER G 63 -0.07 -42.53 -43.32
CA SER G 63 -0.47 -43.51 -42.33
C SER G 63 -0.40 -42.92 -40.92
N GLY G 64 -1.30 -43.39 -40.06
CA GLY G 64 -1.37 -42.92 -38.68
C GLY G 64 -0.97 -43.99 -37.69
N SER G 65 -0.08 -43.62 -36.77
CA SER G 65 0.42 -44.55 -35.76
C SER G 65 0.46 -43.89 -34.39
N GLY G 66 0.50 -44.72 -33.34
CA GLY G 66 0.61 -44.20 -32.00
C GLY G 66 -0.72 -43.96 -31.32
N SER G 67 -0.70 -43.83 -30.00
CA SER G 67 -1.90 -43.59 -29.22
C SER G 67 -1.54 -43.03 -27.84
N GLY G 68 -2.57 -42.63 -27.09
CA GLY G 68 -2.37 -42.19 -25.73
C GLY G 68 -1.46 -41.00 -25.66
N THR G 69 -0.39 -41.15 -24.90
CA THR G 69 0.58 -40.08 -24.73
C THR G 69 1.31 -39.75 -26.03
N GLN G 70 1.70 -40.76 -26.82
CA GLN G 70 2.55 -40.48 -27.99
C GLN G 70 1.98 -40.94 -29.33
N PHE G 71 2.11 -40.07 -30.34
CA PHE G 71 1.62 -40.36 -31.69
C PHE G 71 2.72 -40.15 -32.73
N SER G 72 2.58 -40.80 -33.89
CA SER G 72 3.51 -40.63 -34.99
C SER G 72 2.79 -40.72 -36.34
N LEU G 73 3.26 -39.97 -37.33
CA LEU G 73 2.68 -40.00 -38.67
C LEU G 73 3.70 -40.53 -39.69
N LYS G 74 3.31 -41.49 -40.51
CA LYS G 74 4.25 -42.05 -41.49
C LYS G 74 3.86 -41.74 -42.94
N ILE G 75 4.78 -41.15 -43.69
CA ILE G 75 4.56 -40.84 -45.11
C ILE G 75 5.38 -41.76 -45.98
N ASN G 76 4.75 -42.32 -47.02
CA ASN G 76 5.43 -43.33 -47.87
C ASN G 76 5.76 -42.81 -49.27
N SER G 77 7.05 -42.52 -49.50
CA SER G 77 7.67 -42.11 -50.80
C SER G 77 7.34 -40.67 -51.20
N LEU G 78 6.71 -39.90 -50.32
CA LEU G 78 6.33 -38.47 -50.57
C LEU G 78 5.74 -38.28 -51.98
N GLN G 79 6.20 -37.23 -52.66
CA GLN G 79 5.86 -36.80 -54.03
C GLN G 79 6.68 -35.55 -54.30
N SER G 80 6.44 -34.92 -55.45
CA SER G 80 7.14 -33.68 -55.79
C SER G 80 6.68 -32.48 -54.96
N GLU G 81 5.37 -32.42 -54.70
CA GLU G 81 4.73 -31.32 -53.98
C GLU G 81 4.63 -31.54 -52.45
N ASP G 82 5.11 -32.67 -51.95
CA ASP G 82 4.98 -32.99 -50.51
C ASP G 82 5.83 -32.15 -49.57
N VAL G 83 6.68 -31.27 -50.10
CA VAL G 83 7.41 -30.37 -49.23
C VAL G 83 6.38 -29.51 -48.49
N ALA G 84 6.33 -29.64 -47.17
CA ALA G 84 5.25 -28.98 -46.42
C ALA G 84 5.46 -28.97 -44.90
N SER G 85 4.55 -28.33 -44.17
CA SER G 85 4.61 -28.33 -42.71
C SER G 85 3.45 -29.12 -42.08
N TYR G 86 3.77 -30.07 -41.22
CA TYR G 86 2.75 -30.94 -40.63
C TYR G 86 2.52 -30.66 -39.15
N PHE G 87 1.25 -30.58 -38.75
CA PHE G 87 0.88 -30.29 -37.37
C PHE G 87 -0.02 -31.35 -36.75
N CYS G 88 0.03 -31.45 -35.42
CA CYS G 88 -0.84 -32.34 -34.67
C CYS G 88 -1.93 -31.55 -33.96
N LEU G 89 -2.94 -32.24 -33.45
CA LEU G 89 -4.08 -31.61 -32.80
C LEU G 89 -4.65 -32.51 -31.72
N GLN G 90 -4.95 -31.92 -30.56
CA GLN G 90 -5.44 -32.61 -29.37
C GLN G 90 -6.95 -32.52 -29.26
N TYR G 91 -7.57 -33.54 -28.64
CA TYR G 91 -9.02 -33.55 -28.49
C TYR G 91 -9.40 -33.44 -27.02
N TYR G 92 -8.45 -33.72 -26.13
CA TYR G 92 -8.66 -33.59 -24.70
C TYR G 92 -8.68 -32.09 -24.35
N ASN G 93 -9.19 -31.73 -23.16
CA ASN G 93 -9.28 -30.31 -22.73
C ASN G 93 -10.03 -29.48 -23.78
N TYR G 94 -11.35 -29.64 -23.83
CA TYR G 94 -12.24 -29.02 -24.87
C TYR G 94 -12.22 -27.48 -24.90
N PRO G 95 -12.18 -26.72 -23.79
CA PRO G 95 -12.26 -25.25 -23.91
C PRO G 95 -11.14 -24.59 -24.72
N PRO G 96 -9.84 -24.89 -24.51
CA PRO G 96 -8.77 -24.33 -25.33
C PRO G 96 -8.12 -25.42 -26.19
N TYR G 97 -8.02 -25.17 -27.51
CA TYR G 97 -7.43 -26.17 -28.45
C TYR G 97 -5.98 -25.78 -28.75
N THR G 98 -5.07 -26.77 -28.71
CA THR G 98 -3.63 -26.52 -28.95
C THR G 98 -3.10 -27.39 -30.09
N PHE G 99 -2.20 -26.81 -30.90
CA PHE G 99 -1.53 -27.49 -32.01
C PHE G 99 -0.09 -27.83 -31.67
N GLY G 100 0.56 -28.55 -32.58
CA GLY G 100 1.98 -28.87 -32.44
C GLY G 100 2.82 -27.72 -32.96
N ALA G 101 4.13 -27.82 -32.77
CA ALA G 101 5.06 -26.79 -33.23
C ALA G 101 5.12 -26.73 -34.75
N GLY G 102 4.96 -27.89 -35.39
CA GLY G 102 4.98 -27.97 -36.84
C GLY G 102 6.28 -28.54 -37.35
N ALA G 103 6.19 -29.59 -38.16
CA ALA G 103 7.37 -30.19 -38.75
C ALA G 103 7.54 -29.80 -40.22
N LYS G 104 8.65 -29.14 -40.52
CA LYS G 104 8.91 -28.70 -41.89
C LYS G 104 9.67 -29.77 -42.68
N LEU G 105 8.94 -30.52 -43.50
CA LEU G 105 9.50 -31.59 -44.31
C LEU G 105 9.88 -31.12 -45.70
N GLU G 106 11.19 -31.19 -45.96
CA GLU G 106 11.80 -30.89 -47.25
C GLU G 106 12.35 -32.12 -47.95
N LEU G 107 12.84 -31.93 -49.17
CA LEU G 107 13.32 -33.03 -49.98
C LEU G 107 14.82 -32.96 -50.20
N ARG G 108 15.40 -34.09 -50.60
CA ARG G 108 16.84 -34.20 -50.84
C ARG G 108 17.18 -34.47 -52.31
N ARG G 109 17.87 -33.52 -52.92
CA ARG G 109 18.31 -33.64 -54.31
C ARG G 109 19.83 -33.81 -54.34
N THR G 110 20.37 -34.20 -55.48
CA THR G 110 21.82 -34.25 -55.63
C THR G 110 22.40 -32.84 -55.60
N VAL G 111 23.72 -32.73 -55.49
CA VAL G 111 24.36 -31.43 -55.42
C VAL G 111 24.19 -30.67 -56.73
N ALA G 112 23.86 -29.38 -56.62
CA ALA G 112 23.72 -28.53 -57.80
C ALA G 112 24.47 -27.22 -57.61
N ALA G 113 25.36 -26.91 -58.55
CA ALA G 113 26.11 -25.66 -58.50
C ALA G 113 25.25 -24.50 -58.98
N PRO G 114 25.21 -23.42 -58.19
CA PRO G 114 24.39 -22.25 -58.51
C PRO G 114 24.97 -21.44 -59.67
N SER G 115 24.10 -20.85 -60.48
CA SER G 115 24.53 -19.94 -61.52
C SER G 115 24.47 -18.52 -60.99
N VAL G 116 25.63 -17.88 -60.85
CA VAL G 116 25.71 -16.57 -60.23
C VAL G 116 25.49 -15.47 -61.25
N PHE G 117 24.67 -14.49 -60.86
CA PHE G 117 24.40 -13.34 -61.70
C PHE G 117 24.60 -12.09 -60.86
N ILE G 118 24.98 -11.01 -61.50
CA ILE G 118 25.18 -9.76 -60.78
C ILE G 118 24.37 -8.66 -61.44
N PHE G 119 23.71 -7.88 -60.60
CA PHE G 119 22.79 -6.85 -61.07
C PHE G 119 23.23 -5.50 -60.55
N PRO G 120 23.67 -4.65 -61.49
CA PRO G 120 24.09 -3.27 -61.25
C PRO G 120 22.89 -2.37 -60.99
N PRO G 121 23.09 -1.30 -60.22
CA PRO G 121 22.03 -0.34 -59.87
C PRO G 121 21.53 0.50 -61.04
N SER G 122 20.22 0.71 -61.06
CA SER G 122 19.55 1.48 -62.10
C SER G 122 19.77 2.99 -61.93
N ASP G 123 19.62 3.73 -63.02
CA ASP G 123 19.87 5.17 -63.03
C ASP G 123 18.73 6.03 -62.47
N GLU G 124 17.63 5.41 -62.08
CA GLU G 124 16.54 6.17 -61.43
C GLU G 124 16.66 6.07 -59.92
N GLN G 125 17.44 5.12 -59.44
CA GLN G 125 17.66 5.01 -58.01
C GLN G 125 18.81 5.96 -57.65
N LEU G 126 19.39 6.58 -58.68
CA LEU G 126 20.48 7.51 -58.48
C LEU G 126 19.93 8.84 -57.96
N LYS G 127 18.61 9.00 -58.09
CA LYS G 127 17.92 10.16 -57.55
C LYS G 127 17.43 9.97 -56.12
N SER G 128 17.57 8.77 -55.58
CA SER G 128 17.11 8.50 -54.22
C SER G 128 18.17 8.83 -53.17
N GLY G 129 19.43 8.79 -53.58
CA GLY G 129 20.54 9.08 -52.70
C GLY G 129 21.14 7.80 -52.16
N THR G 130 20.53 6.69 -52.54
CA THR G 130 20.99 5.36 -52.14
C THR G 130 21.04 4.42 -53.34
N ALA G 131 22.06 3.57 -53.37
CA ALA G 131 22.25 2.61 -54.45
C ALA G 131 22.20 1.19 -53.90
N SER G 132 21.48 0.32 -54.59
CA SER G 132 21.34 -1.08 -54.18
C SER G 132 21.84 -2.01 -55.28
N VAL G 133 22.95 -2.69 -55.01
CA VAL G 133 23.51 -3.64 -55.97
C VAL G 133 23.17 -5.07 -55.54
N VAL G 134 22.64 -5.87 -56.47
CA VAL G 134 22.09 -7.17 -56.08
C VAL G 134 22.86 -8.37 -56.65
N CYS G 135 23.18 -9.34 -55.79
CA CYS G 135 23.81 -10.57 -56.24
C CYS G 135 22.78 -11.70 -56.24
N LEU G 136 22.83 -12.55 -57.27
CA LEU G 136 21.80 -13.58 -57.45
C LEU G 136 22.32 -15.00 -57.64
N LEU G 137 21.78 -15.90 -56.83
CA LEU G 137 21.97 -17.35 -56.93
C LEU G 137 20.64 -17.98 -57.35
N ASN G 138 20.67 -18.78 -58.42
CA ASN G 138 19.44 -19.26 -59.04
C ASN G 138 18.96 -20.66 -58.61
N ASN G 139 19.72 -21.69 -58.93
CA ASN G 139 19.30 -23.07 -58.63
C ASN G 139 20.39 -23.98 -58.04
N PHE G 140 20.47 -24.03 -56.71
CA PHE G 140 21.49 -24.86 -56.06
C PHE G 140 20.94 -25.72 -54.92
N TYR G 141 21.73 -26.73 -54.54
CA TYR G 141 21.46 -27.60 -53.40
C TYR G 141 22.79 -28.03 -52.79
N PRO G 142 22.88 -28.02 -51.45
CA PRO G 142 21.84 -27.66 -50.49
C PRO G 142 21.68 -26.16 -50.31
N ARG G 143 20.77 -25.74 -49.43
CA ARG G 143 20.46 -24.32 -49.24
C ARG G 143 21.64 -23.50 -48.73
N GLU G 144 22.50 -24.12 -47.92
CA GLU G 144 23.62 -23.42 -47.31
C GLU G 144 24.60 -22.90 -48.35
N ALA G 145 24.73 -21.58 -48.44
CA ALA G 145 25.65 -20.96 -49.39
C ALA G 145 26.16 -19.64 -48.85
N LYS G 146 27.45 -19.38 -49.05
CA LYS G 146 28.06 -18.18 -48.49
C LYS G 146 28.32 -17.13 -49.57
N VAL G 147 27.72 -15.96 -49.40
CA VAL G 147 27.87 -14.87 -50.36
C VAL G 147 28.62 -13.68 -49.75
N GLN G 148 29.73 -13.30 -50.38
CA GLN G 148 30.53 -12.19 -49.89
C GLN G 148 30.64 -11.07 -50.91
N TRP G 149 30.50 -9.83 -50.45
CA TRP G 149 30.68 -8.68 -51.31
C TRP G 149 32.10 -8.18 -51.19
N LYS G 150 32.72 -7.86 -52.33
CA LYS G 150 34.09 -7.39 -52.34
C LYS G 150 34.26 -6.19 -53.27
N VAL G 151 34.68 -5.08 -52.66
CA VAL G 151 34.90 -3.84 -53.38
C VAL G 151 36.37 -3.42 -53.30
N ASP G 152 37.09 -3.50 -54.42
CA ASP G 152 38.52 -3.20 -54.48
C ASP G 152 39.28 -4.05 -53.45
N ASN G 153 39.18 -5.38 -53.60
CA ASN G 153 39.67 -6.34 -52.60
C ASN G 153 39.52 -5.87 -51.15
N ALA G 154 38.31 -5.44 -50.82
CA ALA G 154 37.97 -5.06 -49.46
C ALA G 154 36.62 -5.68 -49.09
N LEU G 155 36.60 -6.42 -47.99
CA LEU G 155 35.40 -7.12 -47.59
C LEU G 155 34.48 -6.21 -46.80
N GLN G 156 33.24 -6.10 -47.26
CA GLN G 156 32.23 -5.26 -46.62
C GLN G 156 31.27 -6.07 -45.75
N SER G 157 30.93 -5.53 -44.58
CA SER G 157 30.06 -6.25 -43.66
C SER G 157 29.08 -5.32 -42.97
N GLY G 158 27.99 -5.93 -42.49
CA GLY G 158 26.91 -5.26 -41.80
C GLY G 158 25.98 -4.42 -42.67
N ASN G 159 26.31 -4.22 -43.94
CA ASN G 159 25.39 -3.51 -44.84
C ASN G 159 24.68 -4.45 -45.81
N SER G 160 25.14 -5.69 -45.90
CA SER G 160 24.56 -6.62 -46.84
C SER G 160 23.50 -7.49 -46.19
N GLN G 161 22.40 -7.70 -46.89
CA GLN G 161 21.33 -8.52 -46.34
C GLN G 161 20.82 -9.53 -47.37
N GLU G 162 20.71 -10.79 -46.96
CA GLU G 162 20.29 -11.86 -47.85
C GLU G 162 18.86 -12.34 -47.64
N SER G 163 18.29 -12.94 -48.69
CA SER G 163 16.97 -13.54 -48.64
C SER G 163 16.92 -14.78 -49.51
N VAL G 164 16.56 -15.92 -48.92
CA VAL G 164 16.54 -17.19 -49.65
C VAL G 164 15.10 -17.71 -49.82
N THR G 165 14.75 -18.07 -51.05
CA THR G 165 13.42 -18.58 -51.37
C THR G 165 13.22 -20.00 -50.85
N GLU G 166 11.97 -20.45 -50.86
CA GLU G 166 11.63 -21.77 -50.37
C GLU G 166 11.94 -22.82 -51.43
N GLN G 167 12.09 -24.08 -51.03
CA GLN G 167 12.48 -25.14 -51.96
C GLN G 167 11.48 -25.31 -53.10
N ASP G 168 11.97 -25.28 -54.34
CA ASP G 168 11.10 -25.45 -55.50
C ASP G 168 10.45 -26.83 -55.49
N SER G 169 9.25 -26.92 -56.03
CA SER G 169 8.49 -28.17 -56.08
C SER G 169 8.64 -28.88 -57.43
N LYS G 170 9.55 -28.37 -58.26
CA LYS G 170 9.73 -28.91 -59.61
C LYS G 170 11.13 -29.46 -59.78
N ASP G 171 12.13 -28.65 -59.40
CA ASP G 171 13.52 -29.06 -59.52
C ASP G 171 14.18 -29.19 -58.15
N SER G 172 13.43 -28.91 -57.10
CA SER G 172 13.89 -29.00 -55.72
C SER G 172 15.16 -28.20 -55.45
N THR G 173 15.26 -27.02 -56.06
CA THR G 173 16.43 -26.17 -55.86
C THR G 173 16.07 -24.88 -55.10
N TYR G 174 17.10 -24.23 -54.56
CA TYR G 174 16.93 -23.00 -53.80
C TYR G 174 17.43 -21.82 -54.61
N SER G 175 16.95 -20.62 -54.28
CA SER G 175 17.46 -19.41 -54.90
C SER G 175 17.72 -18.37 -53.82
N LEU G 176 18.90 -17.75 -53.85
CA LEU G 176 19.25 -16.80 -52.81
C LEU G 176 19.63 -15.44 -53.40
N SER G 177 19.20 -14.35 -52.76
CA SER G 177 19.55 -13.01 -53.22
C SER G 177 20.23 -12.19 -52.14
N SER G 178 21.45 -11.72 -52.44
CA SER G 178 22.19 -10.89 -51.51
C SER G 178 22.17 -9.43 -51.95
N THR G 179 21.40 -8.61 -51.24
CA THR G 179 21.25 -7.19 -51.58
C THR G 179 22.18 -6.29 -50.77
N LEU G 180 22.96 -5.50 -51.48
CA LEU G 180 23.87 -4.55 -50.85
C LEU G 180 23.35 -3.12 -50.97
N THR G 181 23.07 -2.48 -49.84
CA THR G 181 22.52 -1.13 -49.83
C THR G 181 23.50 -0.07 -49.28
N LEU G 182 23.85 0.89 -50.12
CA LEU G 182 24.73 1.99 -49.72
C LEU G 182 24.18 3.35 -50.13
N SER G 183 24.89 4.42 -49.79
CA SER G 183 24.50 5.76 -50.24
C SER G 183 25.17 6.05 -51.57
N LYS G 184 24.63 7.00 -52.32
CA LYS G 184 25.16 7.31 -53.65
C LYS G 184 26.61 7.80 -53.59
N ALA G 185 26.95 8.54 -52.54
CA ALA G 185 28.33 8.99 -52.33
C ALA G 185 29.26 7.78 -52.25
N ASP G 186 28.88 6.83 -51.40
CA ASP G 186 29.68 5.64 -51.17
C ASP G 186 29.61 4.76 -52.41
N TYR G 187 28.52 4.88 -53.14
CA TYR G 187 28.35 4.15 -54.38
C TYR G 187 29.36 4.63 -55.42
N GLU G 188 29.58 5.95 -55.43
CA GLU G 188 30.51 6.57 -56.36
C GLU G 188 31.93 6.55 -55.85
N LYS G 189 32.13 6.08 -54.62
CA LYS G 189 33.49 6.02 -54.10
C LYS G 189 34.33 5.00 -54.87
N HIS G 190 33.72 3.90 -55.32
CA HIS G 190 34.47 2.91 -56.08
C HIS G 190 33.80 2.62 -57.42
N LYS G 191 34.60 2.21 -58.40
CA LYS G 191 34.12 1.99 -59.77
C LYS G 191 33.74 0.52 -59.94
N VAL G 192 34.60 -0.37 -59.44
CA VAL G 192 34.41 -1.80 -59.66
C VAL G 192 33.75 -2.48 -58.46
N TYR G 193 32.74 -3.28 -58.75
CA TYR G 193 32.01 -4.05 -57.74
C TYR G 193 32.08 -5.54 -58.00
N ALA G 194 32.45 -6.32 -56.99
CA ALA G 194 32.61 -7.75 -57.20
C ALA G 194 31.80 -8.55 -56.18
N CYS G 195 31.27 -9.68 -56.64
CA CYS G 195 30.51 -10.59 -55.79
C CYS G 195 31.13 -11.98 -55.82
N GLU G 196 31.59 -12.45 -54.66
CA GLU G 196 32.20 -13.78 -54.59
C GLU G 196 31.26 -14.77 -53.92
N VAL G 197 31.05 -15.90 -54.58
CA VAL G 197 30.11 -16.91 -54.10
C VAL G 197 30.82 -18.23 -53.79
N THR G 198 30.64 -18.70 -52.56
CA THR G 198 31.19 -19.97 -52.12
C THR G 198 30.10 -20.98 -51.81
N HIS G 199 30.13 -22.10 -52.53
CA HIS G 199 29.15 -23.16 -52.36
C HIS G 199 29.80 -24.53 -52.51
N GLN G 200 29.15 -25.55 -51.95
CA GLN G 200 29.68 -26.92 -51.99
C GLN G 200 29.75 -27.48 -53.41
N GLY G 201 28.80 -27.08 -54.25
CA GLY G 201 28.71 -27.55 -55.61
C GLY G 201 29.80 -27.02 -56.54
N LEU G 202 30.48 -25.97 -56.10
CA LEU G 202 31.52 -25.34 -56.89
C LEU G 202 32.90 -25.91 -56.57
N SER G 203 33.73 -26.06 -57.60
CA SER G 203 35.10 -26.53 -57.43
C SER G 203 35.95 -25.45 -56.80
N SER G 204 35.54 -24.21 -57.03
CA SER G 204 36.25 -23.04 -56.50
C SER G 204 35.31 -21.85 -56.47
N PRO G 205 35.43 -21.00 -55.43
CA PRO G 205 34.60 -19.80 -55.24
C PRO G 205 34.45 -19.00 -56.53
N VAL G 206 33.22 -18.85 -57.01
CA VAL G 206 32.98 -18.15 -58.27
C VAL G 206 32.74 -16.66 -58.04
N THR G 207 33.61 -15.84 -58.61
CA THR G 207 33.50 -14.40 -58.50
C THR G 207 32.96 -13.80 -59.79
N LYS G 208 31.98 -12.92 -59.66
CA LYS G 208 31.46 -12.18 -60.81
C LYS G 208 31.33 -10.70 -60.48
N SER G 209 31.77 -9.85 -61.39
CA SER G 209 31.91 -8.43 -61.11
C SER G 209 31.46 -7.55 -62.27
N PHE G 210 31.37 -6.25 -62.00
CA PHE G 210 31.11 -5.28 -63.07
C PHE G 210 31.83 -3.97 -62.76
N ASN G 211 32.09 -3.19 -63.80
CA ASN G 211 32.80 -1.93 -63.66
C ASN G 211 31.88 -0.72 -63.82
N GLU H 1 -27.64 15.75 47.53
CA GLU H 1 -27.03 15.22 46.31
C GLU H 1 -28.06 14.94 45.23
N VAL H 2 -28.22 15.89 44.31
CA VAL H 2 -29.17 15.73 43.21
C VAL H 2 -28.78 14.50 42.38
N GLN H 3 -29.71 13.58 42.19
CA GLN H 3 -29.41 12.36 41.43
C GLN H 3 -30.47 11.91 40.44
N LEU H 4 -30.00 11.21 39.40
CA LEU H 4 -30.85 10.58 38.40
C LEU H 4 -30.78 9.05 38.49
N VAL H 5 -31.86 8.40 38.92
CA VAL H 5 -31.84 6.95 39.00
C VAL H 5 -32.50 6.30 37.78
N GLU H 6 -31.79 5.34 37.18
CA GLU H 6 -32.21 4.74 35.92
C GLU H 6 -32.49 3.25 36.00
N SER H 7 -33.76 2.89 36.20
CA SER H 7 -34.16 1.48 36.21
C SER H 7 -34.56 1.02 34.81
N GLY H 8 -33.87 0.01 34.30
CA GLY H 8 -34.16 -0.51 32.97
C GLY H 8 -33.69 -1.93 32.73
N GLY H 9 -33.90 -2.42 31.52
CA GLY H 9 -33.54 -3.77 31.14
C GLY H 9 -32.04 -4.02 31.04
N GLY H 10 -31.62 -5.24 31.31
CA GLY H 10 -30.22 -5.62 31.21
C GLY H 10 -29.81 -6.26 29.90
N LEU H 11 -30.62 -7.19 29.41
CA LEU H 11 -30.32 -7.88 28.16
C LEU H 11 -31.58 -8.04 27.30
N VAL H 12 -31.40 -7.94 25.98
CA VAL H 12 -32.48 -8.12 25.03
C VAL H 12 -31.99 -8.77 23.74
N GLN H 13 -32.93 -9.21 22.93
CA GLN H 13 -32.64 -9.85 21.65
C GLN H 13 -32.83 -8.87 20.50
N PRO H 14 -31.96 -8.96 19.47
CA PRO H 14 -32.06 -8.05 18.32
C PRO H 14 -33.43 -8.13 17.65
N GLY H 15 -34.05 -6.98 17.42
CA GLY H 15 -35.37 -6.94 16.81
C GLY H 15 -36.47 -6.73 17.83
N ARG H 16 -36.13 -6.88 19.10
CA ARG H 16 -37.11 -6.72 20.17
C ARG H 16 -37.13 -5.29 20.69
N SER H 17 -38.02 -5.02 21.63
CA SER H 17 -38.17 -3.67 22.17
C SER H 17 -37.71 -3.60 23.63
N LEU H 18 -37.49 -2.38 24.12
CA LEU H 18 -37.12 -2.17 25.52
C LEU H 18 -37.34 -0.73 25.96
N LYS H 19 -38.00 -0.55 27.10
CA LYS H 19 -38.31 0.78 27.60
C LYS H 19 -37.49 1.13 28.84
N LEU H 20 -36.63 2.14 28.70
CA LEU H 20 -35.80 2.61 29.81
C LEU H 20 -36.51 3.72 30.57
N SER H 21 -36.36 3.69 31.89
CA SER H 21 -36.96 4.66 32.77
C SER H 21 -35.89 5.38 33.57
N CYS H 22 -36.15 6.63 33.91
CA CYS H 22 -35.21 7.45 34.68
C CYS H 22 -35.98 8.25 35.72
N VAL H 23 -35.56 8.15 36.98
CA VAL H 23 -36.30 8.82 38.04
C VAL H 23 -35.51 9.98 38.63
N ALA H 24 -36.22 11.06 38.89
CA ALA H 24 -35.65 12.27 39.46
C ALA H 24 -36.10 12.44 40.91
N SER H 25 -35.17 12.79 41.80
CA SER H 25 -35.50 12.88 43.20
C SER H 25 -35.31 14.28 43.82
N ARG H 26 -34.08 14.77 43.86
CA ARG H 26 -33.81 15.98 44.63
C ARG H 26 -33.73 17.30 43.84
N PHE H 27 -34.40 17.36 42.70
CA PHE H 27 -34.46 18.59 41.92
C PHE H 27 -35.82 18.65 41.24
N THR H 28 -36.21 19.85 40.80
CA THR H 28 -37.53 20.09 40.23
C THR H 28 -37.90 19.16 39.08
N PHE H 29 -36.98 19.01 38.13
CA PHE H 29 -37.12 18.10 36.99
C PHE H 29 -38.25 18.50 36.04
N SER H 30 -38.93 19.60 36.33
CA SER H 30 -40.03 20.02 35.47
C SER H 30 -39.59 21.21 34.65
N ASN H 31 -38.43 21.75 35.02
CA ASN H 31 -37.88 22.87 34.28
C ASN H 31 -36.58 22.47 33.60
N TYR H 32 -36.15 21.24 33.82
CA TYR H 32 -34.91 20.75 33.22
C TYR H 32 -35.16 20.10 31.87
N GLY H 33 -34.43 20.54 30.84
CA GLY H 33 -34.46 19.87 29.56
C GLY H 33 -33.80 18.53 29.77
N MET H 34 -34.41 17.47 29.26
CA MET H 34 -33.86 16.14 29.54
C MET H 34 -33.34 15.41 28.30
N ASN H 35 -32.28 14.63 28.51
CA ASN H 35 -31.65 13.93 27.41
C ASN H 35 -31.38 12.46 27.70
N TRP H 36 -31.20 11.71 26.62
CA TRP H 36 -30.73 10.34 26.71
C TRP H 36 -29.44 10.28 25.91
N ILE H 37 -28.35 9.92 26.57
CA ILE H 37 -27.05 9.84 25.92
C ILE H 37 -26.39 8.49 26.20
N ARG H 38 -26.02 7.78 25.14
CA ARG H 38 -25.47 6.43 25.32
C ARG H 38 -23.97 6.38 25.07
N GLN H 39 -23.29 5.58 25.88
CA GLN H 39 -21.86 5.33 25.69
C GLN H 39 -21.54 3.85 25.69
N THR H 40 -20.95 3.36 24.59
CA THR H 40 -20.49 1.99 24.55
C THR H 40 -19.13 2.00 25.23
N PRO H 41 -18.80 0.94 25.99
CA PRO H 41 -17.53 0.94 26.74
C PRO H 41 -16.30 1.11 25.86
N GLY H 42 -16.33 0.57 24.64
CA GLY H 42 -15.20 0.66 23.74
C GLY H 42 -15.09 1.97 22.98
N LYS H 43 -16.22 2.65 22.79
CA LYS H 43 -16.23 3.92 22.07
C LYS H 43 -16.39 5.09 23.05
N GLY H 44 -16.75 6.26 22.52
CA GLY H 44 -16.98 7.43 23.34
C GLY H 44 -18.43 7.73 23.68
N LEU H 45 -18.78 9.01 23.65
CA LEU H 45 -20.11 9.48 24.03
C LEU H 45 -20.93 9.92 22.83
N GLU H 46 -22.16 9.41 22.76
CA GLU H 46 -23.08 9.72 21.68
C GLU H 46 -24.43 10.17 22.22
N TRP H 47 -24.89 11.33 21.76
CA TRP H 47 -26.18 11.88 22.21
C TRP H 47 -27.30 11.31 21.35
N VAL H 48 -28.26 10.62 21.97
CA VAL H 48 -29.33 10.02 21.20
C VAL H 48 -30.67 10.77 21.25
N ALA H 49 -31.00 11.44 22.35
CA ALA H 49 -32.31 12.08 22.43
C ALA H 49 -32.40 13.31 23.34
N TYR H 50 -33.36 14.18 23.04
CA TYR H 50 -33.64 15.37 23.83
C TYR H 50 -35.13 15.69 23.85
N ILE H 51 -35.64 16.04 25.03
CA ILE H 51 -37.01 16.48 25.19
C ILE H 51 -37.09 17.72 26.09
N GLY H 52 -37.93 18.67 25.70
CA GLY H 52 -38.19 19.89 26.43
C GLY H 52 -39.16 19.70 27.58
N SER H 53 -39.31 20.75 28.40
CA SER H 53 -40.22 20.72 29.53
C SER H 53 -41.66 20.42 29.13
N THR H 54 -42.24 21.27 28.28
CA THR H 54 -43.59 21.06 27.76
C THR H 54 -43.72 19.92 26.74
N SER H 55 -42.66 19.13 26.57
CA SER H 55 -42.65 18.04 25.59
C SER H 55 -43.09 18.51 24.20
N SER H 56 -42.76 19.76 23.88
CA SER H 56 -43.08 20.35 22.60
C SER H 56 -41.91 20.21 21.63
N HIS H 57 -40.71 20.41 22.14
CA HIS H 57 -39.51 20.37 21.31
C HIS H 57 -38.76 19.08 21.61
N ILE H 58 -38.79 18.15 20.65
CA ILE H 58 -38.11 16.86 20.82
C ILE H 58 -37.18 16.58 19.65
N TYR H 59 -35.91 16.28 19.96
CA TYR H 59 -34.92 16.05 18.92
C TYR H 59 -34.19 14.71 19.08
N TYR H 60 -33.96 14.04 17.96
CA TYR H 60 -33.29 12.74 17.97
C TYR H 60 -32.02 12.77 17.11
N ALA H 61 -31.14 11.81 17.37
CA ALA H 61 -29.90 11.65 16.62
C ALA H 61 -30.20 11.02 15.26
N GLU H 62 -29.26 11.15 14.33
CA GLU H 62 -29.44 10.67 12.98
C GLU H 62 -29.66 9.16 12.91
N THR H 63 -28.92 8.44 13.74
CA THR H 63 -28.99 7.00 13.78
C THR H 63 -30.34 6.50 14.30
N VAL H 64 -30.85 7.10 15.36
CA VAL H 64 -32.09 6.63 15.94
C VAL H 64 -33.36 7.47 15.68
N LYS H 65 -33.33 8.31 14.63
CA LYS H 65 -34.42 9.22 14.27
C LYS H 65 -35.85 8.68 14.39
N GLY H 66 -36.11 7.51 13.84
CA GLY H 66 -37.45 6.95 13.87
C GLY H 66 -37.62 5.71 14.73
N ARG H 67 -36.51 5.07 15.07
CA ARG H 67 -36.53 3.83 15.85
C ARG H 67 -36.83 4.00 17.34
N PHE H 68 -36.32 5.07 17.93
CA PHE H 68 -36.51 5.31 19.36
C PHE H 68 -37.52 6.43 19.58
N THR H 69 -38.25 6.38 20.68
CA THR H 69 -39.16 7.46 21.04
C THR H 69 -38.94 7.91 22.48
N ILE H 70 -38.71 9.20 22.68
CA ILE H 70 -38.47 9.72 24.02
C ILE H 70 -39.62 10.62 24.49
N SER H 71 -40.15 10.32 25.67
CA SER H 71 -41.22 11.10 26.25
C SER H 71 -40.97 11.24 27.75
N ARG H 72 -41.70 12.15 28.40
CA ARG H 72 -41.46 12.35 29.85
C ARG H 72 -42.74 12.72 30.57
N ASP H 73 -42.81 12.36 31.85
CA ASP H 73 -43.91 12.72 32.72
C ASP H 73 -43.40 13.56 33.88
N ASN H 74 -43.86 14.81 33.94
CA ASN H 74 -43.47 15.74 35.01
C ASN H 74 -43.97 15.23 36.34
N ALA H 75 -45.19 14.69 36.34
CA ALA H 75 -45.71 14.05 37.52
C ALA H 75 -44.89 12.79 37.74
N LYS H 76 -44.67 12.44 39.01
CA LYS H 76 -43.84 11.29 39.38
C LYS H 76 -42.39 11.46 38.91
N ASN H 77 -42.09 12.58 38.28
CA ASN H 77 -40.73 12.95 37.84
C ASN H 77 -39.98 11.87 37.04
N THR H 78 -40.58 11.35 35.98
CA THR H 78 -39.93 10.27 35.25
C THR H 78 -39.69 10.51 33.75
N LEU H 79 -38.48 10.19 33.29
CA LEU H 79 -38.13 10.29 31.87
C LEU H 79 -38.10 8.91 31.22
N TYR H 80 -38.77 8.77 30.09
CA TYR H 80 -38.89 7.49 29.40
C TYR H 80 -38.29 7.48 28.00
N LEU H 81 -37.48 6.45 27.71
CA LEU H 81 -37.00 6.23 26.36
C LEU H 81 -37.37 4.82 25.88
N GLN H 82 -38.20 4.74 24.84
CA GLN H 82 -38.67 3.45 24.37
C GLN H 82 -38.01 3.09 23.04
N MET H 83 -37.34 1.94 23.02
CA MET H 83 -36.62 1.48 21.84
C MET H 83 -37.36 0.36 21.14
N THR H 84 -37.90 0.66 19.96
CA THR H 84 -38.65 -0.29 19.15
C THR H 84 -37.79 -1.31 18.39
N GLY H 85 -36.81 -0.81 17.64
CA GLY H 85 -35.96 -1.66 16.83
C GLY H 85 -34.55 -1.65 17.36
N LEU H 86 -34.01 -2.83 17.64
CA LEU H 86 -32.70 -2.92 18.26
C LEU H 86 -31.65 -3.64 17.41
N ARG H 87 -30.45 -3.09 17.39
CA ARG H 87 -29.33 -3.65 16.65
C ARG H 87 -28.14 -3.92 17.57
N SER H 88 -27.17 -4.67 17.07
CA SER H 88 -25.97 -5.00 17.83
C SER H 88 -25.18 -3.75 18.21
N GLU H 89 -25.22 -2.73 17.36
CA GLU H 89 -24.52 -1.49 17.63
C GLU H 89 -25.12 -0.75 18.83
N ASP H 90 -26.41 -1.01 19.10
CA ASP H 90 -27.11 -0.35 20.19
C ASP H 90 -26.62 -0.75 21.58
N THR H 91 -25.93 -1.88 21.67
CA THR H 91 -25.43 -2.34 22.97
C THR H 91 -24.54 -1.27 23.57
N ALA H 92 -24.97 -0.72 24.70
CA ALA H 92 -24.23 0.37 25.34
C ALA H 92 -24.72 0.63 26.74
N LEU H 93 -23.98 1.42 27.49
CA LEU H 93 -24.42 1.86 28.79
C LEU H 93 -25.17 3.18 28.55
N TYR H 94 -26.44 3.21 28.90
CA TYR H 94 -27.29 4.37 28.61
C TYR H 94 -27.43 5.32 29.80
N TYR H 95 -27.17 6.60 29.53
CA TYR H 95 -27.20 7.64 30.56
C TYR H 95 -28.42 8.55 30.45
N CYS H 96 -29.08 8.75 31.58
CA CYS H 96 -30.12 9.77 31.71
C CYS H 96 -29.42 11.09 32.02
N VAL H 97 -29.55 12.06 31.13
CA VAL H 97 -28.75 13.28 31.24
C VAL H 97 -29.63 14.50 31.48
N GLY H 98 -29.13 15.43 32.28
CA GLY H 98 -29.86 16.65 32.60
C GLY H 98 -29.26 17.88 31.94
N HIS H 99 -30.00 18.98 32.03
CA HIS H 99 -29.53 20.26 31.52
C HIS H 99 -29.24 21.20 32.69
N VAL H 100 -28.78 22.40 32.39
CA VAL H 100 -28.39 23.35 33.42
C VAL H 100 -29.37 24.49 33.66
N ARG H 101 -30.00 24.97 32.60
CA ARG H 101 -30.94 26.09 32.66
C ARG H 101 -30.21 27.30 33.24
N LYS H 102 -28.94 27.41 32.87
CA LYS H 102 -28.08 28.51 33.31
C LYS H 102 -27.26 28.99 32.13
N LEU H 103 -27.87 29.88 31.34
CA LEU H 103 -27.25 30.49 30.16
C LEU H 103 -26.51 29.50 29.25
N GLY H 104 -27.13 28.34 28.96
CA GLY H 104 -26.50 27.36 28.10
C GLY H 104 -27.34 26.21 27.57
N ALA H 105 -26.75 25.42 26.67
CA ALA H 105 -27.40 24.21 26.14
C ALA H 105 -26.59 22.97 26.48
N PHE H 106 -25.71 23.14 27.47
CA PHE H 106 -24.83 22.09 27.97
C PHE H 106 -25.42 21.30 29.15
N PHE H 107 -24.95 20.06 29.30
CA PHE H 107 -25.43 19.13 30.33
C PHE H 107 -24.87 19.39 31.73
N ASP H 108 -25.60 18.91 32.75
CA ASP H 108 -25.19 19.07 34.14
C ASP H 108 -25.15 17.78 34.95
N TYR H 109 -26.14 16.91 34.74
CA TYR H 109 -26.27 15.74 35.58
C TYR H 109 -26.38 14.48 34.75
N TRP H 110 -25.74 13.42 35.23
CA TRP H 110 -25.79 12.11 34.56
C TRP H 110 -26.13 11.08 35.61
N GLY H 111 -26.92 10.08 35.26
CA GLY H 111 -27.24 9.02 36.20
C GLY H 111 -26.07 8.07 36.30
N GLN H 112 -26.19 7.05 37.14
CA GLN H 112 -25.14 6.04 37.25
C GLN H 112 -24.99 5.34 35.91
N GLY H 113 -26.13 5.17 35.23
CA GLY H 113 -26.15 4.54 33.92
C GLY H 113 -26.71 3.13 33.93
N ALA H 114 -27.59 2.86 32.99
CA ALA H 114 -28.17 1.52 32.84
C ALA H 114 -27.79 0.94 31.49
N MET H 115 -27.08 -0.18 31.53
CA MET H 115 -26.54 -0.79 30.30
C MET H 115 -27.52 -1.75 29.64
N VAL H 116 -27.74 -1.55 28.35
CA VAL H 116 -28.52 -2.46 27.53
C VAL H 116 -27.57 -3.27 26.66
N THR H 117 -27.79 -4.58 26.63
CA THR H 117 -26.96 -5.49 25.86
C THR H 117 -27.83 -6.31 24.92
N VAL H 118 -27.66 -6.08 23.62
CA VAL H 118 -28.40 -6.82 22.62
C VAL H 118 -27.59 -8.03 22.17
N SER H 119 -28.18 -9.21 22.29
CA SER H 119 -27.52 -10.46 21.94
C SER H 119 -28.52 -11.61 21.85
N SER H 120 -28.29 -12.53 20.93
CA SER H 120 -29.16 -13.70 20.77
C SER H 120 -28.98 -14.67 21.94
N ALA H 121 -27.82 -14.61 22.58
CA ALA H 121 -27.50 -15.50 23.71
C ALA H 121 -28.38 -15.22 24.92
N SER H 122 -28.52 -16.23 25.78
CA SER H 122 -29.34 -16.10 26.98
C SER H 122 -28.53 -15.69 28.20
N THR H 123 -29.21 -15.14 29.20
CA THR H 123 -28.56 -14.68 30.43
C THR H 123 -28.10 -15.84 31.30
N LYS H 124 -26.98 -15.66 32.00
CA LYS H 124 -26.46 -16.69 32.89
C LYS H 124 -25.94 -16.13 34.20
N GLY H 125 -26.33 -16.75 35.31
CA GLY H 125 -25.94 -16.31 36.63
C GLY H 125 -24.49 -16.64 36.95
N PRO H 126 -23.85 -15.80 37.77
CA PRO H 126 -22.45 -15.96 38.18
C PRO H 126 -22.27 -16.96 39.31
N SER H 127 -21.11 -17.60 39.36
CA SER H 127 -20.77 -18.49 40.47
C SER H 127 -19.66 -17.85 41.29
N VAL H 128 -19.89 -17.76 42.60
CA VAL H 128 -18.96 -17.09 43.50
C VAL H 128 -18.15 -18.07 44.32
N PHE H 129 -16.83 -17.91 44.30
CA PHE H 129 -15.93 -18.78 45.06
C PHE H 129 -14.95 -17.96 45.89
N PRO H 130 -14.80 -18.31 47.17
CA PRO H 130 -14.00 -17.52 48.13
C PRO H 130 -12.49 -17.55 47.88
N LEU H 131 -11.87 -16.40 48.03
CA LEU H 131 -10.41 -16.29 47.98
C LEU H 131 -9.91 -16.09 49.41
N ALA H 132 -9.67 -17.22 50.09
CA ALA H 132 -9.35 -17.21 51.51
C ALA H 132 -7.92 -16.76 51.80
N PRO H 133 -7.76 -15.96 52.86
CA PRO H 133 -6.48 -15.45 53.37
C PRO H 133 -5.81 -16.41 54.36
N SER H 134 -4.57 -16.78 54.10
CA SER H 134 -3.81 -17.59 55.05
C SER H 134 -2.31 -17.38 54.88
N SER H 135 -1.58 -17.47 55.98
CA SER H 135 -0.12 -17.34 55.95
C SER H 135 0.53 -18.68 55.63
N THR H 142 -0.03 -7.99 57.16
CA THR H 142 -1.30 -7.74 56.50
C THR H 142 -1.56 -8.75 55.39
N ALA H 143 -2.76 -9.30 55.37
CA ALA H 143 -3.18 -10.28 54.39
C ALA H 143 -4.23 -9.71 53.43
N ALA H 144 -4.62 -10.50 52.45
CA ALA H 144 -5.64 -10.08 51.49
C ALA H 144 -6.63 -11.21 51.22
N LEU H 145 -7.89 -10.86 51.00
CA LEU H 145 -8.91 -11.86 50.73
C LEU H 145 -9.88 -11.38 49.65
N GLY H 146 -10.61 -12.31 49.03
CA GLY H 146 -11.45 -11.92 47.91
C GLY H 146 -12.59 -12.81 47.47
N CYS H 147 -13.11 -12.53 46.28
CA CYS H 147 -14.21 -13.28 45.70
C CYS H 147 -13.97 -13.51 44.21
N LEU H 148 -14.35 -14.70 43.73
CA LEU H 148 -14.19 -15.09 42.33
C LEU H 148 -15.54 -15.26 41.65
N VAL H 149 -15.75 -14.48 40.60
CA VAL H 149 -16.97 -14.53 39.82
C VAL H 149 -16.73 -15.28 38.51
N LYS H 150 -17.50 -16.34 38.28
CA LYS H 150 -17.28 -17.19 37.12
C LYS H 150 -18.54 -17.51 36.33
N ASP H 151 -18.35 -17.69 35.03
CA ASP H 151 -19.40 -18.13 34.10
C ASP H 151 -20.63 -17.25 34.11
N TYR H 152 -20.46 -15.94 33.92
CA TYR H 152 -21.62 -15.07 33.88
C TYR H 152 -21.70 -14.26 32.60
N PHE H 153 -22.91 -14.16 32.07
CA PHE H 153 -23.20 -13.36 30.90
C PHE H 153 -24.64 -12.87 30.98
N PRO H 154 -24.89 -11.60 30.60
CA PRO H 154 -23.86 -10.63 30.20
C PRO H 154 -23.39 -9.74 31.35
N GLU H 155 -22.56 -8.76 31.03
CA GLU H 155 -22.14 -7.76 32.00
C GLU H 155 -23.25 -6.75 32.26
N PRO H 156 -23.21 -6.07 33.43
CA PRO H 156 -22.21 -6.18 34.49
C PRO H 156 -22.69 -6.82 35.81
N VAL H 157 -21.73 -7.09 36.70
CA VAL H 157 -22.02 -7.55 38.06
C VAL H 157 -21.37 -6.58 39.04
N THR H 158 -22.12 -6.18 40.07
CA THR H 158 -21.59 -5.26 41.06
C THR H 158 -21.13 -6.01 42.30
N VAL H 159 -19.87 -5.80 42.66
CA VAL H 159 -19.28 -6.47 43.81
C VAL H 159 -18.80 -5.46 44.84
N SER H 160 -19.28 -5.62 46.07
CA SER H 160 -18.86 -4.77 47.18
C SER H 160 -18.57 -5.59 48.43
N TRP H 161 -18.03 -4.94 49.45
CA TRP H 161 -17.67 -5.64 50.67
C TRP H 161 -18.37 -5.07 51.90
N ASN H 162 -19.01 -5.97 52.65
CA ASN H 162 -19.76 -5.65 53.85
C ASN H 162 -20.83 -4.59 53.60
N SER H 163 -21.48 -4.70 52.45
CA SER H 163 -22.55 -3.78 52.05
C SER H 163 -22.10 -2.32 52.02
N GLY H 164 -20.85 -2.09 51.63
CA GLY H 164 -20.33 -0.74 51.51
C GLY H 164 -19.60 -0.23 52.74
N ALA H 165 -19.54 -1.05 53.78
CA ALA H 165 -18.83 -0.68 54.99
C ALA H 165 -17.33 -0.65 54.74
N LEU H 166 -16.86 -1.53 53.86
CA LEU H 166 -15.45 -1.60 53.52
C LEU H 166 -15.22 -1.02 52.13
N THR H 167 -14.58 0.14 52.07
CA THR H 167 -14.36 0.81 50.79
C THR H 167 -12.88 1.13 50.54
N SER H 168 -12.05 0.92 51.55
CA SER H 168 -10.63 1.22 51.44
C SER H 168 -9.82 -0.07 51.27
N GLY H 169 -8.93 -0.07 50.30
CA GLY H 169 -8.11 -1.23 49.99
C GLY H 169 -8.82 -2.23 49.11
N VAL H 170 -10.00 -1.85 48.63
CA VAL H 170 -10.80 -2.75 47.79
C VAL H 170 -10.50 -2.50 46.31
N HIS H 171 -10.15 -3.59 45.61
CA HIS H 171 -9.86 -3.53 44.19
C HIS H 171 -10.73 -4.52 43.38
N THR H 172 -11.59 -4.00 42.50
CA THR H 172 -12.37 -4.81 41.57
C THR H 172 -11.83 -4.80 40.15
N PHE H 173 -11.23 -5.93 39.79
CA PHE H 173 -10.59 -6.14 38.51
C PHE H 173 -11.60 -6.18 37.37
N PRO H 174 -11.22 -5.65 36.19
CA PRO H 174 -12.12 -5.68 35.03
C PRO H 174 -12.45 -7.10 34.59
N ALA H 175 -13.70 -7.32 34.18
CA ALA H 175 -14.16 -8.63 33.74
C ALA H 175 -13.39 -9.06 32.50
N VAL H 176 -12.93 -10.31 32.50
CA VAL H 176 -12.17 -10.86 31.39
C VAL H 176 -13.02 -11.86 30.62
N LEU H 177 -12.78 -11.97 29.31
CA LEU H 177 -13.57 -12.85 28.46
C LEU H 177 -12.93 -14.23 28.38
N GLN H 178 -13.67 -15.24 28.82
CA GLN H 178 -13.17 -16.61 28.86
C GLN H 178 -13.36 -17.32 27.52
N SER H 179 -12.74 -18.49 27.41
CA SER H 179 -12.83 -19.30 26.21
C SER H 179 -14.25 -19.82 26.02
N SER H 180 -14.94 -20.03 27.14
CA SER H 180 -16.33 -20.51 27.13
C SER H 180 -17.32 -19.46 26.64
N GLY H 181 -16.87 -18.22 26.59
CA GLY H 181 -17.69 -17.10 26.15
C GLY H 181 -18.36 -16.34 27.28
N LEU H 182 -18.18 -16.83 28.50
CA LEU H 182 -18.79 -16.20 29.65
C LEU H 182 -17.75 -15.30 30.32
N TYR H 183 -18.18 -14.22 30.97
CA TYR H 183 -17.25 -13.32 31.63
C TYR H 183 -16.88 -13.88 33.01
N SER H 184 -15.73 -13.42 33.51
CA SER H 184 -15.29 -13.83 34.84
C SER H 184 -14.37 -12.76 35.45
N LEU H 185 -14.60 -12.42 36.71
CA LEU H 185 -13.76 -11.39 37.35
C LEU H 185 -13.44 -11.71 38.80
N SER H 186 -12.39 -11.11 39.33
CA SER H 186 -12.02 -11.31 40.71
C SER H 186 -12.00 -9.98 41.45
N SER H 187 -12.59 -9.96 42.64
CA SER H 187 -12.57 -8.76 43.47
C SER H 187 -11.84 -9.02 44.78
N VAL H 188 -10.79 -8.26 45.04
CA VAL H 188 -9.98 -8.51 46.24
C VAL H 188 -9.94 -7.30 47.16
N VAL H 189 -9.52 -7.52 48.39
CA VAL H 189 -9.38 -6.48 49.40
C VAL H 189 -8.24 -6.78 50.36
N THR H 190 -7.52 -5.74 50.76
CA THR H 190 -6.40 -5.89 51.67
C THR H 190 -6.73 -5.43 53.09
N VAL H 191 -6.51 -6.33 54.03
CA VAL H 191 -6.78 -6.08 55.44
C VAL H 191 -5.63 -6.58 56.31
N PRO H 192 -5.44 -6.01 57.49
CA PRO H 192 -4.37 -6.48 58.39
C PRO H 192 -4.57 -7.91 58.88
N SER H 193 -3.47 -8.61 59.13
CA SER H 193 -3.52 -9.99 59.59
C SER H 193 -4.22 -10.06 60.95
N SER H 194 -4.05 -9.03 61.76
CA SER H 194 -4.69 -8.96 63.08
C SER H 194 -6.22 -8.85 62.97
N SER H 195 -6.70 -8.20 61.93
CA SER H 195 -8.12 -8.03 61.69
C SER H 195 -8.82 -9.36 61.39
N LEU H 196 -8.10 -10.27 60.75
CA LEU H 196 -8.63 -11.59 60.43
C LEU H 196 -8.93 -12.34 61.72
N GLY H 197 -10.13 -12.88 61.82
CA GLY H 197 -10.52 -13.58 63.03
C GLY H 197 -11.17 -12.64 64.04
N THR H 198 -11.13 -11.34 63.77
CA THR H 198 -11.72 -10.37 64.69
C THR H 198 -12.97 -9.74 64.08
N GLN H 199 -12.90 -9.46 62.79
CA GLN H 199 -14.03 -8.88 62.08
C GLN H 199 -14.50 -9.86 61.01
N THR H 200 -15.80 -9.94 60.83
CA THR H 200 -16.37 -10.83 59.82
C THR H 200 -16.41 -10.11 58.47
N TYR H 201 -15.91 -10.79 57.45
CA TYR H 201 -15.83 -10.24 56.11
C TYR H 201 -16.82 -10.91 55.17
N ILE H 202 -17.80 -10.15 54.71
CA ILE H 202 -18.76 -10.67 53.75
C ILE H 202 -18.66 -9.85 52.45
N CYS H 203 -18.45 -10.59 51.36
CA CYS H 203 -18.38 -10.05 50.00
C CYS H 203 -19.73 -10.26 49.31
N ASN H 204 -20.28 -9.20 48.75
CA ASN H 204 -21.57 -9.26 48.06
C ASN H 204 -21.47 -9.05 46.54
N VAL H 205 -21.94 -10.05 45.80
CA VAL H 205 -21.95 -10.01 44.34
C VAL H 205 -23.39 -9.98 43.80
N ASN H 206 -23.65 -9.09 42.84
CA ASN H 206 -24.99 -8.95 42.28
C ASN H 206 -25.03 -8.89 40.74
N HIS H 207 -25.87 -9.73 40.14
CA HIS H 207 -26.06 -9.79 38.68
C HIS H 207 -27.52 -9.50 38.34
N LYS H 208 -27.77 -8.29 37.86
CA LYS H 208 -29.13 -7.81 37.61
C LYS H 208 -29.89 -8.59 36.50
N PRO H 209 -29.25 -8.85 35.34
CA PRO H 209 -30.00 -9.56 34.30
C PRO H 209 -30.42 -11.00 34.62
N SER H 210 -29.62 -11.70 35.43
CA SER H 210 -29.89 -13.08 35.79
C SER H 210 -30.58 -13.21 37.15
N ASN H 211 -30.83 -12.07 37.80
CA ASN H 211 -31.41 -12.05 39.13
C ASN H 211 -30.60 -12.88 40.12
N THR H 212 -29.33 -12.52 40.28
CA THR H 212 -28.46 -13.28 41.17
C THR H 212 -27.89 -12.40 42.28
N LYS H 213 -28.32 -12.65 43.51
CA LYS H 213 -27.83 -11.88 44.66
C LYS H 213 -27.14 -12.79 45.65
N VAL H 214 -25.82 -12.72 45.72
CA VAL H 214 -25.07 -13.59 46.61
C VAL H 214 -24.31 -12.80 47.66
N ASP H 215 -24.58 -13.13 48.92
CA ASP H 215 -23.82 -12.60 50.04
C ASP H 215 -22.94 -13.73 50.56
N LYS H 216 -21.66 -13.68 50.24
CA LYS H 216 -20.76 -14.78 50.53
C LYS H 216 -19.69 -14.40 51.56
N LYS H 217 -19.48 -15.28 52.54
CA LYS H 217 -18.57 -15.01 53.64
C LYS H 217 -17.24 -15.69 53.39
N VAL H 218 -16.15 -14.99 53.69
CA VAL H 218 -14.83 -15.56 53.45
C VAL H 218 -14.15 -15.87 54.77
N GLU H 219 -13.80 -17.14 54.94
CA GLU H 219 -13.13 -17.60 56.15
C GLU H 219 -11.71 -18.10 55.86
N PRO H 220 -10.80 -17.96 56.83
CA PRO H 220 -9.43 -18.45 56.67
C PRO H 220 -9.32 -19.98 56.58
N LYS H 221 -8.12 -20.45 56.24
CA LYS H 221 -7.87 -21.88 56.09
C LYS H 221 -6.95 -22.35 57.21
N SER H 222 -7.26 -23.50 57.79
CA SER H 222 -6.44 -24.07 58.84
C SER H 222 -5.44 -25.09 58.29
N GLU I 1 19.35 -11.34 -9.73
CA GLU I 1 18.61 -11.87 -8.56
C GLU I 1 19.13 -11.21 -7.28
N VAL I 2 20.15 -10.35 -7.41
CA VAL I 2 20.75 -9.63 -6.25
C VAL I 2 21.24 -10.66 -5.21
N GLN I 3 21.90 -11.73 -5.67
CA GLN I 3 22.49 -12.75 -4.77
C GLN I 3 23.74 -12.14 -4.14
N LEU I 4 24.60 -11.55 -4.98
CA LEU I 4 25.81 -10.87 -4.55
C LEU I 4 25.55 -9.37 -4.53
N VAL I 5 25.48 -8.80 -3.34
CA VAL I 5 25.27 -7.35 -3.18
C VAL I 5 26.62 -6.69 -2.95
N GLU I 6 26.88 -5.60 -3.67
CA GLU I 6 28.21 -5.01 -3.67
C GLU I 6 28.22 -3.61 -3.06
N SER I 7 28.53 -3.55 -1.76
CA SER I 7 28.61 -2.28 -1.06
C SER I 7 30.03 -1.71 -1.12
N GLY I 8 30.16 -0.52 -1.68
CA GLY I 8 31.46 0.12 -1.81
C GLY I 8 31.38 1.62 -1.99
N GLY I 9 32.54 2.25 -2.13
CA GLY I 9 32.62 3.69 -2.27
C GLY I 9 32.10 4.21 -3.61
N GLY I 10 31.54 5.41 -3.60
CA GLY I 10 31.04 6.03 -4.81
C GLY I 10 32.02 6.99 -5.47
N LEU I 11 32.64 7.85 -4.67
CA LEU I 11 33.61 8.82 -5.19
C LEU I 11 34.82 8.94 -4.27
N VAL I 12 36.00 9.09 -4.88
CA VAL I 12 37.23 9.24 -4.13
C VAL I 12 38.26 10.07 -4.92
N GLN I 13 39.33 10.48 -4.26
CA GLN I 13 40.42 11.25 -4.88
C GLN I 13 41.61 10.33 -5.19
N PRO I 14 42.28 10.54 -6.34
CA PRO I 14 43.44 9.73 -6.73
C PRO I 14 44.58 9.76 -5.70
N GLY I 15 45.12 8.58 -5.38
CA GLY I 15 46.18 8.47 -4.40
C GLY I 15 45.71 7.95 -3.06
N ARG I 16 44.40 7.99 -2.85
CA ARG I 16 43.82 7.50 -1.60
C ARG I 16 43.42 6.03 -1.73
N SER I 17 42.92 5.46 -0.65
CA SER I 17 42.54 4.05 -0.64
C SER I 17 41.03 3.86 -0.55
N LEU I 18 40.57 2.65 -0.83
CA LEU I 18 39.15 2.33 -0.74
C LEU I 18 38.92 0.82 -0.67
N LYS I 19 38.08 0.40 0.28
CA LYS I 19 37.81 -1.02 0.48
C LYS I 19 36.39 -1.37 0.02
N LEU I 20 36.30 -2.20 -1.01
CA LEU I 20 35.04 -2.66 -1.57
C LEU I 20 34.60 -3.96 -0.91
N SER I 21 33.29 -4.08 -0.65
CA SER I 21 32.75 -5.28 -0.04
C SER I 21 31.66 -5.92 -0.90
N CYS I 22 31.57 -7.25 -0.81
CA CYS I 22 30.59 -8.02 -1.56
C CYS I 22 30.02 -9.09 -0.65
N VAL I 23 28.70 -9.11 -0.52
CA VAL I 23 28.05 -10.07 0.37
C VAL I 23 27.26 -11.06 -0.46
N ALA I 24 27.31 -12.31 -0.05
CA ALA I 24 26.58 -13.38 -0.72
C ALA I 24 25.42 -13.79 0.17
N SER I 25 24.23 -13.95 -0.42
CA SER I 25 23.05 -14.24 0.38
C SER I 25 22.41 -15.59 0.03
N ARG I 26 21.75 -15.66 -1.12
CA ARG I 26 20.96 -16.85 -1.46
C ARG I 26 21.72 -18.16 -1.77
N PHE I 27 23.04 -18.11 -1.96
CA PHE I 27 23.80 -19.36 -2.18
C PHE I 27 24.81 -19.67 -1.06
N THR I 28 25.25 -20.93 -1.01
CA THR I 28 26.17 -21.45 0.02
C THR I 28 27.45 -20.64 0.19
N PHE I 29 28.05 -20.26 -0.95
CA PHE I 29 29.24 -19.41 -0.99
C PHE I 29 30.53 -20.15 -0.51
N SER I 30 30.43 -21.46 -0.31
CA SER I 30 31.60 -22.25 0.09
C SER I 30 32.09 -23.08 -1.08
N ASN I 31 33.41 -23.06 -1.28
CA ASN I 31 34.12 -23.74 -2.38
C ASN I 31 33.87 -23.07 -3.73
N TYR I 32 33.12 -21.97 -3.72
CA TYR I 32 32.92 -21.18 -4.92
C TYR I 32 34.01 -20.13 -5.02
N GLY I 33 34.68 -20.07 -6.17
CA GLY I 33 35.67 -19.05 -6.43
C GLY I 33 35.06 -17.67 -6.53
N MET I 34 35.70 -16.68 -5.91
CA MET I 34 35.18 -15.32 -5.92
C MET I 34 36.11 -14.42 -6.74
N ASN I 35 35.51 -13.50 -7.49
CA ASN I 35 36.30 -12.66 -8.36
C ASN I 35 35.92 -11.19 -8.33
N TRP I 36 36.85 -10.34 -8.74
CA TRP I 36 36.54 -8.94 -8.95
C TRP I 36 36.87 -8.64 -10.41
N ILE I 37 35.85 -8.18 -11.15
CA ILE I 37 36.00 -7.84 -12.57
C ILE I 37 35.50 -6.43 -12.86
N ARG I 38 36.33 -5.58 -13.45
CA ARG I 38 35.92 -4.19 -13.68
C ARG I 38 35.63 -3.93 -15.15
N GLN I 39 34.61 -3.12 -15.40
CA GLN I 39 34.21 -2.71 -16.74
C GLN I 39 34.15 -1.19 -16.83
N THR I 40 34.83 -0.62 -17.83
CA THR I 40 34.77 0.81 -18.05
C THR I 40 33.41 1.11 -18.67
N PRO I 41 32.82 2.27 -18.32
CA PRO I 41 31.46 2.60 -18.76
C PRO I 41 31.25 2.54 -20.26
N GLY I 42 32.28 2.86 -21.04
CA GLY I 42 32.17 2.81 -22.49
C GLY I 42 31.94 1.38 -22.92
N LYS I 43 32.90 0.52 -22.61
CA LYS I 43 32.86 -0.91 -22.93
C LYS I 43 34.11 -1.58 -22.37
N GLY I 44 34.24 -2.88 -22.59
CA GLY I 44 35.44 -3.61 -22.20
C GLY I 44 35.42 -4.24 -20.81
N LEU I 45 35.68 -5.53 -20.76
CA LEU I 45 35.67 -6.29 -19.51
C LEU I 45 37.08 -6.71 -19.10
N GLU I 46 37.45 -6.42 -17.86
CA GLU I 46 38.78 -6.79 -17.37
C GLU I 46 38.70 -7.50 -16.02
N TRP I 47 39.35 -8.66 -15.93
CA TRP I 47 39.38 -9.46 -14.72
C TRP I 47 40.52 -8.98 -13.84
N VAL I 48 40.23 -8.52 -12.62
CA VAL I 48 41.30 -8.01 -11.77
C VAL I 48 41.71 -8.99 -10.66
N ALA I 49 40.78 -9.78 -10.14
CA ALA I 49 41.18 -10.66 -9.02
C ALA I 49 40.37 -11.95 -8.85
N TYR I 50 41.00 -12.93 -8.21
CA TYR I 50 40.41 -14.24 -7.87
C TYR I 50 40.87 -14.75 -6.52
N ILE I 51 39.93 -15.28 -5.73
CA ILE I 51 40.27 -15.93 -4.47
C ILE I 51 39.47 -17.23 -4.29
N GLY I 52 40.15 -18.27 -3.82
CA GLY I 52 39.54 -19.55 -3.55
C GLY I 52 38.86 -19.58 -2.19
N SER I 53 38.11 -20.65 -1.93
CA SER I 53 37.42 -20.82 -0.66
C SER I 53 38.39 -20.78 0.52
N THR I 54 39.38 -21.67 0.45
CA THR I 54 40.45 -21.68 1.45
C THR I 54 41.82 -21.70 0.77
N SER I 55 41.92 -22.46 -0.32
CA SER I 55 43.18 -22.58 -1.05
C SER I 55 43.40 -21.33 -1.89
N SER I 56 44.52 -20.66 -1.65
CA SER I 56 44.86 -19.44 -2.38
C SER I 56 45.73 -19.76 -3.59
N TYR I 59 45.25 -14.89 -7.14
CA TYR I 59 45.66 -14.38 -8.45
C TYR I 59 45.31 -12.91 -8.63
N TYR I 60 46.25 -12.16 -9.18
CA TYR I 60 46.06 -10.75 -9.48
C TYR I 60 46.37 -10.45 -10.94
N ALA I 61 45.85 -9.33 -11.44
CA ALA I 61 46.14 -8.88 -12.79
C ALA I 61 47.52 -8.21 -12.81
N GLU I 62 48.14 -8.10 -13.99
CA GLU I 62 49.46 -7.50 -14.12
C GLU I 62 49.47 -6.03 -13.73
N THR I 63 48.33 -5.35 -13.94
CA THR I 63 48.21 -3.90 -13.62
C THR I 63 48.16 -3.70 -12.10
N VAL I 64 47.38 -4.52 -11.38
CA VAL I 64 47.22 -4.37 -9.90
C VAL I 64 47.93 -5.50 -9.16
N LYS I 65 48.94 -6.12 -9.80
CA LYS I 65 49.72 -7.25 -9.24
C LYS I 65 50.03 -7.07 -7.75
N GLY I 66 50.51 -5.89 -7.34
CA GLY I 66 50.88 -5.65 -5.93
C GLY I 66 50.20 -4.43 -5.35
N ARG I 67 49.40 -3.74 -6.16
CA ARG I 67 48.69 -2.51 -5.72
C ARG I 67 47.48 -2.89 -4.86
N PHE I 68 46.58 -3.70 -5.42
CA PHE I 68 45.35 -4.10 -4.73
C PHE I 68 45.52 -5.43 -4.00
N THR I 69 44.78 -5.63 -2.91
CA THR I 69 44.80 -6.92 -2.21
C THR I 69 43.38 -7.45 -1.98
N ILE I 70 43.13 -8.69 -2.40
CA ILE I 70 41.80 -9.29 -2.29
C ILE I 70 41.77 -10.45 -1.27
N SER I 71 40.80 -10.40 -0.37
CA SER I 71 40.65 -11.43 0.65
C SER I 71 39.18 -11.76 0.87
N ARG I 72 38.89 -12.87 1.54
CA ARG I 72 37.49 -13.23 1.83
C ARG I 72 37.33 -13.88 3.21
N ASP I 73 36.15 -13.69 3.78
CA ASP I 73 35.80 -14.29 5.06
C ASP I 73 34.55 -15.16 4.92
N ASN I 74 34.68 -16.45 5.23
CA ASN I 74 33.58 -17.39 5.15
C ASN I 74 32.48 -17.00 6.12
N ALA I 75 32.87 -16.55 7.31
CA ALA I 75 31.92 -16.04 8.28
C ALA I 75 31.35 -14.74 7.72
N LYS I 76 30.03 -14.61 7.78
CA LYS I 76 29.28 -13.47 7.24
C LYS I 76 29.30 -13.45 5.71
N ASN I 77 29.93 -14.46 5.11
CA ASN I 77 29.96 -14.62 3.65
C ASN I 77 30.40 -13.36 2.90
N THR I 78 31.53 -12.77 3.28
CA THR I 78 31.90 -11.50 2.67
C THR I 78 33.26 -11.48 1.97
N LEU I 79 33.27 -10.93 0.76
CA LEU I 79 34.46 -10.77 -0.05
C LEU I 79 34.94 -9.32 -0.03
N TYR I 80 36.22 -9.11 0.24
CA TYR I 80 36.80 -7.78 0.38
C TYR I 80 37.87 -7.53 -0.69
N LEU I 81 37.78 -6.38 -1.36
CA LEU I 81 38.80 -5.94 -2.28
C LEU I 81 39.37 -4.60 -1.84
N GLN I 82 40.65 -4.57 -1.52
CA GLN I 82 41.24 -3.34 -1.00
C GLN I 82 42.13 -2.68 -2.04
N MET I 83 41.79 -1.43 -2.37
CA MET I 83 42.53 -0.67 -3.37
C MET I 83 43.37 0.43 -2.73
N THR I 84 44.68 0.25 -2.75
CA THR I 84 45.61 1.23 -2.17
C THR I 84 45.83 2.46 -3.03
N GLY I 85 46.15 2.26 -4.30
CA GLY I 85 46.44 3.35 -5.21
C GLY I 85 45.42 3.49 -6.33
N LEU I 86 44.86 4.68 -6.47
CA LEU I 86 43.81 4.91 -7.47
C LEU I 86 44.23 5.95 -8.50
N ARG I 87 43.88 5.69 -9.75
CA ARG I 87 44.23 6.57 -10.85
C ARG I 87 42.98 7.00 -11.62
N SER I 88 43.11 8.02 -12.46
CA SER I 88 41.96 8.54 -13.23
C SER I 88 41.38 7.48 -14.16
N GLU I 89 42.26 6.65 -14.71
CA GLU I 89 41.86 5.56 -15.60
C GLU I 89 41.13 4.42 -14.87
N ASP I 90 41.38 4.31 -13.56
CA ASP I 90 40.82 3.24 -12.76
C ASP I 90 39.29 3.34 -12.58
N THR I 91 38.73 4.51 -12.83
CA THR I 91 37.29 4.74 -12.67
C THR I 91 36.46 3.77 -13.50
N ALA I 92 35.65 2.95 -12.83
CA ALA I 92 34.87 1.94 -13.56
C ALA I 92 33.81 1.26 -12.70
N LEU I 93 32.98 0.45 -13.34
CA LEU I 93 31.99 -0.37 -12.66
C LEU I 93 32.63 -1.67 -12.22
N TYR I 94 32.67 -1.91 -10.90
CA TYR I 94 33.30 -3.13 -10.40
C TYR I 94 32.25 -4.17 -10.09
N TYR I 95 32.45 -5.35 -10.66
CA TYR I 95 31.51 -6.48 -10.53
C TYR I 95 32.09 -7.57 -9.65
N CYS I 96 31.28 -8.00 -8.67
CA CYS I 96 31.60 -9.17 -7.87
C CYS I 96 31.14 -10.39 -8.65
N VAL I 97 32.07 -11.26 -9.03
CA VAL I 97 31.76 -12.35 -9.96
C VAL I 97 31.99 -13.70 -9.29
N GLY I 98 31.18 -14.70 -9.64
CA GLY I 98 31.35 -16.01 -9.05
C GLY I 98 31.94 -17.02 -10.02
N HIS I 99 32.35 -18.17 -9.49
CA HIS I 99 32.85 -19.28 -10.30
C HIS I 99 31.90 -20.46 -10.26
N VAL I 100 32.21 -21.49 -11.03
CA VAL I 100 31.43 -22.73 -11.00
C VAL I 100 32.27 -23.77 -10.29
N ARG I 101 31.62 -24.76 -9.70
CA ARG I 101 32.36 -25.79 -8.98
C ARG I 101 32.32 -27.12 -9.72
N LYS I 102 33.47 -27.76 -9.78
CA LYS I 102 33.70 -29.04 -10.48
C LYS I 102 33.27 -29.12 -11.96
N LEU I 103 33.10 -27.99 -12.63
CA LEU I 103 32.77 -28.00 -14.06
C LEU I 103 33.93 -27.44 -14.91
N GLY I 104 34.43 -26.26 -14.51
CA GLY I 104 35.51 -25.60 -15.25
C GLY I 104 36.01 -24.34 -14.55
N ALA I 105 36.89 -23.58 -15.21
CA ALA I 105 37.48 -22.35 -14.65
C ALA I 105 36.65 -21.12 -15.04
N PHE I 106 35.55 -21.32 -15.77
CA PHE I 106 34.69 -20.19 -16.22
C PHE I 106 33.84 -19.68 -15.06
N PHE I 107 33.31 -18.46 -15.21
CA PHE I 107 32.43 -17.84 -14.17
C PHE I 107 30.96 -18.13 -14.53
N ASP I 108 30.03 -17.85 -13.61
CA ASP I 108 28.62 -18.10 -13.88
C ASP I 108 27.74 -16.89 -13.54
N TYR I 109 28.02 -16.24 -12.42
CA TYR I 109 27.22 -15.11 -11.97
C TYR I 109 28.05 -13.91 -11.56
N TRP I 110 27.55 -12.73 -11.89
CA TRP I 110 28.17 -11.47 -11.49
C TRP I 110 27.08 -10.59 -10.91
N GLY I 111 27.42 -9.79 -9.91
CA GLY I 111 26.44 -8.93 -9.27
C GLY I 111 26.03 -7.76 -10.13
N GLN I 112 25.15 -6.92 -9.59
CA GLN I 112 24.66 -5.75 -10.31
C GLN I 112 25.81 -4.80 -10.65
N GLY I 113 26.78 -4.70 -9.75
CA GLY I 113 27.93 -3.87 -9.97
C GLY I 113 27.92 -2.57 -9.19
N ALA I 114 29.07 -2.25 -8.59
CA ALA I 114 29.23 -1.00 -7.87
C ALA I 114 30.31 -0.16 -8.53
N MET I 115 29.94 1.02 -9.02
CA MET I 115 30.85 1.87 -9.76
C MET I 115 31.64 2.82 -8.88
N VAL I 116 32.96 2.81 -9.05
CA VAL I 116 33.81 3.78 -8.38
C VAL I 116 34.26 4.83 -9.39
N THR I 117 34.19 6.09 -8.97
CA THR I 117 34.55 7.22 -9.80
C THR I 117 35.62 8.05 -9.11
N VAL I 118 36.81 8.03 -9.67
CA VAL I 118 37.93 8.79 -9.14
C VAL I 118 38.04 10.14 -9.84
N SER I 119 38.05 11.20 -9.04
CA SER I 119 38.12 12.56 -9.54
C SER I 119 38.45 13.49 -8.38
N SER I 120 39.25 14.52 -8.64
CA SER I 120 39.59 15.50 -7.62
C SER I 120 38.40 16.38 -7.28
N ALA I 121 37.44 16.46 -8.21
CA ALA I 121 36.25 17.26 -8.01
C ALA I 121 35.43 16.69 -6.86
N SER I 122 34.61 17.53 -6.23
CA SER I 122 33.83 17.10 -5.08
C SER I 122 32.45 16.62 -5.51
N THR I 123 31.82 15.83 -4.64
CA THR I 123 30.51 15.28 -4.94
C THR I 123 29.42 16.35 -4.85
N LYS I 124 28.39 16.20 -5.67
CA LYS I 124 27.29 17.15 -5.72
C LYS I 124 25.95 16.41 -5.75
N GLY I 125 25.02 16.85 -4.90
CA GLY I 125 23.72 16.23 -4.81
C GLY I 125 22.81 16.57 -5.97
N PRO I 126 21.91 15.63 -6.33
CA PRO I 126 20.97 15.82 -7.44
C PRO I 126 19.75 16.66 -7.09
N SER I 127 19.21 17.36 -8.08
CA SER I 127 17.97 18.10 -7.90
C SER I 127 16.84 17.46 -8.72
N VAL I 128 15.73 17.15 -8.06
CA VAL I 128 14.62 16.48 -8.72
C VAL I 128 13.46 17.44 -8.97
N PHE I 129 12.97 17.46 -10.21
CA PHE I 129 11.86 18.34 -10.59
C PHE I 129 10.77 17.57 -11.32
N PRO I 130 9.51 17.77 -10.92
CA PRO I 130 8.37 17.01 -11.44
C PRO I 130 8.02 17.30 -12.90
N LEU I 131 7.75 16.23 -13.65
CA LEU I 131 7.24 16.33 -15.02
C LEU I 131 5.77 15.95 -15.05
N ALA I 132 4.92 16.95 -14.87
CA ALA I 132 3.48 16.73 -14.77
C ALA I 132 2.85 16.40 -16.13
N PRO I 133 1.89 15.47 -16.14
CA PRO I 133 1.19 15.07 -17.37
C PRO I 133 0.03 16.00 -17.71
N SER I 134 0.04 16.51 -18.95
CA SER I 134 -1.04 17.33 -19.49
C SER I 134 -1.23 18.62 -18.68
N ALA I 144 1.53 10.53 -20.29
CA ALA I 144 2.85 10.19 -19.75
C ALA I 144 3.30 11.23 -18.72
N LEU I 145 4.00 10.77 -17.69
CA LEU I 145 4.50 11.66 -16.65
C LEU I 145 5.91 11.26 -16.25
N GLY I 146 6.65 12.15 -15.59
CA GLY I 146 8.02 11.83 -15.25
C GLY I 146 8.69 12.63 -14.16
N CYS I 147 10.01 12.48 -14.08
CA CYS I 147 10.85 13.18 -13.12
C CYS I 147 12.16 13.57 -13.78
N LEU I 148 12.68 14.75 -13.42
CA LEU I 148 13.94 15.22 -13.97
C LEU I 148 15.01 15.30 -12.88
N VAL I 149 16.09 14.56 -13.08
CA VAL I 149 17.22 14.62 -12.16
C VAL I 149 18.31 15.45 -12.82
N LYS I 150 18.70 16.54 -12.17
CA LYS I 150 19.65 17.45 -12.81
C LYS I 150 20.75 17.92 -11.84
N ASP I 151 21.91 18.27 -12.41
CA ASP I 151 23.02 18.84 -11.65
C ASP I 151 23.54 17.91 -10.55
N TYR I 152 23.88 16.69 -10.94
CA TYR I 152 24.43 15.71 -10.00
C TYR I 152 25.77 15.15 -10.48
N PHE I 153 26.70 14.98 -9.55
CA PHE I 153 27.99 14.39 -9.85
C PHE I 153 28.49 13.61 -8.65
N PRO I 154 29.10 12.43 -8.88
CA PRO I 154 29.25 11.73 -10.15
C PRO I 154 28.13 10.72 -10.40
N GLU I 155 28.27 9.93 -11.47
CA GLU I 155 27.35 8.85 -11.75
C GLU I 155 27.59 7.71 -10.77
N PRO I 156 26.58 6.85 -10.53
CA PRO I 156 25.25 6.86 -11.14
C PRO I 156 24.14 7.30 -10.18
N VAL I 157 22.94 7.49 -10.74
CA VAL I 157 21.75 7.79 -9.97
C VAL I 157 20.71 6.70 -10.14
N THR I 158 20.11 6.25 -9.04
CA THR I 158 19.10 5.20 -9.12
C THR I 158 17.70 5.79 -9.11
N VAL I 159 16.94 5.51 -10.16
CA VAL I 159 15.58 6.02 -10.29
C VAL I 159 14.57 4.89 -10.38
N SER I 160 13.58 4.91 -9.50
CA SER I 160 12.52 3.90 -9.51
C SER I 160 11.16 4.55 -9.37
N TRP I 161 10.09 3.78 -9.55
CA TRP I 161 8.74 4.33 -9.44
C TRP I 161 7.93 3.55 -8.41
N ASN I 162 7.32 4.27 -7.47
CA ASN I 162 6.51 3.68 -6.41
C ASN I 162 7.27 2.59 -5.65
N SER I 163 8.55 2.85 -5.39
CA SER I 163 9.43 1.91 -4.69
C SER I 163 9.49 0.55 -5.40
N GLY I 164 9.43 0.59 -6.73
CA GLY I 164 9.53 -0.62 -7.53
C GLY I 164 8.21 -1.26 -7.93
N ALA I 165 7.11 -0.66 -7.49
CA ALA I 165 5.78 -1.17 -7.83
C ALA I 165 5.47 -0.99 -9.32
N LEU I 166 5.97 0.10 -9.90
CA LEU I 166 5.75 0.39 -11.31
C LEU I 166 6.99 0.07 -12.14
N THR I 167 6.90 -0.94 -12.98
CA THR I 167 8.03 -1.39 -13.79
C THR I 167 7.72 -1.40 -15.29
N SER I 168 6.47 -1.16 -15.64
CA SER I 168 6.05 -1.22 -17.04
C SER I 168 5.86 0.17 -17.66
N GLY I 169 6.43 0.36 -18.84
CA GLY I 169 6.31 1.63 -19.55
C GLY I 169 7.31 2.66 -19.09
N VAL I 170 8.25 2.23 -18.25
CA VAL I 170 9.23 3.15 -17.68
C VAL I 170 10.51 3.24 -18.51
N HIS I 171 10.90 4.46 -18.85
CA HIS I 171 12.12 4.74 -19.57
C HIS I 171 13.00 5.67 -18.75
N THR I 172 14.14 5.17 -18.32
CA THR I 172 15.11 6.02 -17.62
C THR I 172 16.21 6.35 -18.60
N PHE I 173 16.21 7.58 -19.09
CA PHE I 173 17.16 7.99 -20.11
C PHE I 173 18.59 8.02 -19.58
N PRO I 174 19.55 7.67 -20.44
CA PRO I 174 20.97 7.69 -20.08
C PRO I 174 21.41 9.09 -19.71
N ALA I 175 22.27 9.23 -18.71
CA ALA I 175 22.73 10.53 -18.27
C ALA I 175 23.47 11.24 -19.39
N VAL I 176 23.13 12.51 -19.61
CA VAL I 176 23.81 13.29 -20.62
C VAL I 176 24.72 14.29 -19.92
N LEU I 177 25.86 14.58 -20.53
CA LEU I 177 26.83 15.47 -19.90
C LEU I 177 26.64 16.89 -20.42
N GLN I 178 26.28 17.81 -19.52
CA GLN I 178 26.02 19.19 -19.90
C GLN I 178 27.31 20.02 -19.86
N SER I 179 27.23 21.25 -20.34
CA SER I 179 28.40 22.13 -20.39
C SER I 179 28.93 22.51 -19.00
N SER I 180 28.05 22.52 -18.00
CA SER I 180 28.47 22.86 -16.63
C SER I 180 29.33 21.76 -16.00
N GLY I 181 29.33 20.58 -16.62
CA GLY I 181 30.13 19.47 -16.14
C GLY I 181 29.40 18.50 -15.23
N LEU I 182 28.15 18.80 -14.93
CA LEU I 182 27.32 17.98 -14.05
C LEU I 182 26.39 17.09 -14.87
N TYR I 183 26.01 15.95 -14.33
CA TYR I 183 25.13 15.06 -15.05
C TYR I 183 23.65 15.47 -14.94
N SER I 184 22.87 15.05 -15.93
CA SER I 184 21.43 15.30 -15.95
C SER I 184 20.71 14.25 -16.79
N LEU I 185 19.62 13.71 -16.24
CA LEU I 185 18.83 12.71 -16.95
C LEU I 185 17.33 12.88 -16.67
N SER I 186 16.51 12.31 -17.54
CA SER I 186 15.07 12.36 -17.39
C SER I 186 14.48 10.95 -17.33
N SER I 187 13.58 10.72 -16.39
CA SER I 187 12.90 9.43 -16.29
C SER I 187 11.40 9.59 -16.54
N VAL I 188 10.88 8.91 -17.55
CA VAL I 188 9.48 9.06 -17.92
C VAL I 188 8.74 7.72 -17.84
N VAL I 189 7.42 7.78 -17.76
CA VAL I 189 6.59 6.58 -17.75
C VAL I 189 5.22 6.88 -18.37
N THR I 190 4.70 5.92 -19.14
CA THR I 190 3.41 6.08 -19.78
C THR I 190 2.34 5.28 -19.04
N VAL I 191 1.26 5.95 -18.67
CA VAL I 191 0.15 5.32 -17.96
C VAL I 191 -1.18 5.71 -18.59
N PRO I 192 -2.21 4.86 -18.41
CA PRO I 192 -3.54 5.19 -18.95
C PRO I 192 -4.14 6.41 -18.27
N SER I 193 -4.96 7.16 -19.00
CA SER I 193 -5.57 8.37 -18.48
C SER I 193 -6.50 8.08 -17.29
N SER I 194 -7.10 6.89 -17.31
CA SER I 194 -8.01 6.47 -16.24
C SER I 194 -7.28 6.36 -14.91
N SER I 195 -5.99 6.03 -14.96
CA SER I 195 -5.18 5.86 -13.77
C SER I 195 -5.02 7.17 -13.00
N LEU I 196 -5.09 8.28 -13.72
CA LEU I 196 -4.93 9.60 -13.12
C LEU I 196 -6.04 9.93 -12.12
N GLY I 197 -5.64 10.39 -10.94
CA GLY I 197 -6.58 10.77 -9.90
C GLY I 197 -6.99 9.63 -8.99
N THR I 198 -6.66 8.40 -9.37
CA THR I 198 -6.99 7.23 -8.58
C THR I 198 -5.73 6.58 -8.00
N GLN I 199 -4.66 6.61 -8.78
CA GLN I 199 -3.40 5.99 -8.35
C GLN I 199 -2.33 7.06 -8.14
N THR I 200 -1.59 6.94 -7.05
CA THR I 200 -0.52 7.88 -6.74
C THR I 200 0.81 7.42 -7.34
N TYR I 201 1.47 8.32 -8.05
CA TYR I 201 2.76 8.01 -8.67
C TYR I 201 3.90 8.81 -8.04
N ILE I 202 4.80 8.09 -7.37
CA ILE I 202 5.95 8.70 -6.71
C ILE I 202 7.27 8.16 -7.27
N CYS I 203 8.12 9.08 -7.70
CA CYS I 203 9.43 8.70 -8.24
C CYS I 203 10.49 8.79 -7.14
N ASN I 204 11.30 7.74 -7.04
CA ASN I 204 12.35 7.66 -6.05
C ASN I 204 13.73 7.80 -6.66
N VAL I 205 14.46 8.82 -6.23
CA VAL I 205 15.81 9.06 -6.71
C VAL I 205 16.80 8.86 -5.58
N ASN I 206 17.87 8.11 -5.85
CA ASN I 206 18.88 7.83 -4.83
C ASN I 206 20.29 8.01 -5.39
N HIS I 207 21.07 8.85 -4.70
CA HIS I 207 22.47 9.07 -5.05
C HIS I 207 23.35 8.81 -3.83
N LYS I 208 23.97 7.63 -3.77
CA LYS I 208 24.77 7.23 -2.61
C LYS I 208 26.06 8.05 -2.36
N PRO I 209 26.82 8.39 -3.42
CA PRO I 209 28.06 9.14 -3.12
C PRO I 209 27.81 10.50 -2.46
N SER I 210 26.67 11.12 -2.74
CA SER I 210 26.34 12.40 -2.11
C SER I 210 25.40 12.19 -0.93
N ASN I 211 25.03 10.93 -0.70
CA ASN I 211 24.09 10.56 0.35
C ASN I 211 22.78 11.35 0.24
N THR I 212 22.15 11.26 -0.92
CA THR I 212 20.92 12.00 -1.19
C THR I 212 19.77 11.06 -1.59
N LYS I 213 18.74 10.98 -0.75
CA LYS I 213 17.60 10.12 -1.03
C LYS I 213 16.31 10.94 -1.09
N VAL I 214 15.80 11.16 -2.31
CA VAL I 214 14.62 12.00 -2.51
C VAL I 214 13.42 11.27 -3.14
N ASP I 215 12.27 11.34 -2.48
CA ASP I 215 11.02 10.79 -3.01
C ASP I 215 10.02 11.88 -3.42
N LYS I 216 9.81 12.05 -4.72
CA LYS I 216 8.98 13.15 -5.23
C LYS I 216 7.70 12.70 -5.93
N LYS I 217 6.58 13.39 -5.63
CA LYS I 217 5.28 13.03 -6.18
C LYS I 217 4.90 13.94 -7.35
N VAL I 218 4.27 13.36 -8.37
CA VAL I 218 3.89 14.08 -9.59
C VAL I 218 2.37 14.22 -9.71
N GLU I 219 1.90 15.32 -10.29
CA GLU I 219 0.46 15.53 -10.47
C GLU I 219 0.10 15.45 -11.95
N VAL J 2 -11.85 18.42 -16.36
CA VAL J 2 -10.88 17.49 -15.78
C VAL J 2 -10.82 17.60 -14.26
N GLN J 3 -11.95 17.90 -13.65
CA GLN J 3 -12.01 18.03 -12.20
C GLN J 3 -12.63 16.78 -11.56
N LEU J 4 -13.87 16.47 -11.93
CA LEU J 4 -14.56 15.26 -11.49
C LEU J 4 -14.78 14.23 -12.60
N VAL J 5 -14.07 13.11 -12.52
CA VAL J 5 -14.23 12.02 -13.49
C VAL J 5 -15.10 10.88 -12.96
N GLU J 6 -16.06 10.44 -13.77
CA GLU J 6 -17.03 9.43 -13.33
C GLU J 6 -16.95 8.14 -14.12
N SER J 7 -16.21 7.15 -13.61
CA SER J 7 -16.11 5.85 -14.26
C SER J 7 -17.21 4.92 -13.78
N GLY J 8 -18.04 4.45 -14.71
CA GLY J 8 -19.14 3.55 -14.38
C GLY J 8 -19.60 2.74 -15.57
N GLY J 9 -20.64 1.93 -15.37
CA GLY J 9 -21.14 1.06 -16.42
C GLY J 9 -21.85 1.82 -17.53
N GLY J 10 -21.76 1.28 -18.75
CA GLY J 10 -22.39 1.88 -19.90
C GLY J 10 -23.75 1.27 -20.19
N LEU J 11 -23.81 -0.07 -20.15
CA LEU J 11 -25.06 -0.78 -20.42
C LEU J 11 -25.26 -1.92 -19.41
N VAL J 12 -26.50 -2.14 -19.03
CA VAL J 12 -26.86 -3.20 -18.10
C VAL J 12 -28.25 -3.74 -18.44
N GLN J 13 -28.62 -4.87 -17.85
CA GLN J 13 -29.93 -5.46 -18.08
C GLN J 13 -30.84 -5.17 -16.88
N PRO J 14 -32.11 -4.86 -17.14
CA PRO J 14 -33.06 -4.58 -16.05
C PRO J 14 -33.21 -5.71 -15.02
N GLY J 15 -33.16 -5.34 -13.75
CA GLY J 15 -33.26 -6.28 -12.64
C GLY J 15 -31.94 -6.62 -11.97
N ARG J 16 -30.84 -6.31 -12.66
CA ARG J 16 -29.51 -6.54 -12.11
C ARG J 16 -28.96 -5.29 -11.43
N SER J 17 -27.74 -5.38 -10.90
CA SER J 17 -27.16 -4.26 -10.17
C SER J 17 -26.02 -3.58 -10.92
N LEU J 18 -25.65 -2.39 -10.45
CA LEU J 18 -24.53 -1.65 -11.06
C LEU J 18 -24.00 -0.56 -10.15
N LYS J 19 -22.68 -0.52 -9.98
CA LYS J 19 -22.03 0.44 -9.10
C LYS J 19 -21.27 1.55 -9.84
N LEU J 20 -21.74 2.78 -9.69
CA LEU J 20 -21.11 3.95 -10.30
C LEU J 20 -20.07 4.55 -9.38
N SER J 21 -18.96 5.00 -9.95
CA SER J 21 -17.88 5.60 -9.17
C SER J 21 -17.59 7.01 -9.65
N CYS J 22 -17.14 7.85 -8.73
CA CYS J 22 -16.81 9.23 -9.03
C CYS J 22 -15.50 9.59 -8.34
N VAL J 23 -14.53 10.08 -9.11
CA VAL J 23 -13.21 10.38 -8.57
C VAL J 23 -12.99 11.89 -8.56
N ALA J 24 -12.35 12.38 -7.50
CA ALA J 24 -12.09 13.80 -7.37
C ALA J 24 -10.61 14.08 -7.60
N SER J 25 -10.31 15.10 -8.41
CA SER J 25 -8.94 15.43 -8.76
C SER J 25 -8.58 16.83 -8.31
N SER J 30 -12.28 16.36 0.09
CA SER J 30 -12.16 17.54 0.95
C SER J 30 -13.38 17.68 1.87
N ASN J 31 -14.05 16.55 2.14
CA ASN J 31 -15.25 16.51 3.00
C ASN J 31 -16.47 17.32 2.54
N TYR J 32 -16.39 17.92 1.36
CA TYR J 32 -17.53 18.61 0.76
C TYR J 32 -18.72 17.65 0.66
N GLY J 33 -19.91 18.10 1.07
CA GLY J 33 -21.10 17.27 0.94
C GLY J 33 -21.39 16.97 -0.52
N MET J 34 -21.68 15.70 -0.82
CA MET J 34 -21.80 15.25 -2.21
C MET J 34 -23.17 14.73 -2.63
N ASN J 35 -23.50 14.88 -3.92
CA ASN J 35 -24.81 14.44 -4.41
C ASN J 35 -24.71 13.59 -5.68
N TRP J 36 -25.76 12.84 -5.99
CA TRP J 36 -25.91 12.15 -7.28
C TRP J 36 -27.17 12.60 -7.99
N ILE J 37 -27.02 13.17 -9.19
CA ILE J 37 -28.20 13.64 -9.91
C ILE J 37 -28.20 13.22 -11.38
N ARG J 38 -29.31 12.64 -11.82
CA ARG J 38 -29.42 12.13 -13.19
C ARG J 38 -30.24 13.06 -14.07
N GLN J 39 -29.83 13.16 -15.33
CA GLN J 39 -30.56 13.95 -16.32
C GLN J 39 -30.93 13.10 -17.53
N THR J 40 -32.23 12.98 -17.77
CA THR J 40 -32.74 12.34 -18.97
C THR J 40 -33.03 13.40 -20.02
N PRO J 41 -32.68 13.13 -21.29
CA PRO J 41 -32.95 14.10 -22.36
C PRO J 41 -34.44 14.40 -22.55
N GLY J 42 -35.27 13.36 -22.44
CA GLY J 42 -36.70 13.48 -22.62
C GLY J 42 -37.35 14.43 -21.62
N GLY J 44 -35.15 16.53 -18.53
CA GLY J 44 -35.24 17.11 -17.20
C GLY J 44 -34.18 16.58 -16.27
N LEU J 45 -33.91 17.31 -15.20
CA LEU J 45 -32.88 16.93 -14.24
C LEU J 45 -33.52 16.45 -12.96
N GLU J 46 -33.12 15.28 -12.49
CA GLU J 46 -33.67 14.73 -11.27
C GLU J 46 -32.61 14.37 -10.27
N TRP J 47 -32.75 14.90 -9.06
CA TRP J 47 -31.78 14.64 -8.01
C TRP J 47 -32.16 13.36 -7.31
N VAL J 48 -31.24 12.39 -7.37
CA VAL J 48 -31.54 11.06 -6.83
C VAL J 48 -30.95 10.87 -5.46
N ALA J 49 -29.82 11.50 -5.13
CA ALA J 49 -29.22 11.23 -3.82
C ALA J 49 -28.35 12.34 -3.24
N TYR J 50 -28.25 12.33 -1.92
CA TYR J 50 -27.40 13.26 -1.18
C TYR J 50 -26.77 12.57 0.01
N ILE J 51 -25.47 12.82 0.19
CA ILE J 51 -24.79 12.31 1.35
C ILE J 51 -23.88 13.38 1.97
N GLY J 52 -23.95 13.48 3.29
CA GLY J 52 -23.11 14.36 4.07
C GLY J 52 -21.76 13.69 4.29
N SER J 53 -20.81 14.45 4.84
CA SER J 53 -19.49 13.91 5.12
C SER J 53 -19.55 12.71 6.07
N THR J 54 -19.19 11.54 5.56
CA THR J 54 -19.10 10.30 6.33
C THR J 54 -20.36 9.99 7.14
N SER J 55 -21.51 10.34 6.58
CA SER J 55 -22.79 10.10 7.24
C SER J 55 -23.40 8.80 6.74
N GLU J 62 -30.97 9.48 -1.55
CA GLU J 62 -31.66 8.33 -2.14
C GLU J 62 -33.05 8.75 -2.60
N THR J 63 -33.73 9.50 -1.74
CA THR J 63 -35.03 10.07 -2.07
C THR J 63 -36.10 9.08 -2.52
N VAL J 64 -36.78 9.44 -3.62
CA VAL J 64 -37.85 8.63 -4.19
C VAL J 64 -37.38 7.20 -4.38
N LYS J 65 -36.38 7.00 -5.24
CA LYS J 65 -35.71 5.70 -5.39
C LYS J 65 -35.42 5.00 -4.06
N GLY J 66 -36.03 3.83 -3.84
CA GLY J 66 -35.80 3.10 -2.58
C GLY J 66 -34.89 1.91 -2.77
N ARG J 67 -34.49 1.65 -4.02
CA ARG J 67 -33.64 0.49 -4.37
C ARG J 67 -32.18 0.92 -4.54
N PHE J 68 -31.85 2.18 -4.19
CA PHE J 68 -30.47 2.68 -4.39
C PHE J 68 -29.71 2.78 -3.06
N THR J 69 -28.38 2.65 -3.14
CA THR J 69 -27.47 2.80 -2.00
C THR J 69 -26.33 3.75 -2.33
N ILE J 70 -26.19 4.80 -1.55
CA ILE J 70 -25.13 5.79 -1.78
C ILE J 70 -24.12 5.83 -0.64
N SER J 71 -22.84 5.73 -0.98
CA SER J 71 -21.76 5.78 0.01
C SER J 71 -20.56 6.57 -0.50
N ARG J 72 -19.63 6.92 0.39
CA ARG J 72 -18.45 7.64 -0.06
C ARG J 72 -17.21 7.16 0.71
N ASP J 73 -16.05 7.27 0.07
CA ASP J 73 -14.77 6.89 0.62
C ASP J 73 -13.82 8.07 0.72
N ASN J 74 -13.41 8.37 1.95
CA ASN J 74 -12.50 9.47 2.24
C ASN J 74 -11.15 9.25 1.56
N ALA J 75 -10.68 8.01 1.58
CA ALA J 75 -9.46 7.65 0.89
C ALA J 75 -9.70 7.73 -0.61
N LYS J 76 -8.79 8.42 -1.30
CA LYS J 76 -8.88 8.64 -2.75
C LYS J 76 -10.05 9.52 -3.17
N ASN J 77 -10.81 10.03 -2.20
CA ASN J 77 -11.93 10.93 -2.48
C ASN J 77 -12.91 10.34 -3.49
N THR J 78 -13.42 9.15 -3.24
CA THR J 78 -14.26 8.52 -4.26
C THR J 78 -15.69 8.28 -3.78
N LEU J 79 -16.65 8.68 -4.61
CA LEU J 79 -18.05 8.53 -4.30
C LEU J 79 -18.69 7.37 -5.07
N TYR J 80 -19.39 6.49 -4.35
CA TYR J 80 -19.97 5.31 -4.98
C TYR J 80 -21.50 5.31 -4.87
N LEU J 81 -22.16 5.10 -5.99
CA LEU J 81 -23.61 4.94 -5.99
C LEU J 81 -23.99 3.60 -6.62
N GLN J 82 -24.56 2.71 -5.82
CA GLN J 82 -24.89 1.38 -6.30
C GLN J 82 -26.39 1.18 -6.45
N MET J 83 -26.76 0.72 -7.64
CA MET J 83 -28.16 0.49 -7.94
C MET J 83 -28.40 -0.99 -7.87
N THR J 84 -29.12 -1.40 -6.83
CA THR J 84 -29.48 -2.78 -6.60
C THR J 84 -30.57 -3.08 -7.64
N GLY J 85 -31.49 -2.13 -7.83
CA GLY J 85 -32.60 -2.32 -8.75
C GLY J 85 -32.56 -1.46 -10.00
N LEU J 86 -32.74 -2.11 -11.15
CA LEU J 86 -32.68 -1.41 -12.43
C LEU J 86 -34.03 -1.48 -13.13
N ARG J 87 -34.46 -0.32 -13.59
CA ARG J 87 -35.72 -0.14 -14.29
C ARG J 87 -35.46 0.65 -15.55
N SER J 88 -36.42 0.63 -16.47
CA SER J 88 -36.27 1.35 -17.73
C SER J 88 -36.15 2.86 -17.51
N GLU J 89 -36.83 3.37 -16.49
CA GLU J 89 -36.80 4.81 -16.18
C GLU J 89 -35.40 5.24 -15.74
N ASP J 90 -34.65 4.29 -15.19
CA ASP J 90 -33.33 4.59 -14.62
C ASP J 90 -32.29 5.01 -15.65
N THR J 91 -32.52 4.66 -16.91
CA THR J 91 -31.58 5.02 -17.98
C THR J 91 -31.44 6.53 -18.09
N ALA J 92 -30.25 7.06 -17.85
CA ALA J 92 -30.06 8.51 -17.91
C ALA J 92 -28.58 8.87 -17.86
N LEU J 93 -28.28 10.15 -18.06
CA LEU J 93 -26.91 10.60 -17.89
C LEU J 93 -26.71 10.94 -16.42
N TYR J 94 -25.85 10.21 -15.74
CA TYR J 94 -25.67 10.38 -14.30
C TYR J 94 -24.50 11.27 -13.98
N TYR J 95 -24.79 12.30 -13.18
CA TYR J 95 -23.80 13.30 -12.82
C TYR J 95 -23.41 13.26 -11.31
N CYS J 96 -22.09 13.29 -11.06
CA CYS J 96 -21.51 13.42 -9.70
C CYS J 96 -21.46 14.88 -9.14
N VAL J 97 -22.08 15.18 -7.97
CA VAL J 97 -22.39 16.60 -7.57
C VAL J 97 -21.69 17.18 -6.29
N GLY J 98 -21.25 18.45 -6.32
CA GLY J 98 -20.54 19.06 -5.19
C GLY J 98 -21.48 20.04 -4.51
N HIS J 99 -21.20 20.44 -3.27
CA HIS J 99 -21.96 21.45 -2.54
C HIS J 99 -21.10 22.69 -2.33
N VAL J 100 -21.69 23.74 -1.78
CA VAL J 100 -20.98 24.98 -1.50
C VAL J 100 -20.74 25.25 -0.03
N ARG J 101 -19.72 26.06 0.25
CA ARG J 101 -19.41 26.53 1.59
C ARG J 101 -20.53 27.41 2.14
N LYS J 102 -20.97 28.35 1.30
CA LYS J 102 -22.02 29.32 1.64
C LYS J 102 -23.34 28.75 2.14
N LEU J 103 -24.15 29.64 2.70
CA LEU J 103 -25.47 29.32 3.25
C LEU J 103 -26.39 28.50 2.37
N GLY J 104 -26.52 28.87 1.10
CA GLY J 104 -27.43 28.12 0.25
C GLY J 104 -26.92 26.70 0.13
N ALA J 105 -27.78 25.81 -0.36
CA ALA J 105 -27.39 24.42 -0.54
C ALA J 105 -27.26 24.13 -2.01
N PHE J 106 -27.13 25.21 -2.79
CA PHE J 106 -26.97 25.11 -4.22
C PHE J 106 -25.67 24.41 -4.58
N PHE J 107 -25.69 23.67 -5.69
CA PHE J 107 -24.52 22.93 -6.13
C PHE J 107 -23.55 23.87 -6.84
N ASP J 108 -22.29 23.47 -6.87
CA ASP J 108 -21.24 24.26 -7.52
C ASP J 108 -20.48 23.42 -8.53
N TYR J 109 -20.25 22.17 -8.17
CA TYR J 109 -19.44 21.31 -9.01
C TYR J 109 -20.10 20.01 -9.38
N TRP J 110 -19.89 19.66 -10.65
CA TRP J 110 -20.43 18.45 -11.22
C TRP J 110 -19.40 17.68 -12.05
N GLY J 111 -19.55 16.37 -12.07
CA GLY J 111 -18.65 15.56 -12.86
C GLY J 111 -18.98 15.67 -14.33
N GLN J 112 -18.16 15.01 -15.15
CA GLN J 112 -18.34 15.00 -16.60
C GLN J 112 -19.66 14.34 -16.97
N GLY J 113 -20.02 13.31 -16.22
CA GLY J 113 -21.24 12.56 -16.41
C GLY J 113 -21.00 11.21 -17.06
N ALA J 114 -21.60 10.19 -16.46
CA ALA J 114 -21.54 8.82 -16.96
C ALA J 114 -22.94 8.33 -17.29
N MET J 115 -23.17 7.97 -18.54
CA MET J 115 -24.50 7.60 -18.98
C MET J 115 -24.77 6.13 -18.75
N VAL J 116 -25.86 5.83 -18.06
CA VAL J 116 -26.29 4.45 -17.87
C VAL J 116 -27.51 4.13 -18.73
N THR J 117 -27.43 3.01 -19.44
CA THR J 117 -28.53 2.57 -20.29
C THR J 117 -28.92 1.12 -19.97
N VAL J 118 -30.10 0.92 -19.39
CA VAL J 118 -30.56 -0.43 -19.09
C VAL J 118 -31.46 -0.88 -20.24
N SER J 119 -31.21 -2.10 -20.73
CA SER J 119 -31.98 -2.64 -21.83
C SER J 119 -31.75 -4.14 -21.95
N SER J 120 -32.81 -4.87 -22.31
CA SER J 120 -32.70 -6.31 -22.50
C SER J 120 -31.87 -6.60 -23.74
N ALA J 121 -31.81 -5.62 -24.64
CA ALA J 121 -31.07 -5.75 -25.89
C ALA J 121 -29.57 -5.83 -25.63
N SER J 122 -28.84 -6.40 -26.59
CA SER J 122 -27.40 -6.57 -26.47
C SER J 122 -26.65 -5.42 -27.13
N THR J 123 -25.40 -5.24 -26.73
CA THR J 123 -24.56 -4.19 -27.29
C THR J 123 -24.19 -4.55 -28.73
N LYS J 124 -24.09 -3.54 -29.59
CA LYS J 124 -23.73 -3.77 -30.99
C LYS J 124 -22.71 -2.74 -31.48
N GLY J 125 -21.67 -3.22 -32.14
CA GLY J 125 -20.61 -2.34 -32.62
C GLY J 125 -21.05 -1.52 -33.81
N PRO J 126 -20.50 -0.30 -33.94
CA PRO J 126 -20.82 0.63 -35.02
C PRO J 126 -20.08 0.30 -36.31
N SER J 127 -20.67 0.66 -37.44
CA SER J 127 -20.00 0.50 -38.72
C SER J 127 -19.68 1.87 -39.31
N VAL J 128 -18.41 2.08 -39.67
CA VAL J 128 -17.94 3.36 -40.17
C VAL J 128 -17.70 3.32 -41.68
N PHE J 129 -18.28 4.28 -42.40
CA PHE J 129 -18.11 4.34 -43.85
C PHE J 129 -17.76 5.73 -44.35
N PRO J 130 -16.76 5.84 -45.22
CA PRO J 130 -16.24 7.15 -45.68
C PRO J 130 -17.20 7.92 -46.59
N LEU J 131 -17.32 9.22 -46.35
CA LEU J 131 -18.08 10.11 -47.21
C LEU J 131 -17.14 11.01 -48.00
N ALA J 132 -16.72 10.52 -49.18
CA ALA J 132 -15.71 11.19 -50.00
C ALA J 132 -16.23 12.39 -50.78
N PRO J 133 -15.42 13.47 -50.83
CA PRO J 133 -15.67 14.72 -51.56
C PRO J 133 -15.18 14.67 -53.01
N SER J 134 -16.05 14.98 -53.97
CA SER J 134 -15.63 15.07 -55.36
C SER J 134 -16.48 16.08 -56.13
N SER J 139 -9.11 22.88 -57.76
CA SER J 139 -8.39 23.72 -56.82
C SER J 139 -9.25 24.87 -56.33
N GLY J 140 -10.23 25.27 -57.15
CA GLY J 140 -11.13 26.36 -56.80
C GLY J 140 -12.36 25.92 -56.03
N GLY J 141 -12.70 26.67 -54.98
CA GLY J 141 -13.89 26.38 -54.18
C GLY J 141 -13.61 25.75 -52.84
N THR J 142 -14.69 25.45 -52.11
CA THR J 142 -14.61 24.80 -50.82
C THR J 142 -15.42 23.50 -50.83
N ALA J 143 -14.81 22.42 -50.35
CA ALA J 143 -15.48 21.12 -50.33
C ALA J 143 -15.81 20.65 -48.92
N ALA J 144 -16.53 19.52 -48.84
CA ALA J 144 -16.89 18.93 -47.56
C ALA J 144 -16.73 17.41 -47.62
N LEU J 145 -16.30 16.80 -46.52
CA LEU J 145 -16.13 15.36 -46.46
C LEU J 145 -16.60 14.84 -45.11
N GLY J 146 -16.83 13.53 -44.99
CA GLY J 146 -17.35 13.03 -43.73
C GLY J 146 -17.22 11.55 -43.44
N CYS J 147 -17.92 11.12 -42.40
CA CYS J 147 -17.93 9.73 -41.96
C CYS J 147 -19.33 9.34 -41.50
N LEU J 148 -19.72 8.10 -41.79
CA LEU J 148 -21.02 7.59 -41.40
C LEU J 148 -20.91 6.46 -40.38
N VAL J 149 -21.52 6.68 -39.22
CA VAL J 149 -21.58 5.67 -38.18
C VAL J 149 -22.98 5.05 -38.18
N LYS J 150 -23.07 3.74 -38.35
CA LYS J 150 -24.38 3.12 -38.48
C LYS J 150 -24.54 1.85 -37.65
N ASP J 151 -25.78 1.57 -37.24
CA ASP J 151 -26.15 0.33 -36.56
C ASP J 151 -25.39 0.05 -35.28
N TYR J 152 -25.42 1.01 -34.37
CA TYR J 152 -24.76 0.86 -33.07
C TYR J 152 -25.73 1.07 -31.92
N PHE J 153 -25.60 0.25 -30.89
CA PHE J 153 -26.42 0.37 -29.68
C PHE J 153 -25.59 -0.06 -28.48
N PRO J 154 -25.72 0.67 -27.35
CA PRO J 154 -26.46 1.92 -27.16
C PRO J 154 -25.62 3.17 -27.37
N GLU J 155 -26.20 4.32 -27.03
CA GLU J 155 -25.50 5.60 -27.07
C GLU J 155 -24.49 5.69 -25.91
N PRO J 156 -23.46 6.54 -26.06
CA PRO J 156 -23.15 7.42 -27.20
C PRO J 156 -21.94 7.01 -28.00
N VAL J 157 -21.73 7.66 -29.14
CA VAL J 157 -20.53 7.46 -29.94
C VAL J 157 -19.77 8.78 -30.06
N THR J 158 -18.47 8.75 -29.80
CA THR J 158 -17.64 9.95 -29.90
C THR J 158 -16.85 9.98 -31.21
N VAL J 159 -17.07 11.02 -32.01
CA VAL J 159 -16.37 11.16 -33.29
C VAL J 159 -15.57 12.46 -33.35
N SER J 160 -14.29 12.35 -33.66
CA SER J 160 -13.44 13.54 -33.80
C SER J 160 -12.60 13.45 -35.07
N TRP J 161 -11.91 14.54 -35.41
CA TRP J 161 -11.12 14.58 -36.64
C TRP J 161 -9.65 14.90 -36.39
N ASN J 162 -8.78 14.07 -36.96
CA ASN J 162 -7.33 14.22 -36.83
C ASN J 162 -6.87 14.28 -35.38
N SER J 163 -7.50 13.47 -34.53
CA SER J 163 -7.17 13.40 -33.11
C SER J 163 -7.27 14.76 -32.42
N GLY J 164 -8.21 15.58 -32.87
CA GLY J 164 -8.44 16.89 -32.27
C GLY J 164 -7.70 18.02 -32.94
N ALA J 165 -6.92 17.71 -33.97
CA ALA J 165 -6.18 18.74 -34.70
C ALA J 165 -7.15 19.62 -35.49
N LEU J 166 -8.22 19.00 -35.98
CA LEU J 166 -9.26 19.71 -36.72
C LEU J 166 -10.49 19.94 -35.86
N THR J 167 -10.74 21.19 -35.50
CA THR J 167 -11.86 21.53 -34.63
C THR J 167 -12.78 22.56 -35.26
N SER J 168 -12.37 23.10 -36.40
CA SER J 168 -13.15 24.15 -37.07
C SER J 168 -13.88 23.60 -38.28
N GLY J 169 -15.17 23.92 -38.37
CA GLY J 169 -15.99 23.46 -39.47
C GLY J 169 -16.49 22.05 -39.29
N VAL J 170 -16.27 21.50 -38.09
CA VAL J 170 -16.66 20.12 -37.81
C VAL J 170 -18.06 20.06 -37.20
N HIS J 171 -18.91 19.23 -37.80
CA HIS J 171 -20.26 19.01 -37.30
C HIS J 171 -20.49 17.54 -37.01
N THR J 172 -20.70 17.21 -35.75
CA THR J 172 -21.06 15.86 -35.36
C THR J 172 -22.54 15.85 -35.08
N PHE J 173 -23.32 15.30 -35.99
CA PHE J 173 -24.77 15.31 -35.87
C PHE J 173 -25.25 14.45 -34.72
N PRO J 174 -26.34 14.88 -34.08
CA PRO J 174 -26.95 14.12 -32.97
C PRO J 174 -27.40 12.76 -33.46
N ALA J 175 -27.24 11.73 -32.62
CA ALA J 175 -27.63 10.39 -33.03
C ALA J 175 -29.12 10.34 -33.31
N VAL J 176 -29.48 9.77 -34.45
CA VAL J 176 -30.88 9.62 -34.83
C VAL J 176 -31.27 8.16 -34.71
N LEU J 177 -32.53 7.90 -34.37
CA LEU J 177 -33.01 6.55 -34.14
C LEU J 177 -33.63 5.94 -35.39
N GLN J 178 -33.06 4.83 -35.87
CA GLN J 178 -33.55 4.17 -37.06
C GLN J 178 -34.70 3.22 -36.72
N SER J 179 -35.39 2.74 -37.75
CA SER J 179 -36.52 1.83 -37.56
C SER J 179 -36.08 0.47 -37.01
N SER J 180 -34.84 0.09 -37.30
CA SER J 180 -34.31 -1.19 -36.85
C SER J 180 -34.10 -1.21 -35.33
N GLY J 181 -34.14 -0.03 -34.73
CA GLY J 181 -33.96 0.10 -33.29
C GLY J 181 -32.53 0.48 -32.97
N LEU J 182 -31.70 0.55 -34.01
CA LEU J 182 -30.30 0.89 -33.84
C LEU J 182 -30.02 2.35 -34.20
N TYR J 183 -29.02 2.92 -33.54
CA TYR J 183 -28.64 4.31 -33.76
C TYR J 183 -27.74 4.47 -35.00
N SER J 184 -27.77 5.68 -35.55
CA SER J 184 -26.93 6.03 -36.69
C SER J 184 -26.71 7.55 -36.74
N LEU J 185 -25.48 7.98 -36.94
CA LEU J 185 -25.18 9.40 -37.04
C LEU J 185 -24.10 9.67 -38.09
N SER J 186 -24.04 10.91 -38.56
CA SER J 186 -23.04 11.31 -39.55
C SER J 186 -22.20 12.48 -39.05
N SER J 187 -20.89 12.39 -39.23
CA SER J 187 -20.00 13.48 -38.85
C SER J 187 -19.31 14.08 -40.07
N VAL J 188 -19.53 15.36 -40.31
CA VAL J 188 -18.97 16.01 -41.51
C VAL J 188 -18.06 17.18 -41.16
N VAL J 189 -17.23 17.57 -42.12
CA VAL J 189 -16.34 18.72 -41.95
C VAL J 189 -16.07 19.38 -43.30
N THR J 190 -16.02 20.71 -43.31
CA THR J 190 -15.77 21.48 -44.52
C THR J 190 -14.33 21.98 -44.58
N VAL J 191 -13.65 21.68 -45.68
CA VAL J 191 -12.26 22.08 -45.88
C VAL J 191 -12.10 22.67 -47.28
N PRO J 192 -11.07 23.52 -47.47
CA PRO J 192 -10.86 24.08 -48.82
C PRO J 192 -10.47 23.00 -49.84
N SER J 193 -10.86 23.22 -51.09
CA SER J 193 -10.59 22.27 -52.17
C SER J 193 -9.10 22.08 -52.41
N SER J 194 -8.33 23.14 -52.13
CA SER J 194 -6.88 23.11 -52.31
C SER J 194 -6.22 22.06 -51.41
N SER J 195 -6.85 21.80 -50.27
CA SER J 195 -6.35 20.84 -49.29
C SER J 195 -6.31 19.41 -49.85
N LEU J 196 -7.19 19.13 -50.80
CA LEU J 196 -7.29 17.79 -51.39
C LEU J 196 -6.02 17.36 -52.12
N GLY J 197 -5.56 16.15 -51.80
CA GLY J 197 -4.37 15.59 -52.41
C GLY J 197 -3.09 15.96 -51.67
N THR J 198 -3.20 16.92 -50.76
CA THR J 198 -2.07 17.35 -49.95
C THR J 198 -2.29 17.01 -48.48
N GLN J 199 -3.54 17.10 -48.03
CA GLN J 199 -3.86 16.87 -46.62
C GLN J 199 -4.68 15.60 -46.40
N THR J 200 -4.28 14.83 -45.40
CA THR J 200 -4.98 13.61 -45.01
C THR J 200 -6.05 13.86 -43.96
N TYR J 201 -7.28 13.41 -44.23
CA TYR J 201 -8.36 13.56 -43.26
C TYR J 201 -8.84 12.19 -42.77
N ILE J 202 -8.57 11.90 -41.51
CA ILE J 202 -8.98 10.65 -40.89
C ILE J 202 -9.89 10.91 -39.69
N CYS J 203 -11.07 10.31 -39.71
CA CYS J 203 -12.02 10.45 -38.62
C CYS J 203 -11.91 9.31 -37.63
N ASN J 204 -11.91 9.66 -36.35
CA ASN J 204 -11.81 8.67 -35.29
C ASN J 204 -13.16 8.52 -34.58
N VAL J 205 -13.69 7.30 -34.64
CA VAL J 205 -14.98 6.96 -34.06
C VAL J 205 -14.81 5.99 -32.89
N ASN J 206 -15.48 6.27 -31.79
CA ASN J 206 -15.39 5.44 -30.59
C ASN J 206 -16.75 5.10 -29.99
N HIS J 207 -16.95 3.81 -29.75
CA HIS J 207 -18.16 3.29 -29.12
C HIS J 207 -17.78 2.56 -27.84
N LYS J 208 -17.98 3.23 -26.71
CA LYS J 208 -17.54 2.70 -25.41
C LYS J 208 -18.24 1.42 -24.93
N PRO J 209 -19.58 1.31 -25.08
CA PRO J 209 -20.20 0.09 -24.57
C PRO J 209 -19.75 -1.20 -25.27
N SER J 210 -19.42 -1.12 -26.56
CA SER J 210 -18.96 -2.29 -27.30
C SER J 210 -17.44 -2.33 -27.40
N ASN J 211 -16.80 -1.30 -26.85
CA ASN J 211 -15.35 -1.14 -26.92
C ASN J 211 -14.87 -1.21 -28.36
N THR J 212 -15.38 -0.32 -29.19
CA THR J 212 -15.05 -0.32 -30.60
C THR J 212 -14.42 1.01 -31.01
N LYS J 213 -13.14 0.97 -31.36
CA LYS J 213 -12.44 2.18 -31.76
C LYS J 213 -11.94 2.05 -33.19
N VAL J 214 -12.59 2.76 -34.10
CA VAL J 214 -12.24 2.67 -35.51
C VAL J 214 -11.73 4.01 -36.03
N ASP J 215 -10.54 4.00 -36.60
CA ASP J 215 -9.99 5.18 -37.25
C ASP J 215 -10.05 5.00 -38.76
N LYS J 216 -10.96 5.72 -39.40
CA LYS J 216 -11.21 5.52 -40.82
C LYS J 216 -10.77 6.75 -41.60
N LYS J 217 -10.06 6.50 -42.71
CA LYS J 217 -9.47 7.57 -43.49
C LYS J 217 -10.34 7.88 -44.70
N VAL J 218 -10.49 9.16 -45.03
CA VAL J 218 -11.34 9.52 -46.16
C VAL J 218 -10.53 10.08 -47.31
N GLU J 219 -10.63 9.41 -48.46
CA GLU J 219 -9.96 9.86 -49.68
C GLU J 219 -10.97 10.19 -50.76
N PRO J 220 -10.64 11.16 -51.64
CA PRO J 220 -11.53 11.50 -52.74
C PRO J 220 -11.69 10.36 -53.74
N GLU K 1 1.33 -8.26 -7.66
CA GLU K 1 0.14 -8.72 -6.88
C GLU K 1 0.25 -10.23 -6.67
N VAL K 2 1.46 -10.74 -6.39
CA VAL K 2 1.67 -12.21 -6.16
C VAL K 2 1.08 -12.99 -7.34
N GLN K 3 1.43 -12.60 -8.56
CA GLN K 3 0.89 -13.24 -9.79
C GLN K 3 1.60 -14.59 -10.03
N LEU K 4 1.41 -15.55 -9.13
CA LEU K 4 1.96 -16.87 -9.32
C LEU K 4 0.78 -17.80 -9.51
N VAL K 5 0.59 -18.27 -10.73
CA VAL K 5 -0.47 -19.22 -10.98
C VAL K 5 0.16 -20.58 -11.04
N GLU K 6 -0.39 -21.55 -10.30
CA GLU K 6 0.30 -22.82 -10.20
C GLU K 6 -0.51 -23.96 -10.80
N SER K 7 -0.25 -24.24 -12.06
CA SER K 7 -0.90 -25.32 -12.78
C SER K 7 -0.11 -26.63 -12.67
N GLY K 8 -0.76 -27.64 -12.10
CA GLY K 8 -0.13 -28.93 -11.92
C GLY K 8 -1.15 -30.04 -11.75
N GLY K 9 -0.66 -31.26 -11.56
CA GLY K 9 -1.54 -32.41 -11.42
C GLY K 9 -2.31 -32.41 -10.12
N GLY K 10 -3.51 -32.99 -10.15
CA GLY K 10 -4.34 -33.10 -8.95
C GLY K 10 -4.14 -34.46 -8.32
N LEU K 11 -4.15 -35.49 -9.15
CA LEU K 11 -3.95 -36.87 -8.68
C LEU K 11 -3.04 -37.63 -9.63
N VAL K 12 -2.20 -38.48 -9.07
CA VAL K 12 -1.31 -39.33 -9.85
C VAL K 12 -1.08 -40.62 -9.06
N GLN K 13 -0.46 -41.61 -9.68
CA GLN K 13 -0.21 -42.88 -9.02
C GLN K 13 1.22 -42.93 -8.48
N PRO K 14 1.42 -43.48 -7.27
CA PRO K 14 2.75 -43.60 -6.68
C PRO K 14 3.71 -44.38 -7.58
N GLY K 15 4.90 -43.84 -7.80
CA GLY K 15 5.88 -44.45 -8.67
C GLY K 15 5.91 -43.78 -10.02
N ARG K 16 4.89 -42.98 -10.31
CA ARG K 16 4.81 -42.26 -11.57
C ARG K 16 5.42 -40.87 -11.41
N SER K 17 5.46 -40.11 -12.50
CA SER K 17 6.05 -38.78 -12.46
C SER K 17 5.00 -37.68 -12.62
N LEU K 18 5.40 -36.44 -12.32
CA LEU K 18 4.48 -35.31 -12.47
C LEU K 18 5.23 -33.98 -12.50
N LYS K 19 4.89 -33.14 -13.47
CA LYS K 19 5.56 -31.85 -13.64
C LYS K 19 4.66 -30.68 -13.26
N LEU K 20 5.07 -29.97 -12.22
CA LEU K 20 4.34 -28.80 -11.71
C LEU K 20 4.81 -27.53 -12.40
N SER K 21 3.87 -26.63 -12.70
CA SER K 21 4.18 -25.38 -13.39
C SER K 21 3.74 -24.15 -12.60
N CYS K 22 4.47 -23.05 -12.82
CA CYS K 22 4.20 -21.79 -12.15
C CYS K 22 4.32 -20.62 -13.11
N VAL K 23 3.29 -19.79 -13.18
CA VAL K 23 3.28 -18.68 -14.09
C VAL K 23 3.47 -17.41 -13.32
N ALA K 24 4.35 -16.57 -13.83
CA ALA K 24 4.60 -15.30 -13.21
C ALA K 24 4.08 -14.20 -14.09
N SER K 25 3.38 -13.22 -13.52
CA SER K 25 2.74 -12.22 -14.41
C SER K 25 3.35 -10.81 -14.34
N ARG K 26 2.84 -9.99 -13.43
CA ARG K 26 3.21 -8.55 -13.31
C ARG K 26 4.68 -8.31 -12.94
N PHE K 27 5.27 -9.15 -12.07
CA PHE K 27 6.67 -8.90 -11.66
C PHE K 27 7.67 -9.41 -12.69
N THR K 28 8.91 -8.89 -12.59
CA THR K 28 10.04 -9.24 -13.45
C THR K 28 10.32 -10.74 -13.62
N PHE K 29 10.37 -11.44 -12.50
CA PHE K 29 10.56 -12.89 -12.41
C PHE K 29 11.95 -13.33 -12.89
N SER K 30 12.76 -12.37 -13.31
CA SER K 30 14.10 -12.66 -13.77
C SER K 30 15.09 -12.16 -12.73
N ASN K 31 14.58 -11.38 -11.78
CA ASN K 31 15.43 -10.88 -10.72
C ASN K 31 15.00 -11.46 -9.38
N TYR K 32 13.90 -12.22 -9.40
CA TYR K 32 13.37 -12.85 -8.19
C TYR K 32 13.84 -14.30 -8.02
N GLY K 33 14.39 -14.64 -6.87
CA GLY K 33 14.73 -16.02 -6.55
C GLY K 33 13.49 -16.88 -6.40
N MET K 34 13.48 -18.08 -6.97
CA MET K 34 12.25 -18.88 -6.90
C MET K 34 12.41 -20.17 -6.11
N ASN K 35 11.35 -20.53 -5.39
CA ASN K 35 11.32 -21.71 -4.52
C ASN K 35 10.07 -22.55 -4.67
N TRP K 36 10.19 -23.80 -4.21
CA TRP K 36 9.04 -24.67 -4.10
C TRP K 36 8.90 -25.08 -2.64
N ILE K 37 7.75 -24.76 -2.05
CA ILE K 37 7.49 -25.08 -0.63
C ILE K 37 6.18 -25.83 -0.47
N ARG K 38 6.22 -27.00 0.16
CA ARG K 38 5.02 -27.82 0.30
C ARG K 38 4.48 -27.80 1.72
N GLN K 39 3.15 -27.80 1.83
CA GLN K 39 2.48 -27.88 3.10
C GLN K 39 1.45 -29.01 3.08
N THR K 40 1.60 -29.95 4.01
CA THR K 40 0.59 -31.00 4.15
C THR K 40 -0.52 -30.36 4.99
N PRO K 41 -1.79 -30.62 4.65
CA PRO K 41 -2.88 -29.97 5.40
C PRO K 41 -2.86 -30.32 6.88
N GLY K 42 -2.55 -29.34 7.72
CA GLY K 42 -2.50 -29.56 9.15
C GLY K 42 -1.15 -29.98 9.70
N LYS K 43 -0.29 -30.52 8.85
CA LYS K 43 1.02 -30.99 9.32
C LYS K 43 2.23 -30.05 9.17
N GLY K 44 2.04 -28.76 8.96
CA GLY K 44 3.21 -27.90 8.92
C GLY K 44 3.75 -27.53 7.55
N LEU K 45 4.63 -26.52 7.52
CA LEU K 45 5.19 -26.01 6.27
C LEU K 45 6.64 -26.47 6.08
N GLU K 46 6.92 -27.04 4.91
CA GLU K 46 8.24 -27.54 4.58
C GLU K 46 8.76 -27.03 3.23
N TRP K 47 9.99 -26.52 3.23
CA TRP K 47 10.63 -25.99 2.02
C TRP K 47 11.31 -27.14 1.27
N VAL K 48 10.95 -27.35 0.01
CA VAL K 48 11.53 -28.48 -0.74
C VAL K 48 12.63 -28.08 -1.74
N ALA K 49 12.54 -26.90 -2.35
CA ALA K 49 13.54 -26.58 -3.37
C ALA K 49 13.80 -25.09 -3.59
N TYR K 50 14.98 -24.79 -4.12
CA TYR K 50 15.37 -23.42 -4.43
C TYR K 50 16.16 -23.37 -5.74
N ILE K 51 15.78 -22.41 -6.57
CA ILE K 51 16.45 -22.13 -7.83
C ILE K 51 16.66 -20.63 -8.01
N GLY K 52 17.84 -20.26 -8.49
CA GLY K 52 18.16 -18.88 -8.76
C GLY K 52 17.62 -18.40 -10.10
N SER K 53 17.70 -17.09 -10.34
CA SER K 53 17.26 -16.52 -11.61
C SER K 53 18.07 -17.18 -12.70
N THR K 54 19.37 -16.93 -12.71
CA THR K 54 20.28 -17.69 -13.55
C THR K 54 20.38 -19.06 -12.88
N SER K 55 20.37 -20.14 -13.66
CA SER K 55 20.40 -21.46 -13.03
C SER K 55 21.82 -21.92 -12.70
N SER K 56 22.50 -21.16 -11.85
CA SER K 56 23.83 -21.52 -11.39
C SER K 56 23.78 -22.20 -10.02
N HIS K 57 22.98 -21.62 -9.13
CA HIS K 57 22.88 -22.12 -7.76
C HIS K 57 21.51 -22.77 -7.52
N ILE K 58 21.48 -24.09 -7.39
CA ILE K 58 20.23 -24.79 -7.12
C ILE K 58 20.37 -25.70 -5.90
N TYR K 59 19.47 -25.55 -4.93
CA TYR K 59 19.58 -26.31 -3.69
C TYR K 59 18.29 -27.04 -3.32
N TYR K 60 18.41 -28.26 -2.83
CA TYR K 60 17.22 -29.05 -2.47
C TYR K 60 17.26 -29.44 -1.00
N ALA K 61 16.07 -29.70 -0.45
CA ALA K 61 15.94 -30.17 0.92
C ALA K 61 16.23 -31.66 0.98
N GLU K 62 16.46 -32.18 2.19
CA GLU K 62 16.76 -33.63 2.38
C GLU K 62 15.48 -34.46 2.21
N THR K 63 15.67 -35.76 1.92
CA THR K 63 14.61 -36.78 1.69
C THR K 63 13.90 -36.55 0.35
N VAL K 64 14.03 -35.34 -0.22
CA VAL K 64 13.41 -35.03 -1.54
C VAL K 64 14.50 -34.60 -2.54
N LYS K 65 15.75 -34.52 -2.07
CA LYS K 65 16.89 -34.01 -2.87
C LYS K 65 17.19 -34.86 -4.12
N GLY K 66 17.17 -36.19 -4.02
CA GLY K 66 17.52 -37.01 -5.18
C GLY K 66 16.35 -37.44 -6.04
N ARG K 67 15.12 -37.12 -5.63
CA ARG K 67 13.92 -37.57 -6.39
C ARG K 67 13.37 -36.44 -7.27
N PHE K 68 13.38 -35.21 -6.76
CA PHE K 68 12.81 -34.09 -7.50
C PHE K 68 13.85 -33.29 -8.27
N THR K 69 13.43 -32.68 -9.37
CA THR K 69 14.30 -31.79 -10.13
C THR K 69 13.60 -30.46 -10.37
N ILE K 70 14.25 -29.35 -10.01
CA ILE K 70 13.64 -28.03 -10.18
C ILE K 70 14.38 -27.22 -11.24
N SER K 71 13.62 -26.68 -12.19
CA SER K 71 14.19 -25.88 -13.28
C SER K 71 13.28 -24.69 -13.56
N ARG K 72 13.79 -23.70 -14.30
CA ARG K 72 12.96 -22.55 -14.67
C ARG K 72 13.27 -22.03 -16.07
N ASP K 73 12.27 -21.44 -16.69
CA ASP K 73 12.42 -20.81 -17.99
C ASP K 73 12.07 -19.33 -17.84
N ASN K 74 13.06 -18.47 -18.03
CA ASN K 74 12.85 -17.03 -17.92
C ASN K 74 11.91 -16.54 -19.03
N ALA K 75 12.10 -17.09 -20.22
CA ALA K 75 11.18 -16.80 -21.32
C ALA K 75 9.83 -17.43 -20.97
N LYS K 76 8.77 -16.64 -21.12
CA LYS K 76 7.40 -17.02 -20.76
C LYS K 76 7.21 -17.05 -19.23
N ASN K 77 8.29 -16.72 -18.51
CA ASN K 77 8.27 -16.59 -17.06
C ASN K 77 7.68 -17.78 -16.30
N THR K 78 8.17 -18.98 -16.57
CA THR K 78 7.58 -20.17 -15.96
C THR K 78 8.54 -21.01 -15.11
N LEU K 79 8.08 -21.41 -13.93
CA LEU K 79 8.89 -22.23 -13.01
C LEU K 79 8.38 -23.68 -12.99
N TYR K 80 9.30 -24.63 -13.17
CA TYR K 80 8.93 -26.04 -13.28
C TYR K 80 9.53 -26.90 -12.18
N LEU K 81 8.70 -27.73 -11.55
CA LEU K 81 9.18 -28.73 -10.60
C LEU K 81 8.74 -30.12 -11.02
N GLN K 82 9.69 -31.00 -11.37
CA GLN K 82 9.31 -32.33 -11.84
C GLN K 82 9.68 -33.39 -10.82
N MET K 83 8.66 -34.16 -10.42
CA MET K 83 8.84 -35.22 -9.44
C MET K 83 8.78 -36.59 -10.12
N THR K 84 9.94 -37.25 -10.21
CA THR K 84 10.06 -38.56 -10.81
C THR K 84 9.54 -39.67 -9.90
N GLY K 85 9.95 -39.66 -8.64
CA GLY K 85 9.56 -40.68 -7.71
C GLY K 85 8.64 -40.12 -6.64
N LEU K 86 7.48 -40.75 -6.49
CA LEU K 86 6.45 -40.27 -5.57
C LEU K 86 6.09 -41.29 -4.51
N ARG K 87 5.90 -40.82 -3.28
CA ARG K 87 5.52 -41.69 -2.16
C ARG K 87 4.22 -41.20 -1.54
N SER K 88 3.57 -42.04 -0.75
CA SER K 88 2.29 -41.67 -0.15
C SER K 88 2.39 -40.50 0.82
N GLU K 89 3.49 -40.42 1.55
CA GLU K 89 3.67 -39.36 2.54
C GLU K 89 3.93 -37.95 1.97
N ASP K 90 4.55 -37.85 0.80
CA ASP K 90 4.90 -36.54 0.23
C ASP K 90 3.69 -35.74 -0.28
N THR K 91 2.55 -36.41 -0.47
CA THR K 91 1.34 -35.79 -0.99
C THR K 91 0.95 -34.55 -0.19
N ALA K 92 0.90 -33.41 -0.86
CA ALA K 92 0.68 -32.15 -0.16
C ALA K 92 0.35 -31.00 -1.11
N LEU K 93 0.08 -29.84 -0.52
CA LEU K 93 -0.16 -28.62 -1.28
C LEU K 93 1.18 -28.00 -1.64
N TYR K 94 1.47 -27.92 -2.93
CA TYR K 94 2.75 -27.38 -3.37
C TYR K 94 2.61 -25.93 -3.78
N TYR K 95 3.45 -25.09 -3.18
CA TYR K 95 3.44 -23.65 -3.38
C TYR K 95 4.63 -23.17 -4.19
N CYS K 96 4.33 -22.35 -5.19
CA CYS K 96 5.33 -21.61 -5.95
C CYS K 96 5.67 -20.35 -5.20
N VAL K 97 6.91 -20.23 -4.74
CA VAL K 97 7.30 -19.18 -3.81
C VAL K 97 8.32 -18.23 -4.39
N GLY K 98 8.20 -16.95 -4.05
CA GLY K 98 9.13 -15.94 -4.51
C GLY K 98 10.06 -15.44 -3.43
N HIS K 99 11.07 -14.68 -3.84
CA HIS K 99 11.99 -14.04 -2.90
C HIS K 99 11.79 -12.54 -2.95
N VAL K 100 12.53 -11.83 -2.12
CA VAL K 100 12.41 -10.38 -2.04
C VAL K 100 13.53 -9.63 -2.71
N ARG K 101 13.39 -8.31 -2.73
CA ARG K 101 14.39 -7.46 -3.32
C ARG K 101 15.05 -6.71 -2.18
N LYS K 102 14.22 -6.29 -1.25
CA LYS K 102 14.68 -5.60 -0.04
C LYS K 102 15.26 -6.64 0.91
N LEU K 103 16.37 -6.27 1.56
CA LEU K 103 17.06 -7.13 2.51
C LEU K 103 17.44 -8.39 1.72
N GLY K 104 17.19 -9.63 2.17
CA GLY K 104 17.52 -10.80 1.33
C GLY K 104 17.35 -12.15 2.00
N ALA K 105 17.20 -13.19 1.17
CA ALA K 105 17.13 -14.63 1.52
C ALA K 105 15.81 -15.02 2.20
N PHE K 106 14.80 -14.15 2.21
CA PHE K 106 13.52 -14.53 2.86
C PHE K 106 12.40 -14.51 1.82
N PHE K 107 11.40 -15.39 1.99
CA PHE K 107 10.29 -15.47 1.05
C PHE K 107 9.30 -14.35 1.36
N ASP K 108 8.51 -13.95 0.37
CA ASP K 108 7.49 -12.95 0.62
C ASP K 108 6.12 -13.37 0.13
N TYR K 109 6.05 -13.84 -1.11
CA TYR K 109 4.75 -14.21 -1.67
C TYR K 109 4.73 -15.53 -2.44
N TRP K 110 3.68 -16.31 -2.21
CA TRP K 110 3.43 -17.52 -2.97
C TRP K 110 1.94 -17.60 -3.30
N GLY K 111 1.62 -18.26 -4.40
CA GLY K 111 0.24 -18.38 -4.85
C GLY K 111 -0.61 -19.27 -3.97
N GLN K 112 -1.86 -19.48 -4.39
CA GLN K 112 -2.82 -20.27 -3.63
C GLN K 112 -2.35 -21.69 -3.33
N GLY K 113 -1.62 -22.30 -4.26
CA GLY K 113 -1.10 -23.63 -4.02
C GLY K 113 -1.83 -24.72 -4.78
N ALA K 114 -1.07 -25.64 -5.35
CA ALA K 114 -1.68 -26.76 -6.07
C ALA K 114 -1.33 -28.07 -5.38
N MET K 115 -2.36 -28.78 -4.92
CA MET K 115 -2.16 -30.00 -4.14
C MET K 115 -2.04 -31.25 -5.01
N VAL K 116 -0.98 -32.01 -4.78
CA VAL K 116 -0.85 -33.30 -5.43
C VAL K 116 -1.11 -34.42 -4.42
N THR K 117 -1.90 -35.40 -4.87
CA THR K 117 -2.29 -36.56 -4.09
C THR K 117 -1.95 -37.84 -4.84
N VAL K 118 -0.97 -38.59 -4.35
CA VAL K 118 -0.63 -39.86 -4.99
C VAL K 118 -1.37 -41.00 -4.29
N SER K 119 -2.01 -41.84 -5.10
CA SER K 119 -2.79 -42.96 -4.59
C SER K 119 -3.08 -43.93 -5.72
N SER K 120 -3.10 -45.23 -5.40
CA SER K 120 -3.38 -46.24 -6.41
C SER K 120 -4.83 -46.16 -6.86
N ALA K 121 -5.69 -45.58 -6.01
CA ALA K 121 -7.10 -45.42 -6.31
C ALA K 121 -7.34 -44.45 -7.46
N SER K 122 -8.48 -44.60 -8.12
CA SER K 122 -8.84 -43.76 -9.26
C SER K 122 -9.69 -42.57 -8.83
N THR K 123 -9.74 -41.55 -9.68
CA THR K 123 -10.50 -40.34 -9.41
C THR K 123 -12.01 -40.60 -9.48
N LYS K 124 -12.77 -39.86 -8.68
CA LYS K 124 -14.22 -40.02 -8.66
C LYS K 124 -14.93 -38.66 -8.67
N GLY K 125 -15.92 -38.54 -9.56
CA GLY K 125 -16.66 -37.30 -9.71
C GLY K 125 -17.63 -37.03 -8.57
N PRO K 126 -17.85 -35.75 -8.25
CA PRO K 126 -18.74 -35.33 -7.17
C PRO K 126 -20.22 -35.35 -7.54
N SER K 127 -21.08 -35.59 -6.56
CA SER K 127 -22.52 -35.52 -6.77
C SER K 127 -23.10 -34.33 -6.00
N VAL K 128 -23.86 -33.48 -6.69
CA VAL K 128 -24.42 -32.28 -6.08
C VAL K 128 -25.92 -32.40 -5.81
N PHE K 129 -26.32 -32.14 -4.57
CA PHE K 129 -27.74 -32.21 -4.21
C PHE K 129 -28.21 -30.96 -3.46
N PRO K 130 -29.35 -30.41 -3.88
CA PRO K 130 -29.88 -29.13 -3.37
C PRO K 130 -30.39 -29.19 -1.93
N LEU K 131 -30.05 -28.15 -1.16
CA LEU K 131 -30.58 -27.97 0.19
C LEU K 131 -31.63 -26.85 0.19
N ALA K 132 -32.87 -27.22 -0.05
CA ALA K 132 -33.98 -26.26 -0.20
C ALA K 132 -34.45 -25.70 1.13
N PRO K 133 -34.81 -24.40 1.15
CA PRO K 133 -35.30 -23.73 2.35
C PRO K 133 -36.80 -23.92 2.58
N SER K 134 -37.15 -24.42 3.77
CA SER K 134 -38.55 -24.58 4.17
C SER K 134 -39.32 -25.48 3.23
N GLY K 140 -39.31 -18.18 8.80
CA GLY K 140 -38.81 -17.05 9.55
C GLY K 140 -38.48 -15.86 8.66
N GLY K 141 -37.91 -14.82 9.26
CA GLY K 141 -37.52 -13.63 8.52
C GLY K 141 -36.36 -13.88 7.59
N THR K 142 -35.40 -14.67 8.04
CA THR K 142 -34.25 -15.04 7.21
C THR K 142 -34.14 -16.55 7.06
N ALA K 143 -33.96 -17.01 5.82
CA ALA K 143 -33.87 -18.45 5.55
C ALA K 143 -32.47 -18.84 5.11
N ALA K 144 -32.25 -20.14 4.94
CA ALA K 144 -30.96 -20.65 4.50
C ALA K 144 -31.12 -21.76 3.47
N LEU K 145 -30.22 -21.79 2.49
CA LEU K 145 -30.25 -22.81 1.45
C LEU K 145 -28.81 -23.25 1.15
N GLY K 146 -28.64 -24.40 0.51
CA GLY K 146 -27.29 -24.88 0.25
C GLY K 146 -27.12 -25.93 -0.83
N CYS K 147 -25.93 -26.53 -0.84
CA CYS K 147 -25.57 -27.58 -1.79
C CYS K 147 -24.72 -28.66 -1.11
N LEU K 148 -24.95 -29.90 -1.49
CA LEU K 148 -24.21 -31.02 -0.93
C LEU K 148 -23.35 -31.70 -1.98
N VAL K 149 -22.03 -31.75 -1.73
CA VAL K 149 -21.11 -32.45 -2.61
C VAL K 149 -20.77 -33.77 -1.96
N LYS K 150 -21.02 -34.88 -2.65
CA LYS K 150 -20.82 -36.18 -2.01
C LYS K 150 -20.10 -37.16 -2.94
N ASP K 151 -19.36 -38.09 -2.34
CA ASP K 151 -18.68 -39.15 -3.08
C ASP K 151 -17.69 -38.61 -4.11
N TYR K 152 -16.78 -37.75 -3.66
CA TYR K 152 -15.76 -37.23 -4.56
C TYR K 152 -14.37 -37.52 -4.02
N PHE K 153 -13.47 -37.95 -4.91
CA PHE K 153 -12.09 -38.21 -4.54
C PHE K 153 -11.19 -37.91 -5.74
N PRO K 154 -10.03 -37.28 -5.50
CA PRO K 154 -9.57 -36.76 -4.21
C PRO K 154 -9.93 -35.30 -4.02
N GLU K 155 -9.45 -34.73 -2.92
CA GLU K 155 -9.62 -33.31 -2.64
C GLU K 155 -8.68 -32.50 -3.54
N PRO K 156 -9.02 -31.22 -3.80
CA PRO K 156 -10.18 -30.48 -3.31
C PRO K 156 -11.23 -30.15 -4.36
N VAL K 157 -12.37 -29.65 -3.90
CA VAL K 157 -13.42 -29.13 -4.78
C VAL K 157 -13.68 -27.66 -4.48
N THR K 158 -13.79 -26.86 -5.51
CA THR K 158 -14.05 -25.43 -5.34
C THR K 158 -15.53 -25.13 -5.50
N VAL K 159 -16.14 -24.53 -4.48
CA VAL K 159 -17.55 -24.21 -4.48
C VAL K 159 -17.80 -22.71 -4.35
N SER K 160 -18.61 -22.17 -5.27
CA SER K 160 -18.96 -20.75 -5.22
C SER K 160 -20.46 -20.58 -5.42
N TRP K 161 -20.96 -19.37 -5.22
CA TRP K 161 -22.40 -19.12 -5.38
C TRP K 161 -22.67 -18.01 -6.39
N ASN K 162 -23.54 -18.29 -7.35
CA ASN K 162 -23.90 -17.33 -8.40
C ASN K 162 -22.67 -16.79 -9.12
N SER K 163 -21.72 -17.68 -9.39
CA SER K 163 -20.47 -17.36 -10.07
C SER K 163 -19.66 -16.29 -9.34
N GLY K 164 -19.73 -16.29 -8.01
CA GLY K 164 -18.95 -15.39 -7.19
C GLY K 164 -19.64 -14.09 -6.83
N ALA K 165 -20.87 -13.92 -7.31
CA ALA K 165 -21.65 -12.72 -7.02
C ALA K 165 -22.06 -12.68 -5.55
N LEU K 166 -22.33 -13.87 -5.00
CA LEU K 166 -22.74 -14.01 -3.61
C LEU K 166 -21.58 -14.53 -2.75
N THR K 167 -21.06 -13.66 -1.88
CA THR K 167 -19.92 -14.03 -1.04
C THR K 167 -20.20 -13.81 0.45
N SER K 168 -21.32 -13.17 0.76
CA SER K 168 -21.63 -12.83 2.14
C SER K 168 -22.67 -13.78 2.73
N GLY K 169 -22.40 -14.27 3.92
CA GLY K 169 -23.29 -15.21 4.59
C GLY K 169 -23.06 -16.63 4.11
N VAL K 170 -22.00 -16.82 3.32
CA VAL K 170 -21.66 -18.12 2.76
C VAL K 170 -20.68 -18.87 3.66
N HIS K 171 -21.03 -20.09 4.02
CA HIS K 171 -20.17 -20.95 4.82
C HIS K 171 -19.90 -22.26 4.08
N THR K 172 -18.64 -22.50 3.73
CA THR K 172 -18.26 -23.76 3.10
C THR K 172 -17.57 -24.66 4.12
N PHE K 173 -18.28 -25.70 4.55
CA PHE K 173 -17.77 -26.60 5.58
C PHE K 173 -16.60 -27.45 5.08
N PRO K 174 -15.63 -27.74 5.95
CA PRO K 174 -14.52 -28.61 5.57
C PRO K 174 -15.01 -30.01 5.20
N ALA K 175 -14.42 -30.59 4.18
CA ALA K 175 -14.81 -31.92 3.72
C ALA K 175 -14.57 -32.99 4.78
N VAL K 176 -15.55 -33.86 4.97
CA VAL K 176 -15.43 -34.95 5.93
C VAL K 176 -15.23 -36.26 5.16
N LEU K 177 -14.46 -37.17 5.73
CA LEU K 177 -14.13 -38.42 5.06
C LEU K 177 -15.15 -39.49 5.46
N GLN K 178 -15.85 -40.03 4.48
CA GLN K 178 -16.91 -41.02 4.71
C GLN K 178 -16.38 -42.44 4.86
N SER K 179 -17.26 -43.36 5.27
CA SER K 179 -16.90 -44.74 5.48
C SER K 179 -16.48 -45.42 4.17
N SER K 180 -17.05 -44.94 3.07
CA SER K 180 -16.73 -45.47 1.74
C SER K 180 -15.32 -45.08 1.29
N GLY K 181 -14.72 -44.12 1.98
CA GLY K 181 -13.39 -43.66 1.63
C GLY K 181 -13.46 -42.44 0.74
N LEU K 182 -14.68 -42.02 0.43
CA LEU K 182 -14.91 -40.88 -0.44
C LEU K 182 -15.21 -39.63 0.38
N TYR K 183 -14.81 -38.47 -0.14
CA TYR K 183 -15.05 -37.22 0.56
C TYR K 183 -16.47 -36.69 0.33
N SER K 184 -16.94 -35.87 1.27
CA SER K 184 -18.25 -35.23 1.19
C SER K 184 -18.26 -33.94 2.01
N LEU K 185 -18.81 -32.87 1.45
CA LEU K 185 -18.90 -31.59 2.15
C LEU K 185 -20.21 -30.87 1.88
N SER K 186 -20.55 -29.92 2.75
CA SER K 186 -21.76 -29.13 2.58
C SER K 186 -21.41 -27.65 2.48
N SER K 187 -22.02 -26.97 1.51
CA SER K 187 -21.83 -25.54 1.36
C SER K 187 -23.17 -24.84 1.58
N VAL K 188 -23.23 -23.95 2.56
CA VAL K 188 -24.50 -23.31 2.89
C VAL K 188 -24.42 -21.81 2.75
N VAL K 189 -25.57 -21.17 2.61
CA VAL K 189 -25.65 -19.72 2.54
C VAL K 189 -26.98 -19.27 3.15
N THR K 190 -26.92 -18.19 3.93
CA THR K 190 -28.11 -17.64 4.56
C THR K 190 -28.54 -16.35 3.85
N VAL K 191 -29.79 -16.30 3.41
CA VAL K 191 -30.32 -15.13 2.70
C VAL K 191 -31.70 -14.77 3.27
N PRO K 192 -32.11 -13.50 3.11
CA PRO K 192 -33.44 -13.13 3.62
C PRO K 192 -34.57 -13.87 2.90
N SER K 193 -35.65 -14.14 3.62
CA SER K 193 -36.80 -14.87 3.09
C SER K 193 -37.47 -14.11 1.95
N SER K 194 -37.44 -12.79 2.02
CA SER K 194 -38.05 -11.94 1.00
C SER K 194 -37.36 -12.12 -0.35
N SER K 195 -36.07 -12.43 -0.30
CA SER K 195 -35.26 -12.61 -1.51
C SER K 195 -35.72 -13.80 -2.34
N LEU K 196 -36.29 -14.81 -1.67
CA LEU K 196 -36.75 -16.02 -2.34
C LEU K 196 -37.87 -15.70 -3.33
N GLY K 197 -37.76 -16.22 -4.54
CA GLY K 197 -38.76 -15.98 -5.57
C GLY K 197 -38.47 -14.74 -6.39
N THR K 198 -37.50 -13.94 -5.95
CA THR K 198 -37.11 -12.74 -6.66
C THR K 198 -35.70 -12.89 -7.23
N GLN K 199 -34.85 -13.59 -6.48
CA GLN K 199 -33.46 -13.81 -6.89
C GLN K 199 -33.15 -15.30 -7.13
N THR K 200 -32.39 -15.57 -8.20
CA THR K 200 -31.97 -16.93 -8.55
C THR K 200 -30.66 -17.32 -7.86
N TYR K 201 -30.65 -18.46 -7.18
CA TYR K 201 -29.44 -18.93 -6.49
C TYR K 201 -28.87 -20.20 -7.10
N ILE K 202 -27.69 -20.10 -7.73
CA ILE K 202 -27.04 -21.27 -8.30
C ILE K 202 -25.64 -21.46 -7.71
N CYS K 203 -25.36 -22.66 -7.20
CA CYS K 203 -24.07 -23.01 -6.64
C CYS K 203 -23.22 -23.72 -7.69
N ASN K 204 -21.99 -23.24 -7.84
CA ASN K 204 -21.03 -23.78 -8.84
C ASN K 204 -20.00 -24.68 -8.13
N VAL K 205 -19.98 -25.96 -8.49
CA VAL K 205 -19.04 -26.91 -7.93
C VAL K 205 -18.04 -27.33 -9.01
N ASN K 206 -16.76 -27.31 -8.66
CA ASN K 206 -15.72 -27.69 -9.61
C ASN K 206 -14.72 -28.66 -9.01
N HIS K 207 -14.55 -29.79 -9.69
CA HIS K 207 -13.58 -30.80 -9.30
C HIS K 207 -12.63 -31.04 -10.47
N LYS K 208 -11.45 -30.45 -10.41
CA LYS K 208 -10.48 -30.53 -11.51
C LYS K 208 -9.92 -31.93 -11.80
N PRO K 209 -9.60 -32.73 -10.76
CA PRO K 209 -9.06 -34.05 -11.11
C PRO K 209 -10.04 -34.93 -11.88
N SER K 210 -11.34 -34.76 -11.66
CA SER K 210 -12.34 -35.53 -12.38
C SER K 210 -12.91 -34.72 -13.54
N ASN K 211 -12.45 -33.48 -13.66
CA ASN K 211 -12.94 -32.55 -14.68
C ASN K 211 -14.46 -32.42 -14.64
N THR K 212 -14.97 -32.03 -13.48
CA THR K 212 -16.41 -31.92 -13.28
C THR K 212 -16.83 -30.51 -12.89
N LYS K 213 -17.56 -29.85 -13.77
CA LYS K 213 -18.05 -28.51 -13.51
C LYS K 213 -19.57 -28.50 -13.53
N VAL K 214 -20.17 -28.39 -12.35
CA VAL K 214 -21.63 -28.43 -12.27
C VAL K 214 -22.16 -27.13 -11.71
N ASP K 215 -23.05 -26.49 -12.47
CA ASP K 215 -23.74 -25.31 -11.99
C ASP K 215 -25.17 -25.70 -11.68
N LYS K 216 -25.47 -25.81 -10.38
CA LYS K 216 -26.75 -26.35 -9.94
C LYS K 216 -27.58 -25.28 -9.24
N LYS K 217 -28.87 -25.23 -9.57
CA LYS K 217 -29.74 -24.18 -9.06
C LYS K 217 -30.55 -24.68 -7.87
N VAL K 218 -30.69 -23.86 -6.85
CA VAL K 218 -31.42 -24.29 -5.67
C VAL K 218 -32.72 -23.52 -5.58
N GLU K 219 -33.82 -24.25 -5.61
CA GLU K 219 -35.15 -23.69 -5.49
C GLU K 219 -35.89 -24.21 -4.27
N PRO K 220 -36.78 -23.39 -3.69
CA PRO K 220 -37.57 -23.84 -2.53
C PRO K 220 -38.52 -24.97 -2.90
N LYS K 221 -39.00 -24.96 -4.15
CA LYS K 221 -39.95 -25.96 -4.65
C LYS K 221 -41.17 -26.11 -3.75
N SER L 7 -14.00 -12.48 -44.78
CA SER L 7 -12.79 -12.34 -45.56
C SER L 7 -12.49 -10.86 -45.85
N GLY L 8 -12.14 -10.12 -44.80
CA GLY L 8 -11.80 -8.72 -44.94
C GLY L 8 -10.97 -8.21 -43.78
N GLY L 9 -9.82 -7.63 -44.09
CA GLY L 9 -8.92 -7.11 -43.07
C GLY L 9 -7.84 -6.21 -43.64
N GLY L 10 -7.15 -5.50 -42.76
CA GLY L 10 -6.09 -4.59 -43.16
C GLY L 10 -5.26 -4.11 -41.99
N LEU L 11 -4.48 -3.05 -42.22
CA LEU L 11 -3.64 -2.48 -41.18
C LEU L 11 -4.47 -1.80 -40.11
N VAL L 12 -4.07 -1.97 -38.85
CA VAL L 12 -4.76 -1.34 -37.72
C VAL L 12 -3.75 -0.83 -36.70
N GLN L 13 -4.13 0.19 -35.94
CA GLN L 13 -3.29 0.73 -34.88
C GLN L 13 -3.66 0.06 -33.55
N PRO L 14 -2.72 0.02 -32.60
CA PRO L 14 -2.95 -0.67 -31.32
C PRO L 14 -4.10 -0.06 -30.52
N GLY L 15 -4.94 -0.93 -29.95
CA GLY L 15 -6.07 -0.50 -29.14
C GLY L 15 -7.27 -0.10 -29.97
N ARG L 16 -7.39 -0.67 -31.16
CA ARG L 16 -8.48 -0.33 -32.07
C ARG L 16 -9.13 -1.56 -32.65
N SER L 17 -10.40 -1.42 -33.06
CA SER L 17 -11.21 -2.56 -33.44
C SER L 17 -11.23 -2.85 -34.94
N LEU L 18 -11.60 -4.07 -35.29
CA LEU L 18 -11.71 -4.48 -36.70
C LEU L 18 -12.60 -5.72 -36.84
N LYS L 19 -13.52 -5.68 -37.82
CA LYS L 19 -14.42 -6.79 -38.05
C LYS L 19 -14.01 -7.61 -39.28
N LEU L 20 -13.81 -8.91 -39.08
CA LEU L 20 -13.41 -9.80 -40.16
C LEU L 20 -14.61 -10.55 -40.73
N MET L 34 -16.37 -23.77 -37.68
CA MET L 34 -17.02 -23.34 -36.45
C MET L 34 -16.18 -22.29 -35.74
N ASN L 35 -14.89 -22.17 -36.11
CA ASN L 35 -14.04 -21.22 -35.40
C ASN L 35 -12.92 -20.62 -36.25
N TRP L 36 -12.14 -19.73 -35.62
CA TRP L 36 -11.04 -19.05 -36.27
C TRP L 36 -9.70 -19.53 -35.73
N ILE L 37 -8.72 -19.71 -36.62
CA ILE L 37 -7.38 -20.11 -36.21
C ILE L 37 -6.32 -19.24 -36.89
N ARG L 38 -5.62 -18.45 -36.08
CA ARG L 38 -4.62 -17.53 -36.63
C ARG L 38 -3.26 -18.21 -36.75
N GLN L 39 -2.38 -17.61 -37.52
CA GLN L 39 -1.08 -18.21 -37.82
C GLN L 39 0.02 -17.15 -37.98
N THR L 40 1.17 -17.41 -37.37
CA THR L 40 2.32 -16.53 -37.47
C THR L 40 3.57 -17.38 -37.62
N PRO L 41 4.51 -16.94 -38.49
CA PRO L 41 5.82 -17.58 -38.66
C PRO L 41 6.47 -17.96 -37.34
N GLY L 42 6.34 -17.09 -36.34
CA GLY L 42 6.73 -17.41 -34.98
C GLY L 42 5.53 -17.95 -34.23
N LYS L 43 5.76 -18.95 -33.39
CA LYS L 43 4.73 -19.59 -32.58
C LYS L 43 3.70 -20.38 -33.41
N GLY L 44 3.83 -20.34 -34.74
CA GLY L 44 3.05 -21.20 -35.61
C GLY L 44 1.54 -20.95 -35.59
N LEU L 45 0.78 -22.02 -35.38
CA LEU L 45 -0.68 -21.94 -35.41
C LEU L 45 -1.27 -21.79 -34.01
N GLU L 46 -2.22 -20.87 -33.88
CA GLU L 46 -2.86 -20.61 -32.60
C GLU L 46 -4.39 -20.51 -32.75
N TRP L 47 -5.10 -21.31 -31.96
CA TRP L 47 -6.56 -21.32 -31.99
C TRP L 47 -7.13 -20.27 -31.04
N VAL L 48 -8.12 -19.52 -31.50
CA VAL L 48 -8.74 -18.48 -30.69
C VAL L 48 -10.06 -18.93 -30.09
N GLY L 66 -11.51 -14.11 -23.50
CA GLY L 66 -10.85 -13.26 -24.49
C GLY L 66 -11.47 -11.89 -24.59
N ARG L 67 -11.05 -11.11 -25.57
CA ARG L 67 -11.56 -9.77 -25.78
C ARG L 67 -12.46 -9.69 -27.00
N PHE L 68 -12.27 -10.65 -27.92
CA PHE L 68 -12.97 -10.62 -29.20
C PHE L 68 -14.34 -11.29 -29.13
N THR L 69 -15.18 -10.98 -30.10
CA THR L 69 -16.50 -11.59 -30.20
C THR L 69 -16.72 -12.16 -31.60
N ILE L 70 -17.29 -13.36 -31.69
CA ILE L 70 -17.50 -14.01 -32.98
C ILE L 70 -18.89 -13.71 -33.52
N ASN L 77 -19.48 -18.78 -48.39
CA ASN L 77 -19.96 -18.50 -47.04
C ASN L 77 -18.85 -17.99 -46.13
N THR L 78 -19.18 -17.05 -45.26
CA THR L 78 -18.22 -16.51 -44.31
C THR L 78 -18.90 -16.03 -43.03
N LEU L 79 -18.15 -15.98 -41.94
CA LEU L 79 -18.70 -15.60 -40.64
C LEU L 79 -18.03 -14.35 -40.10
N TYR L 80 -18.73 -13.62 -39.23
CA TYR L 80 -18.22 -12.39 -38.64
C TYR L 80 -17.24 -12.67 -37.50
N LEU L 81 -16.30 -11.77 -37.30
CA LEU L 81 -15.36 -11.85 -36.17
C LEU L 81 -14.88 -10.46 -35.77
N GLN L 82 -15.51 -9.89 -34.76
CA GLN L 82 -15.12 -8.57 -34.28
C GLN L 82 -13.98 -8.67 -33.27
N MET L 83 -12.93 -7.89 -33.51
CA MET L 83 -11.78 -7.85 -32.62
C MET L 83 -11.64 -6.48 -32.00
N THR L 84 -11.48 -6.43 -30.69
CA THR L 84 -11.34 -5.17 -29.96
C THR L 84 -10.06 -5.14 -29.14
N GLY L 85 -9.48 -3.94 -28.99
CA GLY L 85 -8.26 -3.77 -28.24
C GLY L 85 -7.11 -4.55 -28.83
N LEU L 86 -6.96 -4.47 -30.14
CA LEU L 86 -5.93 -5.22 -30.86
C LEU L 86 -4.52 -4.85 -30.43
N ARG L 87 -3.65 -5.84 -30.39
CA ARG L 87 -2.26 -5.64 -29.99
C ARG L 87 -1.32 -6.23 -31.04
N SER L 88 -0.04 -5.87 -30.96
CA SER L 88 0.97 -6.41 -31.86
C SER L 88 1.07 -7.92 -31.72
N GLU L 89 0.63 -8.43 -30.58
CA GLU L 89 0.58 -9.85 -30.31
C GLU L 89 -0.47 -10.54 -31.17
N ASP L 90 -1.47 -9.77 -31.59
CA ASP L 90 -2.58 -10.30 -32.39
C ASP L 90 -2.31 -10.20 -33.88
N THR L 91 -1.22 -9.53 -34.25
CA THR L 91 -0.81 -9.42 -35.64
C THR L 91 -0.53 -10.80 -36.23
N ALA L 92 -1.41 -11.25 -37.12
CA ALA L 92 -1.32 -12.62 -37.63
C ALA L 92 -2.21 -12.89 -38.83
N LEU L 93 -2.13 -14.11 -39.35
CA LEU L 93 -2.95 -14.53 -40.48
C LEU L 93 -4.13 -15.38 -39.99
N TYR L 94 -5.31 -14.78 -39.93
CA TYR L 94 -6.48 -15.45 -39.37
C TYR L 94 -7.22 -16.30 -40.40
N TYR L 95 -7.39 -17.57 -40.07
CA TYR L 95 -8.14 -18.51 -40.92
C TYR L 95 -9.55 -18.71 -40.41
N CYS L 96 -10.51 -18.77 -41.33
CA CYS L 96 -11.86 -19.19 -40.99
C CYS L 96 -12.00 -20.69 -41.27
N VAL L 97 -12.13 -21.48 -40.21
CA VAL L 97 -12.11 -22.93 -40.37
C VAL L 97 -13.31 -23.62 -39.73
N GLY L 98 -13.86 -24.60 -40.44
CA GLY L 98 -15.01 -25.35 -40.00
C GLY L 98 -14.74 -26.82 -39.81
N HIS L 99 -15.70 -27.52 -39.18
CA HIS L 99 -15.55 -28.94 -38.91
C HIS L 99 -16.21 -29.79 -39.99
N PHE L 106 -13.46 -32.50 -35.33
CA PHE L 106 -12.22 -31.89 -35.80
C PHE L 106 -12.47 -31.05 -37.06
N PHE L 107 -11.51 -30.17 -37.36
CA PHE L 107 -11.64 -29.27 -38.51
C PHE L 107 -11.52 -30.03 -39.82
N ASP L 108 -11.87 -29.37 -40.92
CA ASP L 108 -11.81 -30.01 -42.23
C ASP L 108 -11.27 -29.09 -43.31
N TYR L 109 -12.00 -28.02 -43.60
CA TYR L 109 -11.61 -27.10 -44.66
C TYR L 109 -11.18 -25.74 -44.10
N TRP L 110 -10.09 -25.20 -44.64
CA TRP L 110 -9.58 -23.90 -44.21
C TRP L 110 -9.77 -22.87 -45.32
N GLY L 111 -9.97 -21.62 -44.91
CA GLY L 111 -10.15 -20.54 -45.86
C GLY L 111 -8.82 -20.10 -46.47
N GLN L 112 -8.86 -19.09 -47.32
CA GLN L 112 -7.65 -18.54 -47.93
C GLN L 112 -6.77 -17.87 -46.88
N GLY L 113 -7.40 -17.32 -45.86
CA GLY L 113 -6.69 -16.67 -44.77
C GLY L 113 -6.59 -15.17 -44.95
N ALA L 114 -6.97 -14.43 -43.91
CA ALA L 114 -6.91 -12.98 -43.94
C ALA L 114 -5.91 -12.46 -42.91
N MET L 115 -4.84 -11.83 -43.38
CA MET L 115 -3.78 -11.34 -42.51
C MET L 115 -4.05 -9.93 -42.02
N VAL L 116 -3.88 -9.71 -40.72
CA VAL L 116 -4.01 -8.38 -40.14
C VAL L 116 -2.75 -8.01 -39.36
N THR L 117 -2.33 -6.75 -39.52
CA THR L 117 -1.12 -6.26 -38.90
C THR L 117 -1.41 -5.08 -37.98
N VAL L 118 -1.08 -5.24 -36.69
CA VAL L 118 -1.30 -4.19 -35.71
C VAL L 118 -0.03 -3.36 -35.51
N SER L 119 0.04 -2.22 -36.19
CA SER L 119 1.20 -1.34 -36.09
C SER L 119 0.78 0.13 -36.04
N SER L 120 1.45 0.91 -35.19
CA SER L 120 1.12 2.31 -35.03
C SER L 120 1.53 3.13 -36.25
N ALA L 121 2.55 2.65 -36.96
CA ALA L 121 3.06 3.35 -38.14
C ALA L 121 2.04 3.34 -39.27
N SER L 122 2.20 4.25 -40.22
CA SER L 122 1.30 4.34 -41.37
C SER L 122 1.68 3.34 -42.45
N THR L 123 0.98 3.39 -43.57
CA THR L 123 1.29 2.53 -44.71
C THR L 123 2.24 3.25 -45.66
N LYS L 124 3.15 2.51 -46.27
CA LYS L 124 4.14 3.10 -47.17
C LYS L 124 4.10 2.46 -48.56
N GLY L 125 4.19 3.28 -49.59
CA GLY L 125 4.21 2.80 -50.95
C GLY L 125 5.55 2.23 -51.33
N PRO L 126 5.55 1.13 -52.11
CA PRO L 126 6.78 0.47 -52.55
C PRO L 126 7.49 1.21 -53.68
N SER L 127 8.81 1.17 -53.68
CA SER L 127 9.60 1.75 -54.76
C SER L 127 10.24 0.63 -55.57
N VAL L 128 9.86 0.54 -56.84
CA VAL L 128 10.34 -0.51 -57.72
C VAL L 128 11.49 -0.03 -58.62
N PHE L 129 12.66 -0.66 -58.46
CA PHE L 129 13.82 -0.33 -59.26
C PHE L 129 14.22 -1.50 -60.15
N PRO L 130 14.23 -1.29 -61.48
CA PRO L 130 14.50 -2.35 -62.44
C PRO L 130 15.96 -2.79 -62.47
N LEU L 131 16.19 -4.09 -62.46
CA LEU L 131 17.52 -4.64 -62.68
C LEU L 131 17.57 -5.29 -64.06
N ALA L 132 18.56 -4.87 -64.84
CA ALA L 132 18.73 -5.28 -66.23
C ALA L 132 19.82 -6.35 -66.36
N PRO L 133 19.72 -7.20 -67.40
CA PRO L 133 20.71 -8.27 -67.59
C PRO L 133 22.06 -7.76 -68.09
N SER L 134 23.12 -8.52 -67.81
CA SER L 134 24.47 -8.20 -68.25
C SER L 134 24.89 -6.78 -67.85
N ALA L 143 20.96 -15.62 -69.17
CA ALA L 143 21.05 -14.41 -68.34
C ALA L 143 19.79 -14.23 -67.49
N ALA L 144 19.80 -13.21 -66.64
CA ALA L 144 18.68 -12.94 -65.75
C ALA L 144 18.35 -11.45 -65.68
N LEU L 145 17.11 -11.15 -65.30
CA LEU L 145 16.65 -9.76 -65.17
C LEU L 145 15.44 -9.69 -64.25
N GLY L 146 14.96 -8.49 -63.97
CA GLY L 146 13.79 -8.38 -63.09
C GLY L 146 13.62 -7.08 -62.33
N CYS L 147 12.95 -7.17 -61.19
CA CYS L 147 12.61 -5.97 -60.41
C CYS L 147 13.07 -6.06 -58.96
N LEU L 148 13.31 -4.89 -58.37
CA LEU L 148 13.72 -4.77 -56.98
C LEU L 148 12.75 -3.88 -56.21
N VAL L 149 11.89 -4.50 -55.40
CA VAL L 149 10.94 -3.77 -54.58
C VAL L 149 11.59 -3.36 -53.26
N LYS L 150 11.43 -2.08 -52.87
CA LYS L 150 12.08 -1.64 -51.61
C LYS L 150 11.24 -0.56 -50.89
N ASP L 151 11.55 -0.35 -49.61
CA ASP L 151 10.93 0.70 -48.75
C ASP L 151 9.40 0.66 -48.74
N TYR L 152 8.80 -0.48 -48.38
CA TYR L 152 7.32 -0.56 -48.31
C TYR L 152 6.86 -1.10 -46.95
N PHE L 153 5.62 -0.77 -46.56
CA PHE L 153 4.96 -1.23 -45.32
C PHE L 153 3.44 -1.17 -45.54
N PRO L 154 2.59 -1.92 -44.81
CA PRO L 154 2.96 -3.18 -44.16
C PRO L 154 2.89 -4.37 -45.12
N GLU L 155 3.23 -5.58 -44.66
CA GLU L 155 3.22 -6.77 -45.57
C GLU L 155 1.78 -7.19 -45.87
N PRO L 156 1.46 -7.83 -47.02
CA PRO L 156 2.41 -8.37 -47.98
C PRO L 156 2.22 -7.78 -49.39
N VAL L 157 3.19 -7.99 -50.28
CA VAL L 157 3.14 -7.45 -51.69
C VAL L 157 2.90 -8.59 -52.70
N THR L 158 1.99 -8.38 -53.66
CA THR L 158 1.71 -9.37 -54.70
C THR L 158 2.40 -8.99 -56.01
N VAL L 159 3.04 -9.98 -56.63
CA VAL L 159 3.86 -9.75 -57.81
C VAL L 159 3.28 -10.42 -59.05
N SER L 160 3.20 -9.68 -60.15
CA SER L 160 2.80 -10.25 -61.43
C SER L 160 3.67 -9.71 -62.55
N TRP L 161 4.61 -10.52 -63.01
CA TRP L 161 5.59 -10.08 -64.00
C TRP L 161 5.05 -10.21 -65.43
N ASN L 162 4.11 -11.12 -65.63
CA ASN L 162 3.55 -11.34 -66.96
C ASN L 162 2.06 -11.68 -66.89
N SER L 163 1.35 -10.98 -66.02
CA SER L 163 -0.10 -11.17 -65.82
C SER L 163 -0.46 -12.63 -65.57
N GLY L 164 0.40 -13.34 -64.84
CA GLY L 164 0.16 -14.73 -64.51
C GLY L 164 0.28 -15.66 -65.71
N ALA L 165 1.26 -15.38 -66.57
CA ALA L 165 1.47 -16.20 -67.76
C ALA L 165 2.93 -16.64 -67.88
N LEU L 166 3.72 -16.35 -66.85
CA LEU L 166 5.13 -16.72 -66.82
C LEU L 166 5.56 -17.20 -65.44
N THR L 167 5.93 -18.48 -65.37
CA THR L 167 6.40 -19.07 -64.12
C THR L 167 7.72 -19.81 -64.32
N SER L 168 8.20 -19.81 -65.56
CA SER L 168 9.44 -20.49 -65.90
C SER L 168 10.66 -19.65 -65.54
N GLY L 169 11.40 -20.09 -64.53
CA GLY L 169 12.59 -19.39 -64.10
C GLY L 169 12.31 -18.19 -63.22
N VAL L 170 11.04 -18.03 -62.85
CA VAL L 170 10.63 -16.91 -62.01
C VAL L 170 10.92 -17.18 -60.54
N HIS L 171 11.69 -16.29 -59.92
CA HIS L 171 12.04 -16.40 -58.51
C HIS L 171 11.69 -15.14 -57.74
N THR L 172 10.74 -15.26 -56.81
CA THR L 172 10.36 -14.15 -55.95
C THR L 172 10.86 -14.38 -54.53
N PHE L 173 11.85 -13.59 -54.12
CA PHE L 173 12.47 -13.77 -52.81
C PHE L 173 11.59 -13.23 -51.68
N PRO L 174 11.64 -13.88 -50.51
CA PRO L 174 10.92 -13.43 -49.32
C PRO L 174 11.31 -12.02 -48.91
N ALA L 175 10.35 -11.27 -48.37
CA ALA L 175 10.60 -9.91 -47.94
C ALA L 175 11.57 -9.87 -46.76
N VAL L 176 12.73 -9.28 -46.97
CA VAL L 176 13.70 -9.12 -45.90
C VAL L 176 13.49 -7.78 -45.21
N LEU L 177 13.80 -7.72 -43.92
CA LEU L 177 13.56 -6.53 -43.13
C LEU L 177 14.87 -5.79 -42.84
N GLN L 178 15.00 -4.59 -43.39
CA GLN L 178 16.24 -3.82 -43.26
C GLN L 178 16.20 -2.88 -42.06
N SER L 179 17.31 -2.18 -41.83
CA SER L 179 17.46 -1.31 -40.67
C SER L 179 16.56 -0.07 -40.76
N SER L 180 16.08 0.23 -41.96
CA SER L 180 15.22 1.39 -42.17
C SER L 180 13.85 1.19 -41.56
N GLY L 181 13.53 -0.07 -41.21
CA GLY L 181 12.24 -0.40 -40.65
C GLY L 181 11.29 -0.90 -41.70
N LEU L 182 11.52 -0.49 -42.95
CA LEU L 182 10.67 -0.88 -44.07
C LEU L 182 11.13 -2.21 -44.66
N TYR L 183 10.23 -2.85 -45.42
CA TYR L 183 10.56 -4.11 -46.07
C TYR L 183 11.19 -3.86 -47.43
N SER L 184 11.81 -4.91 -48.00
CA SER L 184 12.42 -4.83 -49.32
C SER L 184 12.67 -6.21 -49.89
N LEU L 185 11.93 -6.58 -50.92
CA LEU L 185 12.10 -7.89 -51.56
C LEU L 185 12.67 -7.74 -52.97
N SER L 186 13.48 -8.73 -53.36
CA SER L 186 14.01 -8.77 -54.72
C SER L 186 13.27 -9.83 -55.52
N SER L 187 13.11 -9.60 -56.82
CA SER L 187 12.44 -10.57 -57.68
C SER L 187 13.11 -10.67 -59.04
N VAL L 188 13.55 -11.87 -59.38
CA VAL L 188 14.29 -12.10 -60.62
C VAL L 188 13.63 -13.16 -61.51
N VAL L 189 14.16 -13.29 -62.72
CA VAL L 189 13.68 -14.28 -63.68
C VAL L 189 14.75 -14.46 -64.75
N THR L 190 14.93 -15.69 -65.22
CA THR L 190 16.01 -16.00 -66.15
C THR L 190 15.52 -16.40 -67.53
N VAL L 191 16.26 -15.95 -68.54
CA VAL L 191 15.95 -16.22 -69.94
C VAL L 191 17.24 -16.48 -70.72
N PRO L 192 17.14 -17.18 -71.87
CA PRO L 192 18.33 -17.36 -72.72
C PRO L 192 18.97 -16.04 -73.11
N SER L 193 20.29 -16.02 -73.23
CA SER L 193 21.04 -14.79 -73.46
C SER L 193 20.75 -14.16 -74.82
N SER L 194 20.28 -14.97 -75.77
CA SER L 194 20.01 -14.48 -77.12
C SER L 194 18.57 -13.97 -77.25
N SER L 195 17.76 -14.23 -76.23
CA SER L 195 16.35 -13.83 -76.25
C SER L 195 16.16 -12.45 -75.62
N LEU L 196 17.15 -11.58 -75.79
CA LEU L 196 17.08 -10.24 -75.23
C LEU L 196 16.72 -9.22 -76.31
N GLY L 197 15.76 -8.35 -75.99
CA GLY L 197 15.32 -7.33 -76.92
C GLY L 197 14.13 -7.78 -77.75
N CYS L 203 6.57 -6.66 -65.71
CA CYS L 203 6.81 -6.68 -64.27
C CYS L 203 6.02 -5.61 -63.54
N ASN L 204 4.87 -5.99 -62.99
CA ASN L 204 4.07 -5.06 -62.20
C ASN L 204 3.83 -5.58 -60.79
N VAL L 205 4.03 -4.68 -59.82
CA VAL L 205 3.95 -5.00 -58.41
C VAL L 205 2.76 -4.31 -57.76
N ASN L 206 1.90 -5.09 -57.13
CA ASN L 206 0.72 -4.54 -56.47
C ASN L 206 0.85 -4.54 -54.95
N HIS L 207 0.57 -3.39 -54.37
CA HIS L 207 0.63 -3.16 -52.93
C HIS L 207 -0.74 -2.72 -52.42
N LYS L 208 -1.56 -3.70 -52.05
CA LYS L 208 -2.94 -3.42 -51.64
C LYS L 208 -3.09 -2.53 -50.39
N PRO L 209 -2.25 -2.71 -49.36
CA PRO L 209 -2.39 -1.81 -48.19
C PRO L 209 -2.19 -0.34 -48.52
N SER L 210 -1.25 -0.04 -49.42
CA SER L 210 -0.99 1.34 -49.81
C SER L 210 -1.78 1.70 -51.06
N ASN L 211 -2.47 0.71 -51.61
CA ASN L 211 -3.26 0.87 -52.84
C ASN L 211 -2.41 1.43 -53.99
N THR L 212 -1.28 0.79 -54.23
CA THR L 212 -0.37 1.21 -55.29
C THR L 212 0.07 0.03 -56.15
N LYS L 213 -0.32 0.05 -57.42
CA LYS L 213 0.02 -1.04 -58.33
C LYS L 213 0.83 -0.53 -59.53
N VAL L 214 2.00 0.03 -59.24
CA VAL L 214 2.89 0.53 -60.30
C VAL L 214 3.49 -0.62 -61.09
#